data_2OUM
# 
_entry.id   2OUM 
# 
_audit_conform.dict_name       mmcif_pdbx.dic 
_audit_conform.dict_version    5.389 
_audit_conform.dict_location   http://mmcif.pdb.org/dictionaries/ascii/mmcif_pdbx.dic 
# 
loop_
_database_2.database_id 
_database_2.database_code 
_database_2.pdbx_database_accession 
_database_2.pdbx_DOI 
PDB   2OUM         pdb_00002oum 10.2210/pdb2oum/pdb 
RCSB  RCSB041605   ?            ?                   
WWPDB D_1000041605 ?            ?                   
# 
loop_
_pdbx_audit_revision_history.ordinal 
_pdbx_audit_revision_history.data_content_type 
_pdbx_audit_revision_history.major_revision 
_pdbx_audit_revision_history.minor_revision 
_pdbx_audit_revision_history.revision_date 
1 'Structure model' 1 0 2008-02-26 
2 'Structure model' 1 1 2011-07-13 
3 'Structure model' 1 2 2017-08-02 
4 'Structure model' 1 3 2024-02-21 
5 'Structure model' 1 4 2024-04-03 
# 
_pdbx_audit_revision_details.ordinal             1 
_pdbx_audit_revision_details.revision_ordinal    1 
_pdbx_audit_revision_details.data_content_type   'Structure model' 
_pdbx_audit_revision_details.provider            repository 
_pdbx_audit_revision_details.type                'Initial release' 
_pdbx_audit_revision_details.description         ? 
_pdbx_audit_revision_details.details             ? 
# 
loop_
_pdbx_audit_revision_group.ordinal 
_pdbx_audit_revision_group.revision_ordinal 
_pdbx_audit_revision_group.data_content_type 
_pdbx_audit_revision_group.group 
1 2 'Structure model' 'Version format compliance' 
2 3 'Structure model' 'Source and taxonomy'       
3 4 'Structure model' 'Data collection'           
4 4 'Structure model' 'Database references'       
5 5 'Structure model' 'Refinement description'    
# 
loop_
_pdbx_audit_revision_category.ordinal 
_pdbx_audit_revision_category.revision_ordinal 
_pdbx_audit_revision_category.data_content_type 
_pdbx_audit_revision_category.category 
1 3 'Structure model' entity_src_gen                
2 4 'Structure model' chem_comp_atom                
3 4 'Structure model' chem_comp_bond                
4 4 'Structure model' database_2                    
5 5 'Structure model' pdbx_initial_refinement_model 
# 
loop_
_pdbx_audit_revision_item.ordinal 
_pdbx_audit_revision_item.revision_ordinal 
_pdbx_audit_revision_item.data_content_type 
_pdbx_audit_revision_item.item 
1 4 'Structure model' '_database_2.pdbx_DOI'                
2 4 'Structure model' '_database_2.pdbx_database_accession' 
# 
_pdbx_database_status.status_code                     REL 
_pdbx_database_status.entry_id                        2OUM 
_pdbx_database_status.recvd_initial_deposition_date   2007-02-12 
_pdbx_database_status.deposit_site                    RCSB 
_pdbx_database_status.process_site                    RCSB 
_pdbx_database_status.status_code_sf                  REL 
_pdbx_database_status.status_code_mr                  ? 
_pdbx_database_status.SG_entry                        ? 
_pdbx_database_status.pdb_format_compatible           Y 
_pdbx_database_status.status_code_cs                  ? 
_pdbx_database_status.methods_development_category    ? 
_pdbx_database_status.status_code_nmr_data            ? 
# 
loop_
_pdbx_database_related.db_name 
_pdbx_database_related.db_id 
_pdbx_database_related.details 
_pdbx_database_related.content_type 
PDB 1I2A 'L1 from METHANOCOCCUS JANNASCHII'                 unspecified 
PDB 1MZP 'STRUCTURE OF THE L1 PROTUBERANCE IN THE RIBOSOME' unspecified 
PDB 1U63 'L1-MRNA COMPLEX from METHANOCOCCUS JANNASCHII'    unspecified 
PDB 1AD2 'L1 MUTANT WITH SERINE 179 REPLACED BY CYSTEINE'   unspecified 
PDB 1ZHO 'L1 in complex with mRNA at 2.6 resolution'        unspecified 
PDB 2HW8 'L1-mRNA complex at 2.1 resolution'                unspecified 
PDB 2OV7 .                                                  unspecified 
# 
loop_
_audit_author.name 
_audit_author.pdbx_ordinal 
'Kljashtorny, V.' 1 
'Tishchenko, S.'  2 
'Nevskaya, N.'    3 
'Nikonov, S.'     4 
'Davydova, N.'    5 
'Garber, M.'      6 
# 
_citation.id                        primary 
_citation.title                     'Domain I of ribosomal protein L1 is sufficient for specific RNA binding.' 
_citation.journal_abbrev            'Nucleic Acids Res.' 
_citation.journal_volume            35 
_citation.page_first                7389 
_citation.page_last                 7395 
_citation.year                      2007 
_citation.journal_id_ASTM           NARHAD 
_citation.country                   UK 
_citation.journal_id_ISSN           0305-1048 
_citation.journal_id_CSD            0389 
_citation.book_publisher            ? 
_citation.pdbx_database_id_PubMed   17962298 
_citation.pdbx_database_id_DOI      10.1093/nar/gkm898 
# 
loop_
_citation_author.citation_id 
_citation_author.name 
_citation_author.ordinal 
_citation_author.identifier_ORCID 
primary 'Tishchenko, S.'  1  ? 
primary 'Nikonova, E.'    2  ? 
primary 'Kljashtorny, V.' 3  ? 
primary 'Kostareva, O.'   4  ? 
primary 'Nevskaya, N.'    5  ? 
primary 'Piendl, W.'      6  ? 
primary 'Davydova, N.'    7  ? 
primary 'Streltsov, V.'   8  ? 
primary 'Garber, M.'      9  ? 
primary 'Nikonov, S.'     10 ? 
# 
loop_
_entity.id 
_entity.type 
_entity.src_method 
_entity.pdbx_description 
_entity.formula_weight 
_entity.pdbx_number_of_molecules 
_entity.pdbx_ec 
_entity.pdbx_mutation 
_entity.pdbx_fragment 
_entity.details 
1 polymer man '50S ribosomal protein L1' 15171.353 1  ? ? ? ? 
2 water   nat water                      18.015    23 ? ? ? ? 
# 
_entity_poly.entity_id                      1 
_entity_poly.type                           'polypeptide(L)' 
_entity_poly.nstd_linkage                   no 
_entity_poly.nstd_monomer                   no 
_entity_poly.pdbx_seq_one_letter_code       
;PKHGKRYRALLEKVDPNKIYTIDEAAHLVKELATAKFDETVEVHAKLGIDPRRSDQNVRGTVSLPHGGRIEFRNDKTGAI
HAPVGKASFPPEKLADNIRAFIRALEAHKPEGAKGTFLRSVYVTTTMGPSVRINPHS
;
_entity_poly.pdbx_seq_one_letter_code_can   
;PKHGKRYRALLEKVDPNKIYTIDEAAHLVKELATAKFDETVEVHAKLGIDPRRSDQNVRGTVSLPHGGRIEFRNDKTGAI
HAPVGKASFPPEKLADNIRAFIRALEAHKPEGAKGTFLRSVYVTTTMGPSVRINPHS
;
_entity_poly.pdbx_strand_id                 A 
_entity_poly.pdbx_target_identifier         ? 
# 
_pdbx_entity_nonpoly.entity_id   2 
_pdbx_entity_nonpoly.name        water 
_pdbx_entity_nonpoly.comp_id     HOH 
# 
loop_
_entity_poly_seq.entity_id 
_entity_poly_seq.num 
_entity_poly_seq.mon_id 
_entity_poly_seq.hetero 
1 1   PRO n 
1 2   LYS n 
1 3   HIS n 
1 4   GLY n 
1 5   LYS n 
1 6   ARG n 
1 7   TYR n 
1 8   ARG n 
1 9   ALA n 
1 10  LEU n 
1 11  LEU n 
1 12  GLU n 
1 13  LYS n 
1 14  VAL n 
1 15  ASP n 
1 16  PRO n 
1 17  ASN n 
1 18  LYS n 
1 19  ILE n 
1 20  TYR n 
1 21  THR n 
1 22  ILE n 
1 23  ASP n 
1 24  GLU n 
1 25  ALA n 
1 26  ALA n 
1 27  HIS n 
1 28  LEU n 
1 29  VAL n 
1 30  LYS n 
1 31  GLU n 
1 32  LEU n 
1 33  ALA n 
1 34  THR n 
1 35  ALA n 
1 36  LYS n 
1 37  PHE n 
1 38  ASP n 
1 39  GLU n 
1 40  THR n 
1 41  VAL n 
1 42  GLU n 
1 43  VAL n 
1 44  HIS n 
1 45  ALA n 
1 46  LYS n 
1 47  LEU n 
1 48  GLY n 
1 49  ILE n 
1 50  ASP n 
1 51  PRO n 
1 52  ARG n 
1 53  ARG n 
1 54  SER n 
1 55  ASP n 
1 56  GLN n 
1 57  ASN n 
1 58  VAL n 
1 59  ARG n 
1 60  GLY n 
1 61  THR n 
1 62  VAL n 
1 63  SER n 
1 64  LEU n 
1 65  PRO n 
1 66  HIS n 
1 67  GLY n 
1 68  GLY n 
1 69  ARG n 
1 70  ILE n 
1 71  GLU n 
1 72  PHE n 
1 73  ARG n 
1 74  ASN n 
1 75  ASP n 
1 76  LYS n 
1 77  THR n 
1 78  GLY n 
1 79  ALA n 
1 80  ILE n 
1 81  HIS n 
1 82  ALA n 
1 83  PRO n 
1 84  VAL n 
1 85  GLY n 
1 86  LYS n 
1 87  ALA n 
1 88  SER n 
1 89  PHE n 
1 90  PRO n 
1 91  PRO n 
1 92  GLU n 
1 93  LYS n 
1 94  LEU n 
1 95  ALA n 
1 96  ASP n 
1 97  ASN n 
1 98  ILE n 
1 99  ARG n 
1 100 ALA n 
1 101 PHE n 
1 102 ILE n 
1 103 ARG n 
1 104 ALA n 
1 105 LEU n 
1 106 GLU n 
1 107 ALA n 
1 108 HIS n 
1 109 LYS n 
1 110 PRO n 
1 111 GLU n 
1 112 GLY n 
1 113 ALA n 
1 114 LYS n 
1 115 GLY n 
1 116 THR n 
1 117 PHE n 
1 118 LEU n 
1 119 ARG n 
1 120 SER n 
1 121 VAL n 
1 122 TYR n 
1 123 VAL n 
1 124 THR n 
1 125 THR n 
1 126 THR n 
1 127 MET n 
1 128 GLY n 
1 129 PRO n 
1 130 SER n 
1 131 VAL n 
1 132 ARG n 
1 133 ILE n 
1 134 ASN n 
1 135 PRO n 
1 136 HIS n 
1 137 SER n 
# 
loop_
_entity_src_gen.entity_id 
_entity_src_gen.pdbx_src_id 
_entity_src_gen.pdbx_alt_source_flag 
_entity_src_gen.pdbx_seq_type 
_entity_src_gen.pdbx_beg_seq_num 
_entity_src_gen.pdbx_end_seq_num 
_entity_src_gen.gene_src_common_name 
_entity_src_gen.gene_src_genus 
_entity_src_gen.pdbx_gene_src_gene 
_entity_src_gen.gene_src_species 
_entity_src_gen.gene_src_strain 
_entity_src_gen.gene_src_tissue 
_entity_src_gen.gene_src_tissue_fraction 
_entity_src_gen.gene_src_details 
_entity_src_gen.pdbx_gene_src_fragment 
_entity_src_gen.pdbx_gene_src_scientific_name 
_entity_src_gen.pdbx_gene_src_ncbi_taxonomy_id 
_entity_src_gen.pdbx_gene_src_variant 
_entity_src_gen.pdbx_gene_src_cell_line 
_entity_src_gen.pdbx_gene_src_atcc 
_entity_src_gen.pdbx_gene_src_organ 
_entity_src_gen.pdbx_gene_src_organelle 
_entity_src_gen.pdbx_gene_src_cell 
_entity_src_gen.pdbx_gene_src_cellular_location 
_entity_src_gen.host_org_common_name 
_entity_src_gen.pdbx_host_org_scientific_name 
_entity_src_gen.pdbx_host_org_ncbi_taxonomy_id 
_entity_src_gen.host_org_genus 
_entity_src_gen.pdbx_host_org_gene 
_entity_src_gen.pdbx_host_org_organ 
_entity_src_gen.host_org_species 
_entity_src_gen.pdbx_host_org_tissue 
_entity_src_gen.pdbx_host_org_tissue_fraction 
_entity_src_gen.pdbx_host_org_strain 
_entity_src_gen.pdbx_host_org_variant 
_entity_src_gen.pdbx_host_org_cell_line 
_entity_src_gen.pdbx_host_org_atcc 
_entity_src_gen.pdbx_host_org_culture_collection 
_entity_src_gen.pdbx_host_org_cell 
_entity_src_gen.pdbx_host_org_organelle 
_entity_src_gen.pdbx_host_org_cellular_location 
_entity_src_gen.pdbx_host_org_vector_type 
_entity_src_gen.pdbx_host_org_vector 
_entity_src_gen.host_org_details 
_entity_src_gen.expression_system_id 
_entity_src_gen.plasmid_name 
_entity_src_gen.plasmid_details 
_entity_src_gen.pdbx_description 
1 1 sample ? 1  67  ? Thermus ? ? ? ? ? ? ? 'Thermus thermophilus' 274 ? ? ? ? ? ? ? ? 'Escherichia coli BL21(DE3)' 469008 
Escherichia ? ? 'Escherichia coli' ? ? 'BL21(DE3)' ? ? ? ? ? ? ? plasmid ? ? ? Pdom1TthL1.4 ? ? 
1 2 sample ? 68 137 ? Thermus ? ? ? ? ? ? ? 'Thermus thermophilus' 274 ? ? ? ? ? ? ? ? 'Escherichia coli BL21(DE3)' 469008 
Escherichia ? ? 'Escherichia coli' ? ? 'BL21(DE3)' ? ? ? ? ? ? ? plasmid ? ? ? Pdom1TthL1.4 ? ? 
# 
loop_
_chem_comp.id 
_chem_comp.type 
_chem_comp.mon_nstd_flag 
_chem_comp.name 
_chem_comp.pdbx_synonyms 
_chem_comp.formula 
_chem_comp.formula_weight 
ALA 'L-peptide linking' y ALANINE         ? 'C3 H7 N O2'     89.093  
ARG 'L-peptide linking' y ARGININE        ? 'C6 H15 N4 O2 1' 175.209 
ASN 'L-peptide linking' y ASPARAGINE      ? 'C4 H8 N2 O3'    132.118 
ASP 'L-peptide linking' y 'ASPARTIC ACID' ? 'C4 H7 N O4'     133.103 
GLN 'L-peptide linking' y GLUTAMINE       ? 'C5 H10 N2 O3'   146.144 
GLU 'L-peptide linking' y 'GLUTAMIC ACID' ? 'C5 H9 N O4'     147.129 
GLY 'peptide linking'   y GLYCINE         ? 'C2 H5 N O2'     75.067  
HIS 'L-peptide linking' y HISTIDINE       ? 'C6 H10 N3 O2 1' 156.162 
HOH non-polymer         . WATER           ? 'H2 O'           18.015  
ILE 'L-peptide linking' y ISOLEUCINE      ? 'C6 H13 N O2'    131.173 
LEU 'L-peptide linking' y LEUCINE         ? 'C6 H13 N O2'    131.173 
LYS 'L-peptide linking' y LYSINE          ? 'C6 H15 N2 O2 1' 147.195 
MET 'L-peptide linking' y METHIONINE      ? 'C5 H11 N O2 S'  149.211 
PHE 'L-peptide linking' y PHENYLALANINE   ? 'C9 H11 N O2'    165.189 
PRO 'L-peptide linking' y PROLINE         ? 'C5 H9 N O2'     115.130 
SER 'L-peptide linking' y SERINE          ? 'C3 H7 N O3'     105.093 
THR 'L-peptide linking' y THREONINE       ? 'C4 H9 N O3'     119.119 
TYR 'L-peptide linking' y TYROSINE        ? 'C9 H11 N O3'    181.189 
VAL 'L-peptide linking' y VALINE          ? 'C5 H11 N O2'    117.146 
# 
loop_
_pdbx_poly_seq_scheme.asym_id 
_pdbx_poly_seq_scheme.entity_id 
_pdbx_poly_seq_scheme.seq_id 
_pdbx_poly_seq_scheme.mon_id 
_pdbx_poly_seq_scheme.ndb_seq_num 
_pdbx_poly_seq_scheme.pdb_seq_num 
_pdbx_poly_seq_scheme.auth_seq_num 
_pdbx_poly_seq_scheme.pdb_mon_id 
_pdbx_poly_seq_scheme.auth_mon_id 
_pdbx_poly_seq_scheme.pdb_strand_id 
_pdbx_poly_seq_scheme.pdb_ins_code 
_pdbx_poly_seq_scheme.hetero 
A 1 1   PRO 1   1   ?   ?   ?   A . n 
A 1 2   LYS 2   2   ?   ?   ?   A . n 
A 1 3   HIS 3   3   ?   ?   ?   A . n 
A 1 4   GLY 4   4   ?   ?   ?   A . n 
A 1 5   LYS 5   5   ?   ?   ?   A . n 
A 1 6   ARG 6   6   ?   ?   ?   A . n 
A 1 7   TYR 7   7   ?   ?   ?   A . n 
A 1 8   ARG 8   8   ?   ?   ?   A . n 
A 1 9   ALA 9   9   9   ALA ALA A . n 
A 1 10  LEU 10  10  10  LEU LEU A . n 
A 1 11  LEU 11  11  11  LEU LEU A . n 
A 1 12  GLU 12  12  12  GLU GLU A . n 
A 1 13  LYS 13  13  13  LYS LYS A . n 
A 1 14  VAL 14  14  14  VAL VAL A . n 
A 1 15  ASP 15  15  15  ASP ASP A . n 
A 1 16  PRO 16  16  16  PRO PRO A . n 
A 1 17  ASN 17  17  17  ASN ASN A . n 
A 1 18  LYS 18  18  18  LYS LYS A . n 
A 1 19  ILE 19  19  19  ILE ILE A . n 
A 1 20  TYR 20  20  20  TYR TYR A . n 
A 1 21  THR 21  21  21  THR THR A . n 
A 1 22  ILE 22  22  22  ILE ILE A . n 
A 1 23  ASP 23  23  23  ASP ASP A . n 
A 1 24  GLU 24  24  24  GLU GLU A . n 
A 1 25  ALA 25  25  25  ALA ALA A . n 
A 1 26  ALA 26  26  26  ALA ALA A . n 
A 1 27  HIS 27  27  27  HIS HIS A . n 
A 1 28  LEU 28  28  28  LEU LEU A . n 
A 1 29  VAL 29  29  29  VAL VAL A . n 
A 1 30  LYS 30  30  30  LYS LYS A . n 
A 1 31  GLU 31  31  31  GLU GLU A . n 
A 1 32  LEU 32  32  32  LEU LEU A . n 
A 1 33  ALA 33  33  33  ALA ALA A . n 
A 1 34  THR 34  34  34  THR THR A . n 
A 1 35  ALA 35  35  35  ALA ALA A . n 
A 1 36  LYS 36  36  36  LYS LYS A . n 
A 1 37  PHE 37  37  37  PHE PHE A . n 
A 1 38  ASP 38  38  38  ASP ASP A . n 
A 1 39  GLU 39  39  39  GLU GLU A . n 
A 1 40  THR 40  40  40  THR THR A . n 
A 1 41  VAL 41  41  41  VAL VAL A . n 
A 1 42  GLU 42  42  42  GLU GLU A . n 
A 1 43  VAL 43  43  43  VAL VAL A . n 
A 1 44  HIS 44  44  44  HIS HIS A . n 
A 1 45  ALA 45  45  45  ALA ALA A . n 
A 1 46  LYS 46  46  46  LYS LYS A . n 
A 1 47  LEU 47  47  47  LEU LEU A . n 
A 1 48  GLY 48  48  48  GLY GLY A . n 
A 1 49  ILE 49  49  49  ILE ILE A . n 
A 1 50  ASP 50  50  50  ASP ASP A . n 
A 1 51  PRO 51  51  51  PRO PRO A . n 
A 1 52  ARG 52  52  52  ARG ARG A . n 
A 1 53  ARG 53  53  53  ARG ARG A . n 
A 1 54  SER 54  54  54  SER SER A . n 
A 1 55  ASP 55  55  55  ASP ASP A . n 
A 1 56  GLN 56  56  56  GLN GLN A . n 
A 1 57  ASN 57  57  57  ASN ASN A . n 
A 1 58  VAL 58  58  58  VAL VAL A . n 
A 1 59  ARG 59  59  59  ARG ARG A . n 
A 1 60  GLY 60  60  60  GLY GLY A . n 
A 1 61  THR 61  61  61  THR THR A . n 
A 1 62  VAL 62  62  62  VAL VAL A . n 
A 1 63  SER 63  63  63  SER SER A . n 
A 1 64  LEU 64  64  64  LEU LEU A . n 
A 1 65  PRO 65  65  65  PRO PRO A . n 
A 1 66  HIS 66  66  66  HIS HIS A . n 
A 1 67  GLY 67  67  67  GLY GLY A . n 
A 1 68  GLY 68  159 159 GLY GLY A . n 
A 1 69  ARG 69  160 160 ARG ARG A . n 
A 1 70  ILE 70  161 161 ILE ILE A . n 
A 1 71  GLU 71  162 162 GLU GLU A . n 
A 1 72  PHE 72  163 163 PHE PHE A . n 
A 1 73  ARG 73  164 164 ARG ARG A . n 
A 1 74  ASN 74  165 165 ASN ASN A . n 
A 1 75  ASP 75  166 166 ASP ASP A . n 
A 1 76  LYS 76  167 167 LYS LYS A . n 
A 1 77  THR 77  168 168 THR THR A . n 
A 1 78  GLY 78  169 169 GLY GLY A . n 
A 1 79  ALA 79  170 170 ALA ALA A . n 
A 1 80  ILE 80  171 171 ILE ILE A . n 
A 1 81  HIS 81  172 172 HIS HIS A . n 
A 1 82  ALA 82  173 173 ALA ALA A . n 
A 1 83  PRO 83  174 174 PRO PRO A . n 
A 1 84  VAL 84  175 175 VAL VAL A . n 
A 1 85  GLY 85  176 176 GLY GLY A . n 
A 1 86  LYS 86  177 177 LYS LYS A . n 
A 1 87  ALA 87  178 178 ALA ALA A . n 
A 1 88  SER 88  179 179 SER SER A . n 
A 1 89  PHE 89  180 180 PHE PHE A . n 
A 1 90  PRO 90  181 181 PRO PRO A . n 
A 1 91  PRO 91  182 182 PRO PRO A . n 
A 1 92  GLU 92  183 183 GLU GLU A . n 
A 1 93  LYS 93  184 184 LYS LYS A . n 
A 1 94  LEU 94  185 185 LEU LEU A . n 
A 1 95  ALA 95  186 186 ALA ALA A . n 
A 1 96  ASP 96  187 187 ASP ASP A . n 
A 1 97  ASN 97  188 188 ASN ASN A . n 
A 1 98  ILE 98  189 189 ILE ILE A . n 
A 1 99  ARG 99  190 190 ARG ARG A . n 
A 1 100 ALA 100 191 191 ALA ALA A . n 
A 1 101 PHE 101 192 192 PHE PHE A . n 
A 1 102 ILE 102 193 193 ILE ILE A . n 
A 1 103 ARG 103 194 194 ARG ARG A . n 
A 1 104 ALA 104 195 195 ALA ALA A . n 
A 1 105 LEU 105 196 196 LEU LEU A . n 
A 1 106 GLU 106 197 197 GLU GLU A . n 
A 1 107 ALA 107 198 198 ALA ALA A . n 
A 1 108 HIS 108 199 199 HIS HIS A . n 
A 1 109 LYS 109 200 200 LYS LYS A . n 
A 1 110 PRO 110 201 201 PRO PRO A . n 
A 1 111 GLU 111 202 202 GLU GLU A . n 
A 1 112 GLY 112 203 203 GLY GLY A . n 
A 1 113 ALA 113 204 204 ALA ALA A . n 
A 1 114 LYS 114 205 205 LYS LYS A . n 
A 1 115 GLY 115 206 206 GLY GLY A . n 
A 1 116 THR 116 207 207 THR THR A . n 
A 1 117 PHE 117 208 208 PHE PHE A . n 
A 1 118 LEU 118 209 209 LEU LEU A . n 
A 1 119 ARG 119 210 210 ARG ARG A . n 
A 1 120 SER 120 211 211 SER SER A . n 
A 1 121 VAL 121 212 212 VAL VAL A . n 
A 1 122 TYR 122 213 213 TYR TYR A . n 
A 1 123 VAL 123 214 214 VAL VAL A . n 
A 1 124 THR 124 215 215 THR THR A . n 
A 1 125 THR 125 216 216 THR THR A . n 
A 1 126 THR 126 217 217 THR THR A . n 
A 1 127 MET 127 218 218 MET MET A . n 
A 1 128 GLY 128 219 219 GLY GLY A . n 
A 1 129 PRO 129 220 220 PRO PRO A . n 
A 1 130 SER 130 221 221 SER SER A . n 
A 1 131 VAL 131 222 222 VAL VAL A . n 
A 1 132 ARG 132 223 223 ARG ARG A . n 
A 1 133 ILE 133 224 224 ILE ILE A . n 
A 1 134 ASN 134 225 225 ASN ASN A . n 
A 1 135 PRO 135 226 226 PRO PRO A . n 
A 1 136 HIS 136 227 227 HIS HIS A . n 
A 1 137 SER 137 228 228 SER SER A . n 
# 
loop_
_pdbx_nonpoly_scheme.asym_id 
_pdbx_nonpoly_scheme.entity_id 
_pdbx_nonpoly_scheme.mon_id 
_pdbx_nonpoly_scheme.ndb_seq_num 
_pdbx_nonpoly_scheme.pdb_seq_num 
_pdbx_nonpoly_scheme.auth_seq_num 
_pdbx_nonpoly_scheme.pdb_mon_id 
_pdbx_nonpoly_scheme.auth_mon_id 
_pdbx_nonpoly_scheme.pdb_strand_id 
_pdbx_nonpoly_scheme.pdb_ins_code 
B 2 HOH 1  229 1  HOH HOH A . 
B 2 HOH 2  230 2  HOH HOH A . 
B 2 HOH 3  231 3  HOH HOH A . 
B 2 HOH 4  232 4  HOH HOH A . 
B 2 HOH 5  233 5  HOH HOH A . 
B 2 HOH 6  234 6  HOH HOH A . 
B 2 HOH 7  235 7  HOH HOH A . 
B 2 HOH 8  236 8  HOH HOH A . 
B 2 HOH 9  237 9  HOH HOH A . 
B 2 HOH 10 238 10 HOH HOH A . 
B 2 HOH 11 239 11 HOH HOH A . 
B 2 HOH 12 240 12 HOH HOH A . 
B 2 HOH 13 241 13 HOH HOH A . 
B 2 HOH 14 242 14 HOH HOH A . 
B 2 HOH 15 243 15 HOH HOH A . 
B 2 HOH 16 244 16 HOH HOH A . 
B 2 HOH 17 245 17 HOH HOH A . 
B 2 HOH 18 246 18 HOH HOH A . 
B 2 HOH 19 247 19 HOH HOH A . 
B 2 HOH 20 248 20 HOH HOH A . 
B 2 HOH 21 249 21 HOH HOH A . 
B 2 HOH 22 250 22 HOH HOH A . 
B 2 HOH 23 251 23 HOH HOH A . 
# 
loop_
_software.name 
_software.classification 
_software.version 
_software.citation_id 
_software.pdbx_ordinal 
REFMAC refinement       5.2.0019 ? 1 
XDS    'data reduction' .        ? 2 
XSCALE 'data scaling'   .        ? 3 
PHASER phasing          .        ? 4 
# 
_cell.entry_id           2OUM 
_cell.length_a           31.700 
_cell.length_b           45.320 
_cell.length_c           37.890 
_cell.angle_alpha        90.00 
_cell.angle_beta         100.74 
_cell.angle_gamma        90.00 
_cell.Z_PDB              2 
_cell.pdbx_unique_axis   ? 
_cell.length_a_esd       ? 
_cell.length_b_esd       ? 
_cell.length_c_esd       ? 
_cell.angle_alpha_esd    ? 
_cell.angle_beta_esd     ? 
_cell.angle_gamma_esd    ? 
# 
_symmetry.entry_id                         2OUM 
_symmetry.space_group_name_H-M             'P 1 21 1' 
_symmetry.pdbx_full_space_group_name_H-M   ? 
_symmetry.cell_setting                     ? 
_symmetry.Int_Tables_number                4 
_symmetry.space_group_name_Hall            ? 
# 
_exptl.entry_id          2OUM 
_exptl.method            'X-RAY DIFFRACTION' 
_exptl.crystals_number   1 
# 
_exptl_crystal.id                    1 
_exptl_crystal.density_meas          ? 
_exptl_crystal.density_Matthews      1.86 
_exptl_crystal.density_percent_sol   33.5 
_exptl_crystal.description           ? 
_exptl_crystal.F_000                 ? 
_exptl_crystal.preparation           ? 
# 
_exptl_crystal_grow.crystal_id      1 
_exptl_crystal_grow.method          'VAPOR DIFFUSION' 
_exptl_crystal_grow.temp            277 
_exptl_crystal_grow.temp_details    ? 
_exptl_crystal_grow.pH              8.5 
_exptl_crystal_grow.pdbx_details    
'30% v/v polyethylenglycol 4K, 100 mM Tris-HCl, 200 mM acetate Na, pH 8.5, VAPOR DIFFUSION, temperature 277K' 
_exptl_crystal_grow.pdbx_pH_range   . 
# 
_diffrn.id                     1 
_diffrn.ambient_temp           100 
_diffrn.ambient_temp_details   ? 
_diffrn.crystal_id             1 
# 
_diffrn_detector.diffrn_id              1 
_diffrn_detector.detector               CCD 
_diffrn_detector.type                   'MAR CCD 165 mm' 
_diffrn_detector.pdbx_collection_date   2006-03-19 
_diffrn_detector.details                ? 
# 
_diffrn_radiation.diffrn_id                        1 
_diffrn_radiation.wavelength_id                    1 
_diffrn_radiation.pdbx_monochromatic_or_laue_m_l   M 
_diffrn_radiation.monochromator                    ? 
_diffrn_radiation.pdbx_diffrn_protocol             'SINGLE WAVELENGTH' 
_diffrn_radiation.pdbx_scattering_type             x-ray 
# 
_diffrn_radiation_wavelength.id           1 
_diffrn_radiation_wavelength.wavelength   0.95 
_diffrn_radiation_wavelength.wt           1.0 
# 
_diffrn_source.diffrn_id                   1 
_diffrn_source.source                      SYNCHROTRON 
_diffrn_source.type                        'SLS BEAMLINE X06SA' 
_diffrn_source.pdbx_synchrotron_site       SLS 
_diffrn_source.pdbx_synchrotron_beamline   X06SA 
_diffrn_source.pdbx_wavelength             0.95 
_diffrn_source.pdbx_wavelength_list        ? 
# 
_reflns.entry_id                     2OUM 
_reflns.observed_criterion_sigma_F   0 
_reflns.observed_criterion_sigma_I   0 
_reflns.d_resolution_high            2.55 
_reflns.d_resolution_low             15.0 
_reflns.number_all                   3594 
_reflns.number_obs                   3392 
_reflns.percent_possible_obs         94.4 
_reflns.pdbx_Rmerge_I_obs            0.16 
_reflns.pdbx_Rsym_value              0.119 
_reflns.pdbx_netI_over_sigmaI        8.8 
_reflns.B_iso_Wilson_estimate        52.8 
_reflns.pdbx_redundancy              3.3 
_reflns.R_free_details               ? 
_reflns.limit_h_max                  ? 
_reflns.limit_h_min                  ? 
_reflns.limit_k_max                  ? 
_reflns.limit_k_min                  ? 
_reflns.limit_l_max                  ? 
_reflns.limit_l_min                  ? 
_reflns.observed_criterion_F_max     ? 
_reflns.observed_criterion_F_min     ? 
_reflns.pdbx_chi_squared             ? 
_reflns.pdbx_scaling_rejects         ? 
_reflns.pdbx_diffrn_id               1 
_reflns.pdbx_ordinal                 1 
# 
_reflns_shell.d_res_high             2.55 
_reflns_shell.d_res_low              2.60 
_reflns_shell.percent_possible_all   89.1 
_reflns_shell.Rmerge_I_obs           0.431 
_reflns_shell.pdbx_Rsym_value        0.351 
_reflns_shell.meanI_over_sigI_obs    3.5 
_reflns_shell.pdbx_redundancy        3.0 
_reflns_shell.percent_possible_obs   ? 
_reflns_shell.number_unique_all      202 
_reflns_shell.number_measured_all    ? 
_reflns_shell.number_measured_obs    ? 
_reflns_shell.number_unique_obs      ? 
_reflns_shell.pdbx_chi_squared       ? 
_reflns_shell.pdbx_diffrn_id         ? 
_reflns_shell.pdbx_ordinal           1 
# 
_refine.entry_id                                 2OUM 
_refine.ls_number_reflns_obs                     3356 
_refine.ls_number_reflns_all                     3356 
_refine.pdbx_ls_sigma_I                          0 
_refine.pdbx_ls_sigma_F                          0 
_refine.pdbx_data_cutoff_high_absF               ? 
_refine.pdbx_data_cutoff_low_absF                ? 
_refine.pdbx_data_cutoff_high_rms_absF           ? 
_refine.ls_d_res_low                             15.00 
_refine.ls_d_res_high                            2.55 
_refine.ls_percent_reflns_obs                    100.00 
_refine.ls_R_factor_obs                          0.18147 
_refine.ls_R_factor_all                          0.18147 
_refine.ls_R_factor_R_work                       0.17737 
_refine.ls_R_factor_R_free                       0.26973 
_refine.ls_R_factor_R_free_error                 ? 
_refine.ls_R_factor_R_free_error_details         ? 
_refine.ls_percent_reflns_R_free                 4.4 
_refine.ls_number_reflns_R_free                  154 
_refine.ls_number_parameters                     ? 
_refine.ls_number_restraints                     ? 
_refine.occupancy_min                            ? 
_refine.occupancy_max                            ? 
_refine.correlation_coeff_Fo_to_Fc               0.950 
_refine.correlation_coeff_Fo_to_Fc_free          0.892 
_refine.B_iso_mean                               34.255 
_refine.aniso_B[1][1]                            -2.19 
_refine.aniso_B[2][2]                            -0.46 
_refine.aniso_B[3][3]                            2.62 
_refine.aniso_B[1][2]                            0.00 
_refine.aniso_B[1][3]                            -0.07 
_refine.aniso_B[2][3]                            0.00 
_refine.solvent_model_details                    MASK 
_refine.solvent_model_param_ksol                 ? 
_refine.solvent_model_param_bsol                 ? 
_refine.pdbx_solvent_vdw_probe_radii             1.40 
_refine.pdbx_solvent_ion_probe_radii             0.80 
_refine.pdbx_solvent_shrinkage_radii             0.80 
_refine.pdbx_ls_cross_valid_method               THROUGHOUT 
_refine.details                                  ? 
_refine.pdbx_starting_model                      'The first domain of L1 from Thermus thermophilus' 
_refine.pdbx_method_to_determine_struct          'MOLECULAR REPLACEMENT' 
_refine.pdbx_isotropic_thermal_model             ? 
_refine.pdbx_stereochemistry_target_values       'MAXIMUM LIKELIHOOD' 
_refine.pdbx_stereochem_target_val_spec_case     ? 
_refine.pdbx_R_Free_selection_details            RANDOM 
_refine.pdbx_overall_ESU_R                       ? 
_refine.pdbx_overall_ESU_R_Free                  0.386 
_refine.overall_SU_ML                            0.290 
_refine.overall_SU_B                             13.297 
_refine.ls_redundancy_reflns_obs                 ? 
_refine.B_iso_min                                ? 
_refine.B_iso_max                                ? 
_refine.overall_SU_R_Cruickshank_DPI             ? 
_refine.overall_SU_R_free                        ? 
_refine.ls_wR_factor_R_free                      ? 
_refine.ls_wR_factor_R_work                      ? 
_refine.overall_FOM_free_R_set                   ? 
_refine.overall_FOM_work_R_set                   ? 
_refine.pdbx_refine_id                           'X-RAY DIFFRACTION' 
_refine.pdbx_diffrn_id                           1 
_refine.pdbx_TLS_residual_ADP_flag               ? 
_refine.pdbx_overall_phase_error                 ? 
_refine.pdbx_overall_SU_R_free_Cruickshank_DPI   ? 
_refine.pdbx_overall_SU_R_Blow_DPI               ? 
_refine.pdbx_overall_SU_R_free_Blow_DPI          ? 
# 
_refine_analyze.entry_id                        2OUM 
_refine_analyze.Luzzati_coordinate_error_obs    0.278 
_refine_analyze.Luzzati_sigma_a_obs             ? 
_refine_analyze.Luzzati_d_res_low_obs           ? 
_refine_analyze.Luzzati_coordinate_error_free   ? 
_refine_analyze.Luzzati_sigma_a_free            ? 
_refine_analyze.Luzzati_d_res_low_free          ? 
_refine_analyze.number_disordered_residues      ? 
_refine_analyze.occupancy_sum_non_hydrogen      ? 
_refine_analyze.occupancy_sum_hydrogen          ? 
_refine_analyze.pdbx_Luzzati_d_res_high_obs     ? 
_refine_analyze.pdbx_refine_id                  'X-RAY DIFFRACTION' 
# 
_refine_hist.pdbx_refine_id                   'X-RAY DIFFRACTION' 
_refine_hist.cycle_id                         LAST 
_refine_hist.pdbx_number_atoms_protein        1002 
_refine_hist.pdbx_number_atoms_nucleic_acid   0 
_refine_hist.pdbx_number_atoms_ligand         0 
_refine_hist.number_atoms_solvent             23 
_refine_hist.number_atoms_total               1025 
_refine_hist.d_res_high                       2.55 
_refine_hist.d_res_low                        15.00 
# 
loop_
_refine_ls_restr.type 
_refine_ls_restr.dev_ideal 
_refine_ls_restr.dev_ideal_target 
_refine_ls_restr.weight 
_refine_ls_restr.number 
_refine_ls_restr.pdbx_refine_id 
_refine_ls_restr.pdbx_restraint_function 
r_bond_refined_d             0.010  0.022  ? 1024 'X-RAY DIFFRACTION' ? 
r_bond_other_d               ?      ?      ? ?    'X-RAY DIFFRACTION' ? 
r_angle_refined_deg          1.320  1.967  ? 1389 'X-RAY DIFFRACTION' ? 
r_angle_other_deg            ?      ?      ? ?    'X-RAY DIFFRACTION' ? 
r_dihedral_angle_1_deg       2.412  5.000  ? 130  'X-RAY DIFFRACTION' ? 
r_dihedral_angle_2_deg       22.426 23.111 ? 45   'X-RAY DIFFRACTION' ? 
r_dihedral_angle_3_deg       10.321 15.000 ? 175  'X-RAY DIFFRACTION' ? 
r_dihedral_angle_4_deg       5.820  15.000 ? 9    'X-RAY DIFFRACTION' ? 
r_chiral_restr               0.086  0.200  ? 157  'X-RAY DIFFRACTION' ? 
r_gen_planes_refined         0.008  0.020  ? 780  'X-RAY DIFFRACTION' ? 
r_gen_planes_other           ?      ?      ? ?    'X-RAY DIFFRACTION' ? 
r_nbd_refined                0.238  0.800  ? 375  'X-RAY DIFFRACTION' ? 
r_nbd_other                  ?      ?      ? ?    'X-RAY DIFFRACTION' ? 
r_nbtor_refined              0.317  0.800  ? 685  'X-RAY DIFFRACTION' ? 
r_nbtor_other                ?      ?      ? ?    'X-RAY DIFFRACTION' ? 
r_xyhbond_nbd_refined        0.169  0.800  ? 55   'X-RAY DIFFRACTION' ? 
r_xyhbond_nbd_other          ?      ?      ? ?    'X-RAY DIFFRACTION' ? 
r_metal_ion_refined          ?      ?      ? ?    'X-RAY DIFFRACTION' ? 
r_metal_ion_other            ?      ?      ? ?    'X-RAY DIFFRACTION' ? 
r_symmetry_vdw_refined       0.228  0.800  ? 34   'X-RAY DIFFRACTION' ? 
r_symmetry_vdw_other         ?      ?      ? ?    'X-RAY DIFFRACTION' ? 
r_symmetry_hbond_refined     0.173  0.800  ? 10   'X-RAY DIFFRACTION' ? 
r_symmetry_hbond_other       ?      ?      ? ?    'X-RAY DIFFRACTION' ? 
r_symmetry_metal_ion_refined ?      ?      ? ?    'X-RAY DIFFRACTION' ? 
r_symmetry_metal_ion_other   ?      ?      ? ?    'X-RAY DIFFRACTION' ? 
r_mcbond_it                  9.195  4.000  ? 659  'X-RAY DIFFRACTION' ? 
r_mcbond_other               ?      ?      ? ?    'X-RAY DIFFRACTION' ? 
r_mcangle_it                 11.289 5.000  ? 1050 'X-RAY DIFFRACTION' ? 
r_scbond_it                  9.543  4.000  ? 376  'X-RAY DIFFRACTION' ? 
r_scangle_it                 12.318 5.000  ? 338  'X-RAY DIFFRACTION' ? 
r_rigid_bond_restr           ?      ?      ? ?    'X-RAY DIFFRACTION' ? 
r_sphericity_free            ?      ?      ? ?    'X-RAY DIFFRACTION' ? 
r_sphericity_bonded          ?      ?      ? ?    'X-RAY DIFFRACTION' ? 
# 
_refine_ls_shell.pdbx_total_number_of_bins_used   20 
_refine_ls_shell.d_res_high                       2.550 
_refine_ls_shell.d_res_low                        2.615 
_refine_ls_shell.number_reflns_R_work             241 
_refine_ls_shell.R_factor_R_work                  0.227 
_refine_ls_shell.percent_reflns_obs               100.00 
_refine_ls_shell.R_factor_R_free                  0.389 
_refine_ls_shell.R_factor_R_free_error            ? 
_refine_ls_shell.percent_reflns_R_free            ? 
_refine_ls_shell.number_reflns_R_free             17 
_refine_ls_shell.number_reflns_all                ? 
_refine_ls_shell.R_factor_all                     ? 
_refine_ls_shell.number_reflns_obs                241 
_refine_ls_shell.redundancy_reflns_obs            ? 
_refine_ls_shell.pdbx_refine_id                   'X-RAY DIFFRACTION' 
# 
_struct.entry_id                  2OUM 
_struct.title                     'The first domain of L1 from Thermus thermophilus' 
_struct.pdbx_model_details        ? 
_struct.pdbx_CASP_flag            ? 
_struct.pdbx_model_type_details   ? 
# 
_struct_keywords.entry_id        2OUM 
_struct_keywords.pdbx_keywords   'RIBOSOMAL PROTEIN' 
_struct_keywords.text            'ribosomal protein L1, Thermus thermophilus, RIBOSOMAL PROTEIN' 
# 
loop_
_struct_asym.id 
_struct_asym.pdbx_blank_PDB_chainid_flag 
_struct_asym.pdbx_modified 
_struct_asym.entity_id 
_struct_asym.details 
A N N 1 ? 
B N N 2 ? 
# 
loop_
_struct_ref.id 
_struct_ref.db_name 
_struct_ref.db_code 
_struct_ref.pdbx_db_accession 
_struct_ref.entity_id 
_struct_ref.pdbx_seq_one_letter_code 
_struct_ref.pdbx_align_begin 
_struct_ref.pdbx_db_isoform 
1 UNP RL1_THETH P27150 1 PKHGKRYRALLEKVDPNKIYTIDEAAHLVKELATAKFDETVEVHAKLGIDPRRSDQNVRGTVSLPHG    2   ? 
2 UNP RL1_THETH P27150 1 GRIEFRNDKTGAIHAPVGKASFPPEKLADNIRAFIRALEAHKPEGAKGTFLRSVYVTTTMGPSVRINPHS 160 ? 
# 
loop_
_struct_ref_seq.align_id 
_struct_ref_seq.ref_id 
_struct_ref_seq.pdbx_PDB_id_code 
_struct_ref_seq.pdbx_strand_id 
_struct_ref_seq.seq_align_beg 
_struct_ref_seq.pdbx_seq_align_beg_ins_code 
_struct_ref_seq.seq_align_end 
_struct_ref_seq.pdbx_seq_align_end_ins_code 
_struct_ref_seq.pdbx_db_accession 
_struct_ref_seq.db_align_beg 
_struct_ref_seq.pdbx_db_align_beg_ins_code 
_struct_ref_seq.db_align_end 
_struct_ref_seq.pdbx_db_align_end_ins_code 
_struct_ref_seq.pdbx_auth_seq_align_beg 
_struct_ref_seq.pdbx_auth_seq_align_end 
1 1 2OUM A 1  ? 67  ? P27150 2   ? 68  ? 1   67  
2 2 2OUM A 68 ? 137 ? P27150 160 ? 229 ? 159 228 
# 
_pdbx_struct_assembly.id                   1 
_pdbx_struct_assembly.details              author_defined_assembly 
_pdbx_struct_assembly.method_details       ? 
_pdbx_struct_assembly.oligomeric_details   monomeric 
_pdbx_struct_assembly.oligomeric_count     1 
# 
_pdbx_struct_assembly_gen.assembly_id       1 
_pdbx_struct_assembly_gen.oper_expression   1 
_pdbx_struct_assembly_gen.asym_id_list      A,B 
# 
_pdbx_struct_oper_list.id                   1 
_pdbx_struct_oper_list.type                 'identity operation' 
_pdbx_struct_oper_list.name                 1_555 
_pdbx_struct_oper_list.symmetry_operation   x,y,z 
_pdbx_struct_oper_list.matrix[1][1]         1.0000000000 
_pdbx_struct_oper_list.matrix[1][2]         0.0000000000 
_pdbx_struct_oper_list.matrix[1][3]         0.0000000000 
_pdbx_struct_oper_list.vector[1]            0.0000000000 
_pdbx_struct_oper_list.matrix[2][1]         0.0000000000 
_pdbx_struct_oper_list.matrix[2][2]         1.0000000000 
_pdbx_struct_oper_list.matrix[2][3]         0.0000000000 
_pdbx_struct_oper_list.vector[2]            0.0000000000 
_pdbx_struct_oper_list.matrix[3][1]         0.0000000000 
_pdbx_struct_oper_list.matrix[3][2]         0.0000000000 
_pdbx_struct_oper_list.matrix[3][3]         1.0000000000 
_pdbx_struct_oper_list.vector[3]            0.0000000000 
# 
loop_
_struct_conf.conf_type_id 
_struct_conf.id 
_struct_conf.pdbx_PDB_helix_id 
_struct_conf.beg_label_comp_id 
_struct_conf.beg_label_asym_id 
_struct_conf.beg_label_seq_id 
_struct_conf.pdbx_beg_PDB_ins_code 
_struct_conf.end_label_comp_id 
_struct_conf.end_label_asym_id 
_struct_conf.end_label_seq_id 
_struct_conf.pdbx_end_PDB_ins_code 
_struct_conf.beg_auth_comp_id 
_struct_conf.beg_auth_asym_id 
_struct_conf.beg_auth_seq_id 
_struct_conf.end_auth_comp_id 
_struct_conf.end_auth_asym_id 
_struct_conf.end_auth_seq_id 
_struct_conf.pdbx_PDB_helix_class 
_struct_conf.details 
_struct_conf.pdbx_PDB_helix_length 
HELX_P HELX_P1 1 ILE A 22  ? ALA A 33  ? ILE A 22  ALA A 33  1 ? 12 
HELX_P HELX_P2 2 ARG A 53  ? ASN A 57  ? ARG A 53  ASN A 57  5 ? 5  
HELX_P HELX_P3 3 PRO A 90  ? GLU A 106 ? PRO A 181 GLU A 197 1 ? 17 
HELX_P HELX_P4 4 ALA A 107 ? LYS A 109 ? ALA A 198 LYS A 200 5 ? 3  
# 
_struct_conf_type.id          HELX_P 
_struct_conf_type.criteria    ? 
_struct_conf_type.reference   ? 
# 
loop_
_struct_sheet.id 
_struct_sheet.type 
_struct_sheet.number_strands 
_struct_sheet.details 
A ? 5 ? 
B ? 2 ? 
# 
loop_
_struct_sheet_order.sheet_id 
_struct_sheet_order.range_id_1 
_struct_sheet_order.range_id_2 
_struct_sheet_order.offset 
_struct_sheet_order.sense 
A 1 2 ? parallel      
A 2 3 ? anti-parallel 
A 3 4 ? anti-parallel 
A 4 5 ? anti-parallel 
B 1 2 ? anti-parallel 
# 
loop_
_struct_sheet_range.sheet_id 
_struct_sheet_range.id 
_struct_sheet_range.beg_label_comp_id 
_struct_sheet_range.beg_label_asym_id 
_struct_sheet_range.beg_label_seq_id 
_struct_sheet_range.pdbx_beg_PDB_ins_code 
_struct_sheet_range.end_label_comp_id 
_struct_sheet_range.end_label_asym_id 
_struct_sheet_range.end_label_seq_id 
_struct_sheet_range.pdbx_end_PDB_ins_code 
_struct_sheet_range.beg_auth_comp_id 
_struct_sheet_range.beg_auth_asym_id 
_struct_sheet_range.beg_auth_seq_id 
_struct_sheet_range.end_auth_comp_id 
_struct_sheet_range.end_auth_asym_id 
_struct_sheet_range.end_auth_seq_id 
A 1 TYR A 20  ? THR A 21  ? TYR A 20  THR A 21  
A 2 VAL A 131 ? ASN A 134 ? VAL A 222 ASN A 225 
A 3 LEU A 118 ? THR A 124 ? LEU A 209 THR A 215 
A 4 THR A 40  ? LEU A 47  ? THR A 40  LEU A 47  
A 5 ALA A 79  ? LYS A 86  ? ALA A 170 LYS A 177 
B 1 ARG A 59  ? THR A 61  ? ARG A 59  THR A 61  
B 2 GLU A 71  ? ARG A 73  ? GLU A 162 ARG A 164 
# 
loop_
_pdbx_struct_sheet_hbond.sheet_id 
_pdbx_struct_sheet_hbond.range_id_1 
_pdbx_struct_sheet_hbond.range_id_2 
_pdbx_struct_sheet_hbond.range_1_label_atom_id 
_pdbx_struct_sheet_hbond.range_1_label_comp_id 
_pdbx_struct_sheet_hbond.range_1_label_asym_id 
_pdbx_struct_sheet_hbond.range_1_label_seq_id 
_pdbx_struct_sheet_hbond.range_1_PDB_ins_code 
_pdbx_struct_sheet_hbond.range_1_auth_atom_id 
_pdbx_struct_sheet_hbond.range_1_auth_comp_id 
_pdbx_struct_sheet_hbond.range_1_auth_asym_id 
_pdbx_struct_sheet_hbond.range_1_auth_seq_id 
_pdbx_struct_sheet_hbond.range_2_label_atom_id 
_pdbx_struct_sheet_hbond.range_2_label_comp_id 
_pdbx_struct_sheet_hbond.range_2_label_asym_id 
_pdbx_struct_sheet_hbond.range_2_label_seq_id 
_pdbx_struct_sheet_hbond.range_2_PDB_ins_code 
_pdbx_struct_sheet_hbond.range_2_auth_atom_id 
_pdbx_struct_sheet_hbond.range_2_auth_comp_id 
_pdbx_struct_sheet_hbond.range_2_auth_asym_id 
_pdbx_struct_sheet_hbond.range_2_auth_seq_id 
A 1 2 N TYR A 20  ? N TYR A 20  O ASN A 134 ? O ASN A 225 
A 2 3 O ILE A 133 ? O ILE A 224 N VAL A 121 ? N VAL A 212 
A 3 4 O THR A 124 ? O THR A 215 N GLU A 42  ? N GLU A 42  
A 4 5 N VAL A 43  ? N VAL A 43  O ALA A 82  ? O ALA A 173 
B 1 2 N GLY A 60  ? N GLY A 60  O PHE A 72  ? O PHE A 163 
# 
_pdbx_validate_rmsd_bond.id                        1 
_pdbx_validate_rmsd_bond.PDB_model_num             1 
_pdbx_validate_rmsd_bond.auth_atom_id_1            CB 
_pdbx_validate_rmsd_bond.auth_asym_id_1            A 
_pdbx_validate_rmsd_bond.auth_comp_id_1            GLU 
_pdbx_validate_rmsd_bond.auth_seq_id_1             162 
_pdbx_validate_rmsd_bond.PDB_ins_code_1            ? 
_pdbx_validate_rmsd_bond.label_alt_id_1            ? 
_pdbx_validate_rmsd_bond.auth_atom_id_2            CG 
_pdbx_validate_rmsd_bond.auth_asym_id_2            A 
_pdbx_validate_rmsd_bond.auth_comp_id_2            GLU 
_pdbx_validate_rmsd_bond.auth_seq_id_2             162 
_pdbx_validate_rmsd_bond.PDB_ins_code_2            ? 
_pdbx_validate_rmsd_bond.label_alt_id_2            ? 
_pdbx_validate_rmsd_bond.bond_value                1.664 
_pdbx_validate_rmsd_bond.bond_target_value         1.517 
_pdbx_validate_rmsd_bond.bond_deviation            0.147 
_pdbx_validate_rmsd_bond.bond_standard_deviation   0.019 
_pdbx_validate_rmsd_bond.linker_flag               N 
# 
loop_
_pdbx_validate_torsion.id 
_pdbx_validate_torsion.PDB_model_num 
_pdbx_validate_torsion.auth_comp_id 
_pdbx_validate_torsion.auth_asym_id 
_pdbx_validate_torsion.auth_seq_id 
_pdbx_validate_torsion.PDB_ins_code 
_pdbx_validate_torsion.label_alt_id 
_pdbx_validate_torsion.phi 
_pdbx_validate_torsion.psi 
1 1 PHE A 180 ? ? -38.44  139.92 
2 1 LYS A 200 ? ? -54.83  109.64 
3 1 HIS A 227 ? ? -101.95 51.07  
# 
_pdbx_database_remark.id     400 
_pdbx_database_remark.text   
;COMPOUND
RESIDUES 1-67 AND 159-228 ARE COVALENTLY LINKED 
TO EACH OTHER.
;
# 
loop_
_pdbx_unobs_or_zero_occ_residues.id 
_pdbx_unobs_or_zero_occ_residues.PDB_model_num 
_pdbx_unobs_or_zero_occ_residues.polymer_flag 
_pdbx_unobs_or_zero_occ_residues.occupancy_flag 
_pdbx_unobs_or_zero_occ_residues.auth_asym_id 
_pdbx_unobs_or_zero_occ_residues.auth_comp_id 
_pdbx_unobs_or_zero_occ_residues.auth_seq_id 
_pdbx_unobs_or_zero_occ_residues.PDB_ins_code 
_pdbx_unobs_or_zero_occ_residues.label_asym_id 
_pdbx_unobs_or_zero_occ_residues.label_comp_id 
_pdbx_unobs_or_zero_occ_residues.label_seq_id 
1 1 Y 1 A PRO 1 ? A PRO 1 
2 1 Y 1 A LYS 2 ? A LYS 2 
3 1 Y 1 A HIS 3 ? A HIS 3 
4 1 Y 1 A GLY 4 ? A GLY 4 
5 1 Y 1 A LYS 5 ? A LYS 5 
6 1 Y 1 A ARG 6 ? A ARG 6 
7 1 Y 1 A TYR 7 ? A TYR 7 
8 1 Y 1 A ARG 8 ? A ARG 8 
# 
loop_
_chem_comp_atom.comp_id 
_chem_comp_atom.atom_id 
_chem_comp_atom.type_symbol 
_chem_comp_atom.pdbx_aromatic_flag 
_chem_comp_atom.pdbx_stereo_config 
_chem_comp_atom.pdbx_ordinal 
ALA N    N N N 1   
ALA CA   C N S 2   
ALA C    C N N 3   
ALA O    O N N 4   
ALA CB   C N N 5   
ALA OXT  O N N 6   
ALA H    H N N 7   
ALA H2   H N N 8   
ALA HA   H N N 9   
ALA HB1  H N N 10  
ALA HB2  H N N 11  
ALA HB3  H N N 12  
ALA HXT  H N N 13  
ARG N    N N N 14  
ARG CA   C N S 15  
ARG C    C N N 16  
ARG O    O N N 17  
ARG CB   C N N 18  
ARG CG   C N N 19  
ARG CD   C N N 20  
ARG NE   N N N 21  
ARG CZ   C N N 22  
ARG NH1  N N N 23  
ARG NH2  N N N 24  
ARG OXT  O N N 25  
ARG H    H N N 26  
ARG H2   H N N 27  
ARG HA   H N N 28  
ARG HB2  H N N 29  
ARG HB3  H N N 30  
ARG HG2  H N N 31  
ARG HG3  H N N 32  
ARG HD2  H N N 33  
ARG HD3  H N N 34  
ARG HE   H N N 35  
ARG HH11 H N N 36  
ARG HH12 H N N 37  
ARG HH21 H N N 38  
ARG HH22 H N N 39  
ARG HXT  H N N 40  
ASN N    N N N 41  
ASN CA   C N S 42  
ASN C    C N N 43  
ASN O    O N N 44  
ASN CB   C N N 45  
ASN CG   C N N 46  
ASN OD1  O N N 47  
ASN ND2  N N N 48  
ASN OXT  O N N 49  
ASN H    H N N 50  
ASN H2   H N N 51  
ASN HA   H N N 52  
ASN HB2  H N N 53  
ASN HB3  H N N 54  
ASN HD21 H N N 55  
ASN HD22 H N N 56  
ASN HXT  H N N 57  
ASP N    N N N 58  
ASP CA   C N S 59  
ASP C    C N N 60  
ASP O    O N N 61  
ASP CB   C N N 62  
ASP CG   C N N 63  
ASP OD1  O N N 64  
ASP OD2  O N N 65  
ASP OXT  O N N 66  
ASP H    H N N 67  
ASP H2   H N N 68  
ASP HA   H N N 69  
ASP HB2  H N N 70  
ASP HB3  H N N 71  
ASP HD2  H N N 72  
ASP HXT  H N N 73  
GLN N    N N N 74  
GLN CA   C N S 75  
GLN C    C N N 76  
GLN O    O N N 77  
GLN CB   C N N 78  
GLN CG   C N N 79  
GLN CD   C N N 80  
GLN OE1  O N N 81  
GLN NE2  N N N 82  
GLN OXT  O N N 83  
GLN H    H N N 84  
GLN H2   H N N 85  
GLN HA   H N N 86  
GLN HB2  H N N 87  
GLN HB3  H N N 88  
GLN HG2  H N N 89  
GLN HG3  H N N 90  
GLN HE21 H N N 91  
GLN HE22 H N N 92  
GLN HXT  H N N 93  
GLU N    N N N 94  
GLU CA   C N S 95  
GLU C    C N N 96  
GLU O    O N N 97  
GLU CB   C N N 98  
GLU CG   C N N 99  
GLU CD   C N N 100 
GLU OE1  O N N 101 
GLU OE2  O N N 102 
GLU OXT  O N N 103 
GLU H    H N N 104 
GLU H2   H N N 105 
GLU HA   H N N 106 
GLU HB2  H N N 107 
GLU HB3  H N N 108 
GLU HG2  H N N 109 
GLU HG3  H N N 110 
GLU HE2  H N N 111 
GLU HXT  H N N 112 
GLY N    N N N 113 
GLY CA   C N N 114 
GLY C    C N N 115 
GLY O    O N N 116 
GLY OXT  O N N 117 
GLY H    H N N 118 
GLY H2   H N N 119 
GLY HA2  H N N 120 
GLY HA3  H N N 121 
GLY HXT  H N N 122 
HIS N    N N N 123 
HIS CA   C N S 124 
HIS C    C N N 125 
HIS O    O N N 126 
HIS CB   C N N 127 
HIS CG   C Y N 128 
HIS ND1  N Y N 129 
HIS CD2  C Y N 130 
HIS CE1  C Y N 131 
HIS NE2  N Y N 132 
HIS OXT  O N N 133 
HIS H    H N N 134 
HIS H2   H N N 135 
HIS HA   H N N 136 
HIS HB2  H N N 137 
HIS HB3  H N N 138 
HIS HD1  H N N 139 
HIS HD2  H N N 140 
HIS HE1  H N N 141 
HIS HE2  H N N 142 
HIS HXT  H N N 143 
HOH O    O N N 144 
HOH H1   H N N 145 
HOH H2   H N N 146 
ILE N    N N N 147 
ILE CA   C N S 148 
ILE C    C N N 149 
ILE O    O N N 150 
ILE CB   C N S 151 
ILE CG1  C N N 152 
ILE CG2  C N N 153 
ILE CD1  C N N 154 
ILE OXT  O N N 155 
ILE H    H N N 156 
ILE H2   H N N 157 
ILE HA   H N N 158 
ILE HB   H N N 159 
ILE HG12 H N N 160 
ILE HG13 H N N 161 
ILE HG21 H N N 162 
ILE HG22 H N N 163 
ILE HG23 H N N 164 
ILE HD11 H N N 165 
ILE HD12 H N N 166 
ILE HD13 H N N 167 
ILE HXT  H N N 168 
LEU N    N N N 169 
LEU CA   C N S 170 
LEU C    C N N 171 
LEU O    O N N 172 
LEU CB   C N N 173 
LEU CG   C N N 174 
LEU CD1  C N N 175 
LEU CD2  C N N 176 
LEU OXT  O N N 177 
LEU H    H N N 178 
LEU H2   H N N 179 
LEU HA   H N N 180 
LEU HB2  H N N 181 
LEU HB3  H N N 182 
LEU HG   H N N 183 
LEU HD11 H N N 184 
LEU HD12 H N N 185 
LEU HD13 H N N 186 
LEU HD21 H N N 187 
LEU HD22 H N N 188 
LEU HD23 H N N 189 
LEU HXT  H N N 190 
LYS N    N N N 191 
LYS CA   C N S 192 
LYS C    C N N 193 
LYS O    O N N 194 
LYS CB   C N N 195 
LYS CG   C N N 196 
LYS CD   C N N 197 
LYS CE   C N N 198 
LYS NZ   N N N 199 
LYS OXT  O N N 200 
LYS H    H N N 201 
LYS H2   H N N 202 
LYS HA   H N N 203 
LYS HB2  H N N 204 
LYS HB3  H N N 205 
LYS HG2  H N N 206 
LYS HG3  H N N 207 
LYS HD2  H N N 208 
LYS HD3  H N N 209 
LYS HE2  H N N 210 
LYS HE3  H N N 211 
LYS HZ1  H N N 212 
LYS HZ2  H N N 213 
LYS HZ3  H N N 214 
LYS HXT  H N N 215 
MET N    N N N 216 
MET CA   C N S 217 
MET C    C N N 218 
MET O    O N N 219 
MET CB   C N N 220 
MET CG   C N N 221 
MET SD   S N N 222 
MET CE   C N N 223 
MET OXT  O N N 224 
MET H    H N N 225 
MET H2   H N N 226 
MET HA   H N N 227 
MET HB2  H N N 228 
MET HB3  H N N 229 
MET HG2  H N N 230 
MET HG3  H N N 231 
MET HE1  H N N 232 
MET HE2  H N N 233 
MET HE3  H N N 234 
MET HXT  H N N 235 
PHE N    N N N 236 
PHE CA   C N S 237 
PHE C    C N N 238 
PHE O    O N N 239 
PHE CB   C N N 240 
PHE CG   C Y N 241 
PHE CD1  C Y N 242 
PHE CD2  C Y N 243 
PHE CE1  C Y N 244 
PHE CE2  C Y N 245 
PHE CZ   C Y N 246 
PHE OXT  O N N 247 
PHE H    H N N 248 
PHE H2   H N N 249 
PHE HA   H N N 250 
PHE HB2  H N N 251 
PHE HB3  H N N 252 
PHE HD1  H N N 253 
PHE HD2  H N N 254 
PHE HE1  H N N 255 
PHE HE2  H N N 256 
PHE HZ   H N N 257 
PHE HXT  H N N 258 
PRO N    N N N 259 
PRO CA   C N S 260 
PRO C    C N N 261 
PRO O    O N N 262 
PRO CB   C N N 263 
PRO CG   C N N 264 
PRO CD   C N N 265 
PRO OXT  O N N 266 
PRO H    H N N 267 
PRO HA   H N N 268 
PRO HB2  H N N 269 
PRO HB3  H N N 270 
PRO HG2  H N N 271 
PRO HG3  H N N 272 
PRO HD2  H N N 273 
PRO HD3  H N N 274 
PRO HXT  H N N 275 
SER N    N N N 276 
SER CA   C N S 277 
SER C    C N N 278 
SER O    O N N 279 
SER CB   C N N 280 
SER OG   O N N 281 
SER OXT  O N N 282 
SER H    H N N 283 
SER H2   H N N 284 
SER HA   H N N 285 
SER HB2  H N N 286 
SER HB3  H N N 287 
SER HG   H N N 288 
SER HXT  H N N 289 
THR N    N N N 290 
THR CA   C N S 291 
THR C    C N N 292 
THR O    O N N 293 
THR CB   C N R 294 
THR OG1  O N N 295 
THR CG2  C N N 296 
THR OXT  O N N 297 
THR H    H N N 298 
THR H2   H N N 299 
THR HA   H N N 300 
THR HB   H N N 301 
THR HG1  H N N 302 
THR HG21 H N N 303 
THR HG22 H N N 304 
THR HG23 H N N 305 
THR HXT  H N N 306 
TYR N    N N N 307 
TYR CA   C N S 308 
TYR C    C N N 309 
TYR O    O N N 310 
TYR CB   C N N 311 
TYR CG   C Y N 312 
TYR CD1  C Y N 313 
TYR CD2  C Y N 314 
TYR CE1  C Y N 315 
TYR CE2  C Y N 316 
TYR CZ   C Y N 317 
TYR OH   O N N 318 
TYR OXT  O N N 319 
TYR H    H N N 320 
TYR H2   H N N 321 
TYR HA   H N N 322 
TYR HB2  H N N 323 
TYR HB3  H N N 324 
TYR HD1  H N N 325 
TYR HD2  H N N 326 
TYR HE1  H N N 327 
TYR HE2  H N N 328 
TYR HH   H N N 329 
TYR HXT  H N N 330 
VAL N    N N N 331 
VAL CA   C N S 332 
VAL C    C N N 333 
VAL O    O N N 334 
VAL CB   C N N 335 
VAL CG1  C N N 336 
VAL CG2  C N N 337 
VAL OXT  O N N 338 
VAL H    H N N 339 
VAL H2   H N N 340 
VAL HA   H N N 341 
VAL HB   H N N 342 
VAL HG11 H N N 343 
VAL HG12 H N N 344 
VAL HG13 H N N 345 
VAL HG21 H N N 346 
VAL HG22 H N N 347 
VAL HG23 H N N 348 
VAL HXT  H N N 349 
# 
loop_
_chem_comp_bond.comp_id 
_chem_comp_bond.atom_id_1 
_chem_comp_bond.atom_id_2 
_chem_comp_bond.value_order 
_chem_comp_bond.pdbx_aromatic_flag 
_chem_comp_bond.pdbx_stereo_config 
_chem_comp_bond.pdbx_ordinal 
ALA N   CA   sing N N 1   
ALA N   H    sing N N 2   
ALA N   H2   sing N N 3   
ALA CA  C    sing N N 4   
ALA CA  CB   sing N N 5   
ALA CA  HA   sing N N 6   
ALA C   O    doub N N 7   
ALA C   OXT  sing N N 8   
ALA CB  HB1  sing N N 9   
ALA CB  HB2  sing N N 10  
ALA CB  HB3  sing N N 11  
ALA OXT HXT  sing N N 12  
ARG N   CA   sing N N 13  
ARG N   H    sing N N 14  
ARG N   H2   sing N N 15  
ARG CA  C    sing N N 16  
ARG CA  CB   sing N N 17  
ARG CA  HA   sing N N 18  
ARG C   O    doub N N 19  
ARG C   OXT  sing N N 20  
ARG CB  CG   sing N N 21  
ARG CB  HB2  sing N N 22  
ARG CB  HB3  sing N N 23  
ARG CG  CD   sing N N 24  
ARG CG  HG2  sing N N 25  
ARG CG  HG3  sing N N 26  
ARG CD  NE   sing N N 27  
ARG CD  HD2  sing N N 28  
ARG CD  HD3  sing N N 29  
ARG NE  CZ   sing N N 30  
ARG NE  HE   sing N N 31  
ARG CZ  NH1  sing N N 32  
ARG CZ  NH2  doub N N 33  
ARG NH1 HH11 sing N N 34  
ARG NH1 HH12 sing N N 35  
ARG NH2 HH21 sing N N 36  
ARG NH2 HH22 sing N N 37  
ARG OXT HXT  sing N N 38  
ASN N   CA   sing N N 39  
ASN N   H    sing N N 40  
ASN N   H2   sing N N 41  
ASN CA  C    sing N N 42  
ASN CA  CB   sing N N 43  
ASN CA  HA   sing N N 44  
ASN C   O    doub N N 45  
ASN C   OXT  sing N N 46  
ASN CB  CG   sing N N 47  
ASN CB  HB2  sing N N 48  
ASN CB  HB3  sing N N 49  
ASN CG  OD1  doub N N 50  
ASN CG  ND2  sing N N 51  
ASN ND2 HD21 sing N N 52  
ASN ND2 HD22 sing N N 53  
ASN OXT HXT  sing N N 54  
ASP N   CA   sing N N 55  
ASP N   H    sing N N 56  
ASP N   H2   sing N N 57  
ASP CA  C    sing N N 58  
ASP CA  CB   sing N N 59  
ASP CA  HA   sing N N 60  
ASP C   O    doub N N 61  
ASP C   OXT  sing N N 62  
ASP CB  CG   sing N N 63  
ASP CB  HB2  sing N N 64  
ASP CB  HB3  sing N N 65  
ASP CG  OD1  doub N N 66  
ASP CG  OD2  sing N N 67  
ASP OD2 HD2  sing N N 68  
ASP OXT HXT  sing N N 69  
GLN N   CA   sing N N 70  
GLN N   H    sing N N 71  
GLN N   H2   sing N N 72  
GLN CA  C    sing N N 73  
GLN CA  CB   sing N N 74  
GLN CA  HA   sing N N 75  
GLN C   O    doub N N 76  
GLN C   OXT  sing N N 77  
GLN CB  CG   sing N N 78  
GLN CB  HB2  sing N N 79  
GLN CB  HB3  sing N N 80  
GLN CG  CD   sing N N 81  
GLN CG  HG2  sing N N 82  
GLN CG  HG3  sing N N 83  
GLN CD  OE1  doub N N 84  
GLN CD  NE2  sing N N 85  
GLN NE2 HE21 sing N N 86  
GLN NE2 HE22 sing N N 87  
GLN OXT HXT  sing N N 88  
GLU N   CA   sing N N 89  
GLU N   H    sing N N 90  
GLU N   H2   sing N N 91  
GLU CA  C    sing N N 92  
GLU CA  CB   sing N N 93  
GLU CA  HA   sing N N 94  
GLU C   O    doub N N 95  
GLU C   OXT  sing N N 96  
GLU CB  CG   sing N N 97  
GLU CB  HB2  sing N N 98  
GLU CB  HB3  sing N N 99  
GLU CG  CD   sing N N 100 
GLU CG  HG2  sing N N 101 
GLU CG  HG3  sing N N 102 
GLU CD  OE1  doub N N 103 
GLU CD  OE2  sing N N 104 
GLU OE2 HE2  sing N N 105 
GLU OXT HXT  sing N N 106 
GLY N   CA   sing N N 107 
GLY N   H    sing N N 108 
GLY N   H2   sing N N 109 
GLY CA  C    sing N N 110 
GLY CA  HA2  sing N N 111 
GLY CA  HA3  sing N N 112 
GLY C   O    doub N N 113 
GLY C   OXT  sing N N 114 
GLY OXT HXT  sing N N 115 
HIS N   CA   sing N N 116 
HIS N   H    sing N N 117 
HIS N   H2   sing N N 118 
HIS CA  C    sing N N 119 
HIS CA  CB   sing N N 120 
HIS CA  HA   sing N N 121 
HIS C   O    doub N N 122 
HIS C   OXT  sing N N 123 
HIS CB  CG   sing N N 124 
HIS CB  HB2  sing N N 125 
HIS CB  HB3  sing N N 126 
HIS CG  ND1  sing Y N 127 
HIS CG  CD2  doub Y N 128 
HIS ND1 CE1  doub Y N 129 
HIS ND1 HD1  sing N N 130 
HIS CD2 NE2  sing Y N 131 
HIS CD2 HD2  sing N N 132 
HIS CE1 NE2  sing Y N 133 
HIS CE1 HE1  sing N N 134 
HIS NE2 HE2  sing N N 135 
HIS OXT HXT  sing N N 136 
HOH O   H1   sing N N 137 
HOH O   H2   sing N N 138 
ILE N   CA   sing N N 139 
ILE N   H    sing N N 140 
ILE N   H2   sing N N 141 
ILE CA  C    sing N N 142 
ILE CA  CB   sing N N 143 
ILE CA  HA   sing N N 144 
ILE C   O    doub N N 145 
ILE C   OXT  sing N N 146 
ILE CB  CG1  sing N N 147 
ILE CB  CG2  sing N N 148 
ILE CB  HB   sing N N 149 
ILE CG1 CD1  sing N N 150 
ILE CG1 HG12 sing N N 151 
ILE CG1 HG13 sing N N 152 
ILE CG2 HG21 sing N N 153 
ILE CG2 HG22 sing N N 154 
ILE CG2 HG23 sing N N 155 
ILE CD1 HD11 sing N N 156 
ILE CD1 HD12 sing N N 157 
ILE CD1 HD13 sing N N 158 
ILE OXT HXT  sing N N 159 
LEU N   CA   sing N N 160 
LEU N   H    sing N N 161 
LEU N   H2   sing N N 162 
LEU CA  C    sing N N 163 
LEU CA  CB   sing N N 164 
LEU CA  HA   sing N N 165 
LEU C   O    doub N N 166 
LEU C   OXT  sing N N 167 
LEU CB  CG   sing N N 168 
LEU CB  HB2  sing N N 169 
LEU CB  HB3  sing N N 170 
LEU CG  CD1  sing N N 171 
LEU CG  CD2  sing N N 172 
LEU CG  HG   sing N N 173 
LEU CD1 HD11 sing N N 174 
LEU CD1 HD12 sing N N 175 
LEU CD1 HD13 sing N N 176 
LEU CD2 HD21 sing N N 177 
LEU CD2 HD22 sing N N 178 
LEU CD2 HD23 sing N N 179 
LEU OXT HXT  sing N N 180 
LYS N   CA   sing N N 181 
LYS N   H    sing N N 182 
LYS N   H2   sing N N 183 
LYS CA  C    sing N N 184 
LYS CA  CB   sing N N 185 
LYS CA  HA   sing N N 186 
LYS C   O    doub N N 187 
LYS C   OXT  sing N N 188 
LYS CB  CG   sing N N 189 
LYS CB  HB2  sing N N 190 
LYS CB  HB3  sing N N 191 
LYS CG  CD   sing N N 192 
LYS CG  HG2  sing N N 193 
LYS CG  HG3  sing N N 194 
LYS CD  CE   sing N N 195 
LYS CD  HD2  sing N N 196 
LYS CD  HD3  sing N N 197 
LYS CE  NZ   sing N N 198 
LYS CE  HE2  sing N N 199 
LYS CE  HE3  sing N N 200 
LYS NZ  HZ1  sing N N 201 
LYS NZ  HZ2  sing N N 202 
LYS NZ  HZ3  sing N N 203 
LYS OXT HXT  sing N N 204 
MET N   CA   sing N N 205 
MET N   H    sing N N 206 
MET N   H2   sing N N 207 
MET CA  C    sing N N 208 
MET CA  CB   sing N N 209 
MET CA  HA   sing N N 210 
MET C   O    doub N N 211 
MET C   OXT  sing N N 212 
MET CB  CG   sing N N 213 
MET CB  HB2  sing N N 214 
MET CB  HB3  sing N N 215 
MET CG  SD   sing N N 216 
MET CG  HG2  sing N N 217 
MET CG  HG3  sing N N 218 
MET SD  CE   sing N N 219 
MET CE  HE1  sing N N 220 
MET CE  HE2  sing N N 221 
MET CE  HE3  sing N N 222 
MET OXT HXT  sing N N 223 
PHE N   CA   sing N N 224 
PHE N   H    sing N N 225 
PHE N   H2   sing N N 226 
PHE CA  C    sing N N 227 
PHE CA  CB   sing N N 228 
PHE CA  HA   sing N N 229 
PHE C   O    doub N N 230 
PHE C   OXT  sing N N 231 
PHE CB  CG   sing N N 232 
PHE CB  HB2  sing N N 233 
PHE CB  HB3  sing N N 234 
PHE CG  CD1  doub Y N 235 
PHE CG  CD2  sing Y N 236 
PHE CD1 CE1  sing Y N 237 
PHE CD1 HD1  sing N N 238 
PHE CD2 CE2  doub Y N 239 
PHE CD2 HD2  sing N N 240 
PHE CE1 CZ   doub Y N 241 
PHE CE1 HE1  sing N N 242 
PHE CE2 CZ   sing Y N 243 
PHE CE2 HE2  sing N N 244 
PHE CZ  HZ   sing N N 245 
PHE OXT HXT  sing N N 246 
PRO N   CA   sing N N 247 
PRO N   CD   sing N N 248 
PRO N   H    sing N N 249 
PRO CA  C    sing N N 250 
PRO CA  CB   sing N N 251 
PRO CA  HA   sing N N 252 
PRO C   O    doub N N 253 
PRO C   OXT  sing N N 254 
PRO CB  CG   sing N N 255 
PRO CB  HB2  sing N N 256 
PRO CB  HB3  sing N N 257 
PRO CG  CD   sing N N 258 
PRO CG  HG2  sing N N 259 
PRO CG  HG3  sing N N 260 
PRO CD  HD2  sing N N 261 
PRO CD  HD3  sing N N 262 
PRO OXT HXT  sing N N 263 
SER N   CA   sing N N 264 
SER N   H    sing N N 265 
SER N   H2   sing N N 266 
SER CA  C    sing N N 267 
SER CA  CB   sing N N 268 
SER CA  HA   sing N N 269 
SER C   O    doub N N 270 
SER C   OXT  sing N N 271 
SER CB  OG   sing N N 272 
SER CB  HB2  sing N N 273 
SER CB  HB3  sing N N 274 
SER OG  HG   sing N N 275 
SER OXT HXT  sing N N 276 
THR N   CA   sing N N 277 
THR N   H    sing N N 278 
THR N   H2   sing N N 279 
THR CA  C    sing N N 280 
THR CA  CB   sing N N 281 
THR CA  HA   sing N N 282 
THR C   O    doub N N 283 
THR C   OXT  sing N N 284 
THR CB  OG1  sing N N 285 
THR CB  CG2  sing N N 286 
THR CB  HB   sing N N 287 
THR OG1 HG1  sing N N 288 
THR CG2 HG21 sing N N 289 
THR CG2 HG22 sing N N 290 
THR CG2 HG23 sing N N 291 
THR OXT HXT  sing N N 292 
TYR N   CA   sing N N 293 
TYR N   H    sing N N 294 
TYR N   H2   sing N N 295 
TYR CA  C    sing N N 296 
TYR CA  CB   sing N N 297 
TYR CA  HA   sing N N 298 
TYR C   O    doub N N 299 
TYR C   OXT  sing N N 300 
TYR CB  CG   sing N N 301 
TYR CB  HB2  sing N N 302 
TYR CB  HB3  sing N N 303 
TYR CG  CD1  doub Y N 304 
TYR CG  CD2  sing Y N 305 
TYR CD1 CE1  sing Y N 306 
TYR CD1 HD1  sing N N 307 
TYR CD2 CE2  doub Y N 308 
TYR CD2 HD2  sing N N 309 
TYR CE1 CZ   doub Y N 310 
TYR CE1 HE1  sing N N 311 
TYR CE2 CZ   sing Y N 312 
TYR CE2 HE2  sing N N 313 
TYR CZ  OH   sing N N 314 
TYR OH  HH   sing N N 315 
TYR OXT HXT  sing N N 316 
VAL N   CA   sing N N 317 
VAL N   H    sing N N 318 
VAL N   H2   sing N N 319 
VAL CA  C    sing N N 320 
VAL CA  CB   sing N N 321 
VAL CA  HA   sing N N 322 
VAL C   O    doub N N 323 
VAL C   OXT  sing N N 324 
VAL CB  CG1  sing N N 325 
VAL CB  CG2  sing N N 326 
VAL CB  HB   sing N N 327 
VAL CG1 HG11 sing N N 328 
VAL CG1 HG12 sing N N 329 
VAL CG1 HG13 sing N N 330 
VAL CG2 HG21 sing N N 331 
VAL CG2 HG22 sing N N 332 
VAL CG2 HG23 sing N N 333 
VAL OXT HXT  sing N N 334 
# 
_pdbx_initial_refinement_model.accession_code   ? 
_pdbx_initial_refinement_model.id               1 
_pdbx_initial_refinement_model.entity_id_list   ? 
_pdbx_initial_refinement_model.type             'experimental model' 
_pdbx_initial_refinement_model.source_name      Other 
_pdbx_initial_refinement_model.details          'The first domain of L1 from Thermus thermophilus' 
# 
_atom_sites.entry_id                    2OUM 
_atom_sites.fract_transf_matrix[1][1]   -0.00232817 
_atom_sites.fract_transf_matrix[1][2]   -0.02100478 
_atom_sites.fract_transf_matrix[1][3]   -0.02417282 
_atom_sites.fract_transf_matrix[2][1]   -0.01805240 
_atom_sites.fract_transf_matrix[2][2]   0.01038654 
_atom_sites.fract_transf_matrix[2][3]   -0.00728661 
_atom_sites.fract_transf_matrix[3][1]   0.01469185 
_atom_sites.fract_transf_matrix[3][2]   0.01234973 
_atom_sites.fract_transf_matrix[3][3]   -0.01879506 
_atom_sites.fract_transf_vector[1]      -0.286758 
_atom_sites.fract_transf_vector[2]      0.240805 
_atom_sites.fract_transf_vector[3]      -0.411968 
# 
loop_
_atom_type.symbol 
C 
N 
O 
S 
# 
loop_
_atom_site.group_PDB 
_atom_site.id 
_atom_site.type_symbol 
_atom_site.label_atom_id 
_atom_site.label_alt_id 
_atom_site.label_comp_id 
_atom_site.label_asym_id 
_atom_site.label_entity_id 
_atom_site.label_seq_id 
_atom_site.pdbx_PDB_ins_code 
_atom_site.Cartn_x 
_atom_site.Cartn_y 
_atom_site.Cartn_z 
_atom_site.occupancy 
_atom_site.B_iso_or_equiv 
_atom_site.pdbx_formal_charge 
_atom_site.auth_seq_id 
_atom_site.auth_comp_id 
_atom_site.auth_asym_id 
_atom_site.auth_atom_id 
_atom_site.pdbx_PDB_model_num 
ATOM   1    N N   . ALA A 1 9   ? -9.413  -5.213  21.642  1.00 40.06 ? 9   ALA A N   1 
ATOM   2    C CA  . ALA A 1 9   ? -7.981  -4.988  21.286  1.00 49.56 ? 9   ALA A CA  1 
ATOM   3    C C   . ALA A 1 9   ? -7.751  -5.071  19.772  1.00 45.79 ? 9   ALA A C   1 
ATOM   4    O O   . ALA A 1 9   ? -8.383  -5.864  19.080  1.00 51.11 ? 9   ALA A O   1 
ATOM   5    C CB  . ALA A 1 9   ? -7.085  -5.978  22.035  1.00 38.56 ? 9   ALA A CB  1 
ATOM   6    N N   . LEU A 1 10  ? -6.868  -4.220  19.259  1.00 63.30 ? 10  LEU A N   1 
ATOM   7    C CA  . LEU A 1 10  ? -6.549  -4.212  17.829  1.00 70.36 ? 10  LEU A CA  1 
ATOM   8    C C   . LEU A 1 10  ? -5.786  -5.469  17.414  1.00 72.90 ? 10  LEU A C   1 
ATOM   9    O O   . LEU A 1 10  ? -6.188  -6.170  16.480  1.00 76.79 ? 10  LEU A O   1 
ATOM   10   C CB  . LEU A 1 10  ? -5.730  -2.969  17.448  1.00 71.20 ? 10  LEU A CB  1 
ATOM   11   C CG  . LEU A 1 10  ? -6.364  -1.582  17.295  1.00 73.92 ? 10  LEU A CG  1 
ATOM   12   C CD1 . LEU A 1 10  ? -7.184  -1.148  18.521  1.00 64.71 ? 10  LEU A CD1 1 
ATOM   13   C CD2 . LEU A 1 10  ? -5.267  -0.562  16.957  1.00 68.41 ? 10  LEU A CD2 1 
ATOM   14   N N   . LEU A 1 11  ? -4.677  -5.734  18.111  1.00 62.01 ? 11  LEU A N   1 
ATOM   15   C CA  . LEU A 1 11  ? -3.815  -6.882  17.824  1.00 63.79 ? 11  LEU A CA  1 
ATOM   16   C C   . LEU A 1 11  ? -4.572  -8.172  17.491  1.00 65.92 ? 11  LEU A C   1 
ATOM   17   O O   . LEU A 1 11  ? -4.148  -8.942  16.622  1.00 75.24 ? 11  LEU A O   1 
ATOM   18   C CB  . LEU A 1 11  ? -2.867  -7.136  19.002  1.00 65.77 ? 11  LEU A CB  1 
ATOM   19   C CG  . LEU A 1 11  ? -1.691  -6.193  19.286  1.00 52.84 ? 11  LEU A CG  1 
ATOM   20   C CD1 . LEU A 1 11  ? -2.112  -4.738  19.412  1.00 55.31 ? 11  LEU A CD1 1 
ATOM   21   C CD2 . LEU A 1 11  ? -1.001  -6.660  20.557  1.00 78.49 ? 11  LEU A CD2 1 
ATOM   22   N N   . GLU A 1 12  ? -5.681  -8.402  18.188  1.00 51.34 ? 12  GLU A N   1 
ATOM   23   C CA  . GLU A 1 12  ? -6.479  -9.606  17.997  1.00 44.15 ? 12  GLU A CA  1 
ATOM   24   C C   . GLU A 1 12  ? -7.468  -9.511  16.832  1.00 41.19 ? 12  GLU A C   1 
ATOM   25   O O   . GLU A 1 12  ? -8.193  -10.461 16.547  1.00 46.67 ? 12  GLU A O   1 
ATOM   26   C CB  . GLU A 1 12  ? -7.194  -9.975  19.299  1.00 56.00 ? 12  GLU A CB  1 
ATOM   27   C CG  . GLU A 1 12  ? -6.251  -10.391 20.429  1.00 62.45 ? 12  GLU A CG  1 
ATOM   28   C CD  . GLU A 1 12  ? -6.986  -10.692 21.730  1.00 73.46 ? 12  GLU A CD  1 
ATOM   29   O OE1 . GLU A 1 12  ? -8.197  -10.389 21.816  1.00 70.81 ? 12  GLU A OE1 1 
ATOM   30   O OE2 . GLU A 1 12  ? -6.346  -11.213 22.676  1.00 73.17 ? 12  GLU A OE2 1 
ATOM   31   N N   . LYS A 1 13  ? -7.525  -8.350  16.188  1.00 56.20 ? 13  LYS A N   1 
ATOM   32   C CA  . LYS A 1 13  ? -8.392  -8.160  15.016  1.00 53.25 ? 13  LYS A CA  1 
ATOM   33   C C   . LYS A 1 13  ? -7.591  -8.373  13.728  1.00 43.08 ? 13  LYS A C   1 
ATOM   34   O O   . LYS A 1 13  ? -8.159  -8.569  12.651  1.00 44.77 ? 13  LYS A O   1 
ATOM   35   C CB  . LYS A 1 13  ? -9.063  -6.783  15.037  1.00 55.41 ? 13  LYS A CB  1 
ATOM   36   C CG  . LYS A 1 13  ? -10.066 -6.620  16.177  1.00 63.79 ? 13  LYS A CG  1 
ATOM   37   C CD  . LYS A 1 13  ? -10.741 -5.261  16.155  1.00 58.89 ? 13  LYS A CD  1 
ATOM   38   C CE  . LYS A 1 13  ? -11.781 -5.154  17.261  1.00 58.14 ? 13  LYS A CE  1 
ATOM   39   N NZ  . LYS A 1 13  ? -12.850 -6.185  17.098  1.00 56.73 ? 13  LYS A NZ  1 
ATOM   40   N N   . VAL A 1 14  ? -6.268  -8.395  13.874  1.00 35.33 ? 14  VAL A N   1 
ATOM   41   C CA  . VAL A 1 14  ? -5.351  -8.614  12.769  1.00 32.43 ? 14  VAL A CA  1 
ATOM   42   C C   . VAL A 1 14  ? -4.566  -9.906  12.997  1.00 43.18 ? 14  VAL A C   1 
ATOM   43   O O   . VAL A 1 14  ? -4.057  -10.161 14.094  1.00 44.24 ? 14  VAL A O   1 
ATOM   44   C CB  . VAL A 1 14  ? -4.358  -7.428  12.607  1.00 42.44 ? 14  VAL A CB  1 
ATOM   45   C CG1 . VAL A 1 14  ? -3.435  -7.619  11.375  1.00 26.54 ? 14  VAL A CG1 1 
ATOM   46   C CG2 . VAL A 1 14  ? -5.115  -6.122  12.498  1.00 48.35 ? 14  VAL A CG2 1 
ATOM   47   N N   . ASP A 1 15  ? -4.517  -10.735 11.959  1.00 47.00 ? 15  ASP A N   1 
ATOM   48   C CA  . ASP A 1 15  ? -3.769  -11.980 11.978  1.00 35.58 ? 15  ASP A CA  1 
ATOM   49   C C   . ASP A 1 15  ? -2.458  -11.660 11.272  1.00 27.49 ? 15  ASP A C   1 
ATOM   50   O O   . ASP A 1 15  ? -2.452  -11.428 10.066  1.00 41.06 ? 15  ASP A O   1 
ATOM   51   C CB  . ASP A 1 15  ? -4.558  -13.051 11.228  1.00 39.91 ? 15  ASP A CB  1 
ATOM   52   C CG  . ASP A 1 15  ? -3.920  -14.425 11.305  1.00 51.72 ? 15  ASP A CG  1 
ATOM   53   O OD1 . ASP A 1 15  ? -2.713  -14.525 11.627  1.00 63.84 ? 15  ASP A OD1 1 
ATOM   54   O OD2 . ASP A 1 15  ? -4.631  -15.410 11.003  1.00 45.66 ? 15  ASP A OD2 1 
ATOM   55   N N   . PRO A 1 16  ? -1.344  -11.589 12.024  1.00 32.17 ? 16  PRO A N   1 
ATOM   56   C CA  . PRO A 1 16  ? -0.071  -11.216 11.404  1.00 35.03 ? 16  PRO A CA  1 
ATOM   57   C C   . PRO A 1 16  ? 0.343   -12.115 10.238  1.00 42.93 ? 16  PRO A C   1 
ATOM   58   O O   . PRO A 1 16  ? 1.063   -11.675 9.336   1.00 36.10 ? 16  PRO A O   1 
ATOM   59   C CB  . PRO A 1 16  ? 0.938   -11.348 12.558  1.00 32.42 ? 16  PRO A CB  1 
ATOM   60   C CG  . PRO A 1 16  ? 0.134   -11.236 13.788  1.00 37.71 ? 16  PRO A CG  1 
ATOM   61   C CD  . PRO A 1 16  ? -1.192  -11.857 13.464  1.00 40.06 ? 16  PRO A CD  1 
ATOM   62   N N   . ASN A 1 17  ? -0.150  -13.345 10.235  1.00 41.16 ? 17  ASN A N   1 
ATOM   63   C CA  . ASN A 1 17  ? 0.247   -14.309 9.222   1.00 40.98 ? 17  ASN A CA  1 
ATOM   64   C C   . ASN A 1 17  ? -0.665  -14.344 7.999   1.00 39.03 ? 17  ASN A C   1 
ATOM   65   O O   . ASN A 1 17  ? -0.230  -14.698 6.905   1.00 41.44 ? 17  ASN A O   1 
ATOM   66   C CB  . ASN A 1 17  ? 0.378   -15.695 9.868   1.00 34.58 ? 17  ASN A CB  1 
ATOM   67   C CG  . ASN A 1 17  ? 1.392   -15.707 11.013  1.00 37.67 ? 17  ASN A CG  1 
ATOM   68   O OD1 . ASN A 1 17  ? 2.523   -15.250 10.858  1.00 40.38 ? 17  ASN A OD1 1 
ATOM   69   N ND2 . ASN A 1 17  ? 0.988   -16.236 12.161  1.00 40.59 ? 17  ASN A ND2 1 
ATOM   70   N N   . LYS A 1 18  ? -1.905  -13.905 8.174   1.00 32.05 ? 18  LYS A N   1 
ATOM   71   C CA  . LYS A 1 18  ? -2.886  -13.922 7.094   1.00 30.67 ? 18  LYS A CA  1 
ATOM   72   C C   . LYS A 1 18  ? -2.695  -12.803 6.074   1.00 25.58 ? 18  LYS A C   1 
ATOM   73   O O   . LYS A 1 18  ? -2.278  -11.704 6.417   1.00 37.64 ? 18  LYS A O   1 
ATOM   74   C CB  . LYS A 1 18  ? -4.294  -13.869 7.685   1.00 22.41 ? 18  LYS A CB  1 
ATOM   75   C CG  . LYS A 1 18  ? -5.427  -13.966 6.691   1.00 24.78 ? 18  LYS A CG  1 
ATOM   76   C CD  . LYS A 1 18  ? -6.761  -13.963 7.435   1.00 37.31 ? 18  LYS A CD  1 
ATOM   77   C CE  . LYS A 1 18  ? -7.962  -13.927 6.496   1.00 24.05 ? 18  LYS A CE  1 
ATOM   78   N NZ  . LYS A 1 18  ? -9.220  -13.834 7.299   1.00 35.00 ? 18  LYS A NZ  1 
ATOM   79   N N   . ILE A 1 19  ? -2.917  -13.125 4.806   1.00 26.85 ? 19  ILE A N   1 
ATOM   80   C CA  . ILE A 1 19  ? -2.857  -12.133 3.749   1.00 22.11 ? 19  ILE A CA  1 
ATOM   81   C C   . ILE A 1 19  ? -4.307  -11.794 3.397   1.00 27.10 ? 19  ILE A C   1 
ATOM   82   O O   . ILE A 1 19  ? -5.101  -12.672 3.082   1.00 32.53 ? 19  ILE A O   1 
ATOM   83   C CB  . ILE A 1 19  ? -2.105  -12.641 2.491   1.00 31.58 ? 19  ILE A CB  1 
ATOM   84   C CG1 . ILE A 1 19  ? -0.654  -12.995 2.824   1.00 36.01 ? 19  ILE A CG1 1 
ATOM   85   C CG2 . ILE A 1 19  ? -2.132  -11.596 1.397   1.00 17.62 ? 19  ILE A CG2 1 
ATOM   86   C CD1 . ILE A 1 19  ? 0.189   -13.400 1.601   1.00 42.92 ? 19  ILE A CD1 1 
ATOM   87   N N   . TYR A 1 20  ? -4.654  -10.523 3.523   1.00 28.19 ? 20  TYR A N   1 
ATOM   88   C CA  . TYR A 1 20  ? -6.002  -10.050 3.262   1.00 14.15 ? 20  TYR A CA  1 
ATOM   89   C C   . TYR A 1 20  ? -6.159  -9.526  1.851   1.00 17.44 ? 20  TYR A C   1 
ATOM   90   O O   . TYR A 1 20  ? -5.179  -9.208  1.184   1.00 25.75 ? 20  TYR A O   1 
ATOM   91   C CB  . TYR A 1 20  ? -6.349  -8.929  4.245   1.00 26.34 ? 20  TYR A CB  1 
ATOM   92   C CG  . TYR A 1 20  ? -6.387  -9.357  5.691   1.00 19.28 ? 20  TYR A CG  1 
ATOM   93   C CD1 . TYR A 1 20  ? -7.558  -9.814  6.262   1.00 9.55  ? 20  TYR A CD1 1 
ATOM   94   C CD2 . TYR A 1 20  ? -5.233  -9.304  6.487   1.00 15.56 ? 20  TYR A CD2 1 
ATOM   95   C CE1 . TYR A 1 20  ? -7.602  -10.202 7.580   1.00 19.76 ? 20  TYR A CE1 1 
ATOM   96   C CE2 . TYR A 1 20  ? -5.271  -9.688  7.836   1.00 20.10 ? 20  TYR A CE2 1 
ATOM   97   C CZ  . TYR A 1 20  ? -6.460  -10.143 8.363   1.00 23.25 ? 20  TYR A CZ  1 
ATOM   98   O OH  . TYR A 1 20  ? -6.509  -10.528 9.680   1.00 35.75 ? 20  TYR A OH  1 
ATOM   99   N N   . THR A 1 21  ? -7.402  -9.435  1.398   1.00 17.59 ? 21  THR A N   1 
ATOM   100  C CA  . THR A 1 21  ? -7.685  -8.897  0.077   1.00 24.52 ? 21  THR A CA  1 
ATOM   101  C C   . THR A 1 21  ? -7.897  -7.395  0.225   1.00 10.74 ? 21  THR A C   1 
ATOM   102  O O   . THR A 1 21  ? -8.137  -6.903  1.315   1.00 37.22 ? 21  THR A O   1 
ATOM   103  C CB  . THR A 1 21  ? -8.925  -9.557  -0.556  1.00 30.25 ? 21  THR A CB  1 
ATOM   104  O OG1 . THR A 1 21  ? -10.097 -9.214  0.190   1.00 41.96 ? 21  THR A OG1 1 
ATOM   105  C CG2 . THR A 1 21  ? -8.770  -11.071 -0.569  1.00 44.33 ? 21  THR A CG2 1 
ATOM   106  N N   . ILE A 1 22  ? -7.766  -6.659  -0.863  1.00 33.47 ? 22  ILE A N   1 
ATOM   107  C CA  . ILE A 1 22  ? -7.924  -5.213  -0.828  1.00 22.18 ? 22  ILE A CA  1 
ATOM   108  C C   . ILE A 1 22  ? -9.216  -4.735  -0.157  1.00 33.35 ? 22  ILE A C   1 
ATOM   109  O O   . ILE A 1 22  ? -9.217  -3.700  0.510   1.00 43.52 ? 22  ILE A O   1 
ATOM   110  C CB  . ILE A 1 22  ? -7.795  -4.629  -2.236  1.00 22.27 ? 22  ILE A CB  1 
ATOM   111  C CG1 . ILE A 1 22  ? -6.412  -4.978  -2.793  1.00 14.37 ? 22  ILE A CG1 1 
ATOM   112  C CG2 . ILE A 1 22  ? -8.037  -3.127  -2.221  1.00 19.48 ? 22  ILE A CG2 1 
ATOM   113  C CD1 . ILE A 1 22  ? -6.049  -4.268  -4.091  1.00 20.79 ? 22  ILE A CD1 1 
ATOM   114  N N   . ASP A 1 23  ? -10.306 -5.486  -0.322  1.00 32.71 ? 23  ASP A N   1 
ATOM   115  C CA  . ASP A 1 23  ? -11.577 -5.102  0.284   1.00 26.29 ? 23  ASP A CA  1 
ATOM   116  C C   . ASP A 1 23  ? -11.566 -5.303  1.807   1.00 34.16 ? 23  ASP A C   1 
ATOM   117  O O   . ASP A 1 23  ? -11.939 -4.393  2.548   1.00 40.17 ? 23  ASP A O   1 
ATOM   118  C CB  . ASP A 1 23  ? -12.761 -5.839  -0.355  1.00 36.70 ? 23  ASP A CB  1 
ATOM   119  C CG  . ASP A 1 23  ? -14.119 -5.266  0.088   1.00 49.37 ? 23  ASP A CG  1 
ATOM   120  O OD1 . ASP A 1 23  ? -14.402 -4.081  -0.212  1.00 49.13 ? 23  ASP A OD1 1 
ATOM   121  O OD2 . ASP A 1 23  ? -14.923 -6.014  0.692   1.00 48.89 ? 23  ASP A OD2 1 
ATOM   122  N N   . GLU A 1 24  ? -11.180 -6.501  2.255   1.00 19.62 ? 24  GLU A N   1 
ATOM   123  C CA  . GLU A 1 24  ? -11.054 -6.830  3.681   1.00 15.26 ? 24  GLU A CA  1 
ATOM   124  C C   . GLU A 1 24  ? -10.229 -5.793  4.458   1.00 22.34 ? 24  GLU A C   1 
ATOM   125  O O   . GLU A 1 24  ? -10.675 -5.259  5.465   1.00 30.14 ? 24  GLU A O   1 
ATOM   126  C CB  . GLU A 1 24  ? -10.395 -8.203  3.857   1.00 24.43 ? 24  GLU A CB  1 
ATOM   127  C CG  . GLU A 1 24  ? -11.221 -9.382  3.392   1.00 35.72 ? 24  GLU A CG  1 
ATOM   128  C CD  . GLU A 1 24  ? -10.604 -10.733 3.745   1.00 41.63 ? 24  GLU A CD  1 
ATOM   129  O OE1 . GLU A 1 24  ? -9.371  -10.903 3.630   1.00 40.24 ? 24  GLU A OE1 1 
ATOM   130  O OE2 . GLU A 1 24  ? -11.378 -11.650 4.084   1.00 57.66 ? 24  GLU A OE2 1 
ATOM   131  N N   . ALA A 1 25  ? -9.018  -5.533  3.982   1.00 15.98 ? 25  ALA A N   1 
ATOM   132  C CA  . ALA A 1 25  ? -8.113  -4.549  4.566   1.00 26.14 ? 25  ALA A CA  1 
ATOM   133  C C   . ALA A 1 25  ? -8.761  -3.176  4.779   1.00 23.11 ? 25  ALA A C   1 
ATOM   134  O O   . ALA A 1 25  ? -8.628  -2.587  5.843   1.00 33.76 ? 25  ALA A O   1 
ATOM   135  C CB  . ALA A 1 25  ? -6.871  -4.405  3.689   1.00 14.41 ? 25  ALA A CB  1 
ATOM   136  N N   . ALA A 1 26  ? -9.415  -2.661  3.742   1.00 28.52 ? 26  ALA A N   1 
ATOM   137  C CA  . ALA A 1 26  ? -10.084 -1.360  3.790   1.00 18.67 ? 26  ALA A CA  1 
ATOM   138  C C   . ALA A 1 26  ? -11.107 -1.260  4.930   1.00 32.90 ? 26  ALA A C   1 
ATOM   139  O O   . ALA A 1 26  ? -11.263 -0.202  5.545   1.00 23.66 ? 26  ALA A O   1 
ATOM   140  C CB  . ALA A 1 26  ? -10.745 -1.071  2.456   1.00 18.95 ? 26  ALA A CB  1 
ATOM   141  N N   . HIS A 1 27  ? -11.814 -2.360  5.187   1.00 17.45 ? 27  HIS A N   1 
ATOM   142  C CA  . HIS A 1 27  ? -12.779 -2.425  6.281   1.00 22.86 ? 27  HIS A CA  1 
ATOM   143  C C   . HIS A 1 27  ? -12.139 -2.704  7.643   1.00 30.21 ? 27  HIS A C   1 
ATOM   144  O O   . HIS A 1 27  ? -12.793 -2.562  8.681   1.00 49.26 ? 27  HIS A O   1 
ATOM   145  C CB  . HIS A 1 27  ? -13.857 -3.484  5.998   1.00 25.17 ? 27  HIS A CB  1 
ATOM   146  C CG  . HIS A 1 27  ? -14.937 -3.018  5.067   1.00 28.50 ? 27  HIS A CG  1 
ATOM   147  N ND1 . HIS A 1 27  ? -14.812 -3.061  3.697   1.00 18.99 ? 27  HIS A ND1 1 
ATOM   148  C CD2 . HIS A 1 27  ? -16.163 -2.501  5.315   1.00 27.57 ? 27  HIS A CD2 1 
ATOM   149  C CE1 . HIS A 1 27  ? -15.903 -2.573  3.139   1.00 18.08 ? 27  HIS A CE1 1 
ATOM   150  N NE2 . HIS A 1 27  ? -16.738 -2.222  4.099   1.00 29.98 ? 27  HIS A NE2 1 
ATOM   151  N N   . LEU A 1 28  ? -10.867 -3.099  7.639   1.00 31.27 ? 28  LEU A N   1 
ATOM   152  C CA  . LEU A 1 28  ? -10.172 -3.456  8.872   1.00 25.71 ? 28  LEU A CA  1 
ATOM   153  C C   . LEU A 1 28  ? -9.333  -2.298  9.373   1.00 18.45 ? 28  LEU A C   1 
ATOM   154  O O   . LEU A 1 28  ? -9.166  -2.125  10.570  1.00 26.59 ? 28  LEU A O   1 
ATOM   155  C CB  . LEU A 1 28  ? -9.306  -4.697  8.658   1.00 28.27 ? 28  LEU A CB  1 
ATOM   156  C CG  . LEU A 1 28  ? -8.791  -5.431  9.892   1.00 30.90 ? 28  LEU A CG  1 
ATOM   157  C CD1 . LEU A 1 28  ? -9.946  -6.082  10.633  1.00 43.71 ? 28  LEU A CD1 1 
ATOM   158  C CD2 . LEU A 1 28  ? -7.804  -6.475  9.473   1.00 37.53 ? 28  LEU A CD2 1 
ATOM   159  N N   . VAL A 1 29  ? -8.812  -1.505  8.451   1.00 7.37  ? 29  VAL A N   1 
ATOM   160  C CA  . VAL A 1 29  ? -8.038  -0.322  8.798   1.00 18.92 ? 29  VAL A CA  1 
ATOM   161  C C   . VAL A 1 29  ? -8.921  0.727   9.497   1.00 32.78 ? 29  VAL A C   1 
ATOM   162  O O   . VAL A 1 29  ? -8.412  1.602   10.200  1.00 36.77 ? 29  VAL A O   1 
ATOM   163  C CB  . VAL A 1 29  ? -7.337  0.277   7.564   1.00 24.61 ? 29  VAL A CB  1 
ATOM   164  C CG1 . VAL A 1 29  ? -6.705  1.594   7.895   1.00 52.50 ? 29  VAL A CG1 1 
ATOM   165  C CG2 . VAL A 1 29  ? -6.280  -0.676  7.047   1.00 46.81 ? 29  VAL A CG2 1 
ATOM   166  N N   . LYS A 1 30  ? -10.238 0.613   9.325   1.00 28.31 ? 30  LYS A N   1 
ATOM   167  C CA  . LYS A 1 30  ? -11.193 1.502   9.993   1.00 33.71 ? 30  LYS A CA  1 
ATOM   168  C C   . LYS A 1 30  ? -11.387 1.131   11.466  1.00 33.19 ? 30  LYS A C   1 
ATOM   169  O O   . LYS A 1 30  ? -11.717 1.985   12.281  1.00 50.09 ? 30  LYS A O   1 
ATOM   170  C CB  . LYS A 1 30  ? -12.555 1.522   9.276   1.00 28.77 ? 30  LYS A CB  1 
ATOM   171  C CG  . LYS A 1 30  ? -12.522 2.168   7.901   1.00 34.45 ? 30  LYS A CG  1 
ATOM   172  C CD  . LYS A 1 30  ? -13.900 2.227   7.268   1.00 32.17 ? 30  LYS A CD  1 
ATOM   173  C CE  . LYS A 1 30  ? -14.779 3.331   7.847   1.00 32.15 ? 30  LYS A CE  1 
ATOM   174  N NZ  . LYS A 1 30  ? -14.348 4.692   7.411   1.00 20.05 ? 30  LYS A NZ  1 
ATOM   175  N N   . GLU A 1 31  ? -11.222 -0.146  11.796  1.00 34.55 ? 31  GLU A N   1 
ATOM   176  C CA  . GLU A 1 31  ? -11.367 -0.595  13.183  1.00 43.05 ? 31  GLU A CA  1 
ATOM   177  C C   . GLU A 1 31  ? -10.056 -0.466  13.954  1.00 39.53 ? 31  GLU A C   1 
ATOM   178  O O   . GLU A 1 31  ? -10.033 -0.568  15.175  1.00 53.01 ? 31  GLU A O   1 
ATOM   179  C CB  . GLU A 1 31  ? -11.896 -2.029  13.247  1.00 49.83 ? 31  GLU A CB  1 
ATOM   180  C CG  . GLU A 1 31  ? -13.264 -2.208  12.589  1.00 62.65 ? 31  GLU A CG  1 
ATOM   181  C CD  . GLU A 1 31  ? -13.876 -3.580  12.825  1.00 69.04 ? 31  GLU A CD  1 
ATOM   182  O OE1 . GLU A 1 31  ? -13.326 -4.361  13.632  1.00 73.37 ? 31  GLU A OE1 1 
ATOM   183  O OE2 . GLU A 1 31  ? -14.937 -3.862  12.228  1.00 75.62 ? 31  GLU A OE2 1 
ATOM   184  N N   . LEU A 1 32  ? -8.975  -0.225  13.222  1.00 39.67 ? 32  LEU A N   1 
ATOM   185  C CA  . LEU A 1 32  ? -7.648  -0.053  13.799  1.00 43.14 ? 32  LEU A CA  1 
ATOM   186  C C   . LEU A 1 32  ? -7.377  1.410   14.126  1.00 43.56 ? 32  LEU A C   1 
ATOM   187  O O   . LEU A 1 32  ? -6.588  1.718   15.023  1.00 53.28 ? 32  LEU A O   1 
ATOM   188  C CB  . LEU A 1 32  ? -6.570  -0.555  12.830  1.00 42.49 ? 32  LEU A CB  1 
ATOM   189  C CG  . LEU A 1 32  ? -6.561  -2.032  12.443  1.00 36.28 ? 32  LEU A CG  1 
ATOM   190  C CD1 . LEU A 1 32  ? -5.410  -2.287  11.513  1.00 36.14 ? 32  LEU A CD1 1 
ATOM   191  C CD2 . LEU A 1 32  ? -6.459  -2.915  13.672  1.00 53.28 ? 32  LEU A CD2 1 
ATOM   192  N N   . ALA A 1 33  ? -7.967  2.306   13.341  1.00 39.57 ? 33  ALA A N   1 
ATOM   193  C CA  . ALA A 1 33  ? -7.811  3.732   13.565  1.00 26.69 ? 33  ALA A CA  1 
ATOM   194  C C   . ALA A 1 33  ? -8.745  4.161   14.698  1.00 44.16 ? 33  ALA A C   1 
ATOM   195  O O   . ALA A 1 33  ? -9.966  4.199   14.530  1.00 50.38 ? 33  ALA A O   1 
ATOM   196  C CB  . ALA A 1 33  ? -8.096  4.490   12.305  1.00 30.34 ? 33  ALA A CB  1 
ATOM   197  N N   . THR A 1 34  ? -8.157  4.422   15.869  1.00 50.56 ? 34  THR A N   1 
ATOM   198  C CA  . THR A 1 34  ? -8.903  4.790   17.079  1.00 50.54 ? 34  THR A CA  1 
ATOM   199  C C   . THR A 1 34  ? -8.681  6.232   17.517  1.00 60.25 ? 34  THR A C   1 
ATOM   200  O O   . THR A 1 34  ? -9.430  6.753   18.348  1.00 69.07 ? 34  THR A O   1 
ATOM   201  C CB  . THR A 1 34  ? -8.510  3.899   18.266  1.00 47.70 ? 34  THR A CB  1 
ATOM   202  O OG1 . THR A 1 34  ? -7.104  4.033   18.520  1.00 54.00 ? 34  THR A OG1 1 
ATOM   203  C CG2 . THR A 1 34  ? -8.841  2.447   17.984  1.00 51.95 ? 34  THR A CG2 1 
ATOM   204  N N   . ALA A 1 35  ? -7.629  6.859   16.992  1.00 57.75 ? 35  ALA A N   1 
ATOM   205  C CA  . ALA A 1 35  ? -7.293  8.245   17.328  1.00 51.43 ? 35  ALA A CA  1 
ATOM   206  C C   . ALA A 1 35  ? -8.477  9.198   17.122  1.00 44.54 ? 35  ALA A C   1 
ATOM   207  O O   . ALA A 1 35  ? -9.352  8.941   16.294  1.00 42.79 ? 35  ALA A O   1 
ATOM   208  C CB  . ALA A 1 35  ? -6.084  8.703   16.519  1.00 26.23 ? 35  ALA A CB  1 
ATOM   209  N N   . LYS A 1 36  ? -8.515  10.277  17.901  1.00 43.97 ? 36  LYS A N   1 
ATOM   210  C CA  . LYS A 1 36  ? -9.593  11.264  17.785  1.00 35.94 ? 36  LYS A CA  1 
ATOM   211  C C   . LYS A 1 36  ? -9.413  12.216  16.591  1.00 31.15 ? 36  LYS A C   1 
ATOM   212  O O   . LYS A 1 36  ? -10.338 12.935  16.220  1.00 37.71 ? 36  LYS A O   1 
ATOM   213  C CB  . LYS A 1 36  ? -9.795  12.041  19.090  1.00 37.99 ? 36  LYS A CB  1 
ATOM   214  C CG  . LYS A 1 36  ? -10.349 11.210  20.262  1.00 25.84 ? 36  LYS A CG  1 
ATOM   215  C CD  . LYS A 1 36  ? -10.875 12.158  21.345  1.00 41.33 ? 36  LYS A CD  1 
ATOM   216  C CE  . LYS A 1 36  ? -11.453 11.436  22.552  1.00 49.52 ? 36  LYS A CE  1 
ATOM   217  N NZ  . LYS A 1 36  ? -10.422 10.706  23.344  1.00 62.73 ? 36  LYS A NZ  1 
ATOM   218  N N   . PHE A 1 37  ? -8.212  12.236  16.016  1.00 30.66 ? 37  PHE A N   1 
ATOM   219  C CA  . PHE A 1 37  ? -7.940  13.035  14.836  1.00 19.66 ? 37  PHE A CA  1 
ATOM   220  C C   . PHE A 1 37  ? -8.094  12.092  13.630  1.00 22.06 ? 37  PHE A C   1 
ATOM   221  O O   . PHE A 1 37  ? -8.434  10.924  13.810  1.00 18.88 ? 37  PHE A O   1 
ATOM   222  C CB  . PHE A 1 37  ? -6.545  13.682  14.918  1.00 27.90 ? 37  PHE A CB  1 
ATOM   223  C CG  . PHE A 1 37  ? -5.390  12.708  14.798  1.00 28.25 ? 37  PHE A CG  1 
ATOM   224  C CD1 . PHE A 1 37  ? -4.906  12.032  15.913  1.00 29.45 ? 37  PHE A CD1 1 
ATOM   225  C CD2 . PHE A 1 37  ? -4.719  12.552  13.583  1.00 25.07 ? 37  PHE A CD2 1 
ATOM   226  C CE1 . PHE A 1 37  ? -3.816  11.155  15.796  1.00 39.06 ? 37  PHE A CE1 1 
ATOM   227  C CE2 . PHE A 1 37  ? -3.644  11.674  13.458  1.00 28.89 ? 37  PHE A CE2 1 
ATOM   228  C CZ  . PHE A 1 37  ? -3.191  10.975  14.559  1.00 29.76 ? 37  PHE A CZ  1 
ATOM   229  N N   . ASP A 1 38  ? -7.872  12.575  12.411  1.00 24.90 ? 38  ASP A N   1 
ATOM   230  C CA  . ASP A 1 38  ? -8.055  11.715  11.237  1.00 27.16 ? 38  ASP A CA  1 
ATOM   231  C C   . ASP A 1 38  ? -6.731  11.185  10.672  1.00 28.47 ? 38  ASP A C   1 
ATOM   232  O O   . ASP A 1 38  ? -6.026  11.875  9.931   1.00 19.96 ? 38  ASP A O   1 
ATOM   233  C CB  . ASP A 1 38  ? -8.878  12.427  10.151  1.00 43.13 ? 38  ASP A CB  1 
ATOM   234  C CG  . ASP A 1 38  ? -9.509  11.455  9.143   1.00 39.87 ? 38  ASP A CG  1 
ATOM   235  O OD1 . ASP A 1 38  ? -9.762  10.280  9.497   1.00 32.04 ? 38  ASP A OD1 1 
ATOM   236  O OD2 . ASP A 1 38  ? -9.833  11.898  8.021   1.00 46.36 ? 38  ASP A OD2 1 
ATOM   237  N N   . GLU A 1 39  ? -6.441  9.929   10.997  1.00 17.17 ? 39  GLU A N   1 
ATOM   238  C CA  . GLU A 1 39  ? -5.216  9.264   10.587  1.00 23.83 ? 39  GLU A CA  1 
ATOM   239  C C   . GLU A 1 39  ? -5.168  9.074   9.071   1.00 27.55 ? 39  GLU A C   1 
ATOM   240  O O   . GLU A 1 39  ? -6.194  8.937   8.410   1.00 34.16 ? 39  GLU A O   1 
ATOM   241  C CB  . GLU A 1 39  ? -5.101  7.890   11.278  1.00 31.43 ? 39  GLU A CB  1 
ATOM   242  C CG  . GLU A 1 39  ? -5.375  7.879   12.794  1.00 15.86 ? 39  GLU A CG  1 
ATOM   243  C CD  . GLU A 1 39  ? -5.172  6.501   13.446  1.00 42.60 ? 39  GLU A CD  1 
ATOM   244  O OE1 . GLU A 1 39  ? -4.168  5.816   13.154  1.00 42.21 ? 39  GLU A OE1 1 
ATOM   245  O OE2 . GLU A 1 39  ? -5.976  6.139   14.328  1.00 55.03 ? 39  GLU A OE2 1 
ATOM   246  N N   . THR A 1 40  ? -3.959  9.068   8.531   1.00 36.29 ? 40  THR A N   1 
ATOM   247  C CA  . THR A 1 40  ? -3.741  8.852   7.116   1.00 19.37 ? 40  THR A CA  1 
ATOM   248  C C   . THR A 1 40  ? -3.531  7.364   6.888   1.00 23.41 ? 40  THR A C   1 
ATOM   249  O O   . THR A 1 40  ? -2.964  6.665   7.731   1.00 20.88 ? 40  THR A O   1 
ATOM   250  C CB  . THR A 1 40  ? -2.504  9.629   6.632   1.00 30.67 ? 40  THR A CB  1 
ATOM   251  O OG1 . THR A 1 40  ? -2.661  11.015  6.961   1.00 38.65 ? 40  THR A OG1 1 
ATOM   252  C CG2 . THR A 1 40  ? -2.310  9.492   5.122   1.00 32.45 ? 40  THR A CG2 1 
ATOM   253  N N   . VAL A 1 41  ? -4.092  6.864   5.796   1.00 28.85 ? 41  VAL A N   1 
ATOM   254  C CA  . VAL A 1 41  ? -3.934  5.475   5.419   1.00 10.03 ? 41  VAL A CA  1 
ATOM   255  C C   . VAL A 1 41  ? -2.812  5.441   4.400   1.00 7.12  ? 41  VAL A C   1 
ATOM   256  O O   . VAL A 1 41  ? -2.815  6.199   3.442   1.00 20.58 ? 41  VAL A O   1 
ATOM   257  C CB  . VAL A 1 41  ? -5.246  4.877   4.893   1.00 16.80 ? 41  VAL A CB  1 
ATOM   258  C CG1 . VAL A 1 41  ? -4.994  3.602   4.100   1.00 20.07 ? 41  VAL A CG1 1 
ATOM   259  C CG2 . VAL A 1 41  ? -6.191  4.611   6.062   1.00 18.46 ? 41  VAL A CG2 1 
ATOM   260  N N   . GLU A 1 42  ? -1.823  4.590   4.656   1.00 19.00 ? 42  GLU A N   1 
ATOM   261  C CA  . GLU A 1 42  ? -0.632  4.503   3.825   1.00 20.97 ? 42  GLU A CA  1 
ATOM   262  C C   . GLU A 1 42  ? -0.353  3.087   3.302   1.00 20.33 ? 42  GLU A C   1 
ATOM   263  O O   . GLU A 1 42  ? -0.475  2.109   4.038   1.00 17.81 ? 42  GLU A O   1 
ATOM   264  C CB  . GLU A 1 42  ? 0.556   5.027   4.634   1.00 31.96 ? 42  GLU A CB  1 
ATOM   265  C CG  . GLU A 1 42  ? 1.848   5.186   3.858   1.00 46.55 ? 42  GLU A CG  1 
ATOM   266  C CD  . GLU A 1 42  ? 2.968   5.744   4.714   1.00 55.04 ? 42  GLU A CD  1 
ATOM   267  O OE1 . GLU A 1 42  ? 2.698   6.099   5.882   1.00 64.40 ? 42  GLU A OE1 1 
ATOM   268  O OE2 . GLU A 1 42  ? 4.118   5.826   4.224   1.00 57.76 ? 42  GLU A OE2 1 
ATOM   269  N N   . VAL A 1 43  ? -0.007  2.997   2.017   1.00 26.90 ? 43  VAL A N   1 
ATOM   270  C CA  . VAL A 1 43  ? 0.308   1.724   1.349   1.00 23.09 ? 43  VAL A CA  1 
ATOM   271  C C   . VAL A 1 43  ? 1.811   1.549   1.163   1.00 25.18 ? 43  VAL A C   1 
ATOM   272  O O   . VAL A 1 43  ? 2.509   2.483   0.743   1.00 14.56 ? 43  VAL A O   1 
ATOM   273  C CB  . VAL A 1 43  ? -0.398  1.591   -0.032  1.00 27.71 ? 43  VAL A CB  1 
ATOM   274  C CG1 . VAL A 1 43  ? 0.092   0.367   -0.773  1.00 34.85 ? 43  VAL A CG1 1 
ATOM   275  C CG2 . VAL A 1 43  ? -1.906  1.509   0.152   1.00 40.02 ? 43  VAL A CG2 1 
ATOM   276  N N   . HIS A 1 44  ? 2.299   0.360   1.523   1.00 25.52 ? 44  HIS A N   1 
ATOM   277  C CA  . HIS A 1 44  ? 3.718   0.020   1.408   1.00 22.66 ? 44  HIS A CA  1 
ATOM   278  C C   . HIS A 1 44  ? 3.864   -1.227  0.547   1.00 9.77  ? 44  HIS A C   1 
ATOM   279  O O   . HIS A 1 44  ? 3.040   -2.130  0.611   1.00 22.50 ? 44  HIS A O   1 
ATOM   280  C CB  . HIS A 1 44  ? 4.311   -0.257  2.784   1.00 18.16 ? 44  HIS A CB  1 
ATOM   281  C CG  . HIS A 1 44  ? 3.817   0.668   3.851   1.00 20.91 ? 44  HIS A CG  1 
ATOM   282  N ND1 . HIS A 1 44  ? 4.463   1.838   4.185   1.00 16.78 ? 44  HIS A ND1 1 
ATOM   283  C CD2 . HIS A 1 44  ? 2.738   0.589   4.664   1.00 19.54 ? 44  HIS A CD2 1 
ATOM   284  C CE1 . HIS A 1 44  ? 3.795   2.447   5.147   1.00 16.73 ? 44  HIS A CE1 1 
ATOM   285  N NE2 . HIS A 1 44  ? 2.756   1.698   5.470   1.00 17.91 ? 44  HIS A NE2 1 
ATOM   286  N N   . ALA A 1 45  ? 4.916   -1.271  -0.252  1.00 15.90 ? 45  ALA A N   1 
ATOM   287  C CA  . ALA A 1 45  ? 5.185   -2.414  -1.126  1.00 24.27 ? 45  ALA A CA  1 
ATOM   288  C C   . ALA A 1 45  ? 6.691   -2.663  -1.279  1.00 25.93 ? 45  ALA A C   1 
ATOM   289  O O   . ALA A 1 45  ? 7.446   -1.774  -1.684  1.00 28.35 ? 45  ALA A O   1 
ATOM   290  C CB  . ALA A 1 45  ? 4.531   -2.205  -2.496  1.00 17.14 ? 45  ALA A CB  1 
ATOM   291  N N   . LYS A 1 46  ? 7.130   -3.853  -0.883  1.00 26.33 ? 46  LYS A N   1 
ATOM   292  C CA  . LYS A 1 46  ? 8.525   -4.237  -1.028  1.00 25.08 ? 46  LYS A CA  1 
ATOM   293  C C   . LYS A 1 46  ? 8.673   -4.752  -2.463  1.00 14.14 ? 46  LYS A C   1 
ATOM   294  O O   . LYS A 1 46  ? 8.057   -5.744  -2.843  1.00 25.50 ? 46  LYS A O   1 
ATOM   295  C CB  . LYS A 1 46  ? 8.897   -5.328  -0.011  1.00 28.47 ? 46  LYS A CB  1 
ATOM   296  C CG  . LYS A 1 46  ? 10.388  -5.374  0.333   1.00 29.59 ? 46  LYS A CG  1 
ATOM   297  C CD  . LYS A 1 46  ? 11.245  -5.384  -0.905  1.00 22.32 ? 46  LYS A CD  1 
ATOM   298  C CE  . LYS A 1 46  ? 12.700  -5.227  -0.564  1.00 21.89 ? 46  LYS A CE  1 
ATOM   299  N NZ  . LYS A 1 46  ? 13.493  -5.180  -1.811  1.00 26.22 ? 46  LYS A NZ  1 
ATOM   300  N N   . LEU A 1 47  ? 9.466   -4.063  -3.267  1.00 21.58 ? 47  LEU A N   1 
ATOM   301  C CA  . LEU A 1 47  ? 9.608   -4.431  -4.670  1.00 25.02 ? 47  LEU A CA  1 
ATOM   302  C C   . LEU A 1 47  ? 10.724  -5.435  -4.929  1.00 27.23 ? 47  LEU A C   1 
ATOM   303  O O   . LEU A 1 47  ? 11.738  -5.462  -4.225  1.00 45.22 ? 47  LEU A O   1 
ATOM   304  C CB  . LEU A 1 47  ? 9.784   -3.179  -5.538  1.00 20.93 ? 47  LEU A CB  1 
ATOM   305  C CG  . LEU A 1 47  ? 8.656   -2.138  -5.505  1.00 13.50 ? 47  LEU A CG  1 
ATOM   306  C CD1 . LEU A 1 47  ? 9.111   -0.840  -6.148  1.00 9.01  ? 47  LEU A CD1 1 
ATOM   307  C CD2 . LEU A 1 47  ? 7.351   -2.637  -6.143  1.00 9.01  ? 47  LEU A CD2 1 
ATOM   308  N N   . GLY A 1 48  ? 10.511  -6.272  -5.937  1.00 24.41 ? 48  GLY A N   1 
ATOM   309  C CA  . GLY A 1 48  ? 11.466  -7.306  -6.317  1.00 35.41 ? 48  GLY A CA  1 
ATOM   310  C C   . GLY A 1 48  ? 12.604  -6.721  -7.111  1.00 32.68 ? 48  GLY A C   1 
ATOM   311  O O   . GLY A 1 48  ? 12.804  -7.044  -8.289  1.00 50.05 ? 48  GLY A O   1 
ATOM   312  N N   . ILE A 1 49  ? 13.315  -5.807  -6.472  1.00 25.11 ? 49  ILE A N   1 
ATOM   313  C CA  . ILE A 1 49  ? 14.433  -5.138  -7.093  1.00 24.50 ? 49  ILE A CA  1 
ATOM   314  C C   . ILE A 1 49  ? 15.612  -5.132  -6.144  1.00 22.33 ? 49  ILE A C   1 
ATOM   315  O O   . ILE A 1 49  ? 15.528  -5.626  -5.020  1.00 29.81 ? 49  ILE A O   1 
ATOM   316  C CB  . ILE A 1 49  ? 14.079  -3.692  -7.540  1.00 26.78 ? 49  ILE A CB  1 
ATOM   317  C CG1 . ILE A 1 49  ? 13.528  -2.871  -6.363  1.00 27.19 ? 49  ILE A CG1 1 
ATOM   318  C CG2 . ILE A 1 49  ? 13.090  -3.724  -8.688  1.00 20.11 ? 49  ILE A CG2 1 
ATOM   319  C CD1 . ILE A 1 49  ? 13.150  -1.441  -6.722  1.00 16.32 ? 49  ILE A CD1 1 
ATOM   320  N N   . ASP A 1 50  ? 16.720  -4.595  -6.619  1.00 32.81 ? 50  ASP A N   1 
ATOM   321  C CA  . ASP A 1 50  ? 17.928  -4.536  -5.840  1.00 41.91 ? 50  ASP A CA  1 
ATOM   322  C C   . ASP A 1 50  ? 18.234  -3.063  -5.644  1.00 46.43 ? 50  ASP A C   1 
ATOM   323  O O   . ASP A 1 50  ? 18.387  -2.321  -6.623  1.00 40.77 ? 50  ASP A O   1 
ATOM   324  C CB  . ASP A 1 50  ? 19.060  -5.229  -6.603  1.00 49.77 ? 50  ASP A CB  1 
ATOM   325  C CG  . ASP A 1 50  ? 20.218  -5.608  -5.715  1.00 59.63 ? 50  ASP A CG  1 
ATOM   326  O OD1 . ASP A 1 50  ? 20.116  -5.431  -4.484  1.00 76.58 ? 50  ASP A OD1 1 
ATOM   327  O OD2 . ASP A 1 50  ? 21.215  -6.134  -6.244  1.00 65.47 ? 50  ASP A OD2 1 
ATOM   328  N N   . PRO A 1 51  ? 18.241  -2.610  -4.377  1.00 51.13 ? 51  PRO A N   1 
ATOM   329  C CA  . PRO A 1 51  ? 18.547  -1.209  -4.088  1.00 45.05 ? 51  PRO A CA  1 
ATOM   330  C C   . PRO A 1 51  ? 19.963  -0.887  -4.581  1.00 47.63 ? 51  PRO A C   1 
ATOM   331  O O   . PRO A 1 51  ? 20.270  0.254   -4.939  1.00 39.16 ? 51  PRO A O   1 
ATOM   332  C CB  . PRO A 1 51  ? 18.489  -1.145  -2.559  1.00 52.30 ? 51  PRO A CB  1 
ATOM   333  C CG  . PRO A 1 51  ? 17.727  -2.368  -2.137  1.00 40.41 ? 51  PRO A CG  1 
ATOM   334  C CD  . PRO A 1 51  ? 18.004  -3.402  -3.156  1.00 36.32 ? 51  PRO A CD  1 
ATOM   335  N N   . ARG A 1 52  ? 20.802  -1.919  -4.624  1.00 53.96 ? 52  ARG A N   1 
ATOM   336  C CA  . ARG A 1 52  ? 22.176  -1.802  -5.084  1.00 44.98 ? 52  ARG A CA  1 
ATOM   337  C C   . ARG A 1 52  ? 22.216  -1.317  -6.526  1.00 33.47 ? 52  ARG A C   1 
ATOM   338  O O   . ARG A 1 52  ? 23.002  -0.432  -6.861  1.00 29.84 ? 52  ARG A O   1 
ATOM   339  C CB  . ARG A 1 52  ? 22.875  -3.159  -5.000  1.00 55.67 ? 52  ARG A CB  1 
ATOM   340  C CG  . ARG A 1 52  ? 22.938  -3.788  -3.618  1.00 50.46 ? 52  ARG A CG  1 
ATOM   341  C CD  . ARG A 1 52  ? 23.478  -5.205  -3.739  1.00 68.26 ? 52  ARG A CD  1 
ATOM   342  N NE  . ARG A 1 52  ? 23.697  -5.858  -2.451  1.00 78.77 ? 52  ARG A NE  1 
ATOM   343  C CZ  . ARG A 1 52  ? 24.143  -7.105  -2.314  1.00 81.18 ? 52  ARG A CZ  1 
ATOM   344  N NH1 . ARG A 1 52  ? 24.408  -7.844  -3.389  1.00 82.93 ? 52  ARG A NH1 1 
ATOM   345  N NH2 . ARG A 1 52  ? 24.319  -7.618  -1.103  1.00 80.20 ? 52  ARG A NH2 1 
ATOM   346  N N   . ARG A 1 53  ? 21.360  -1.880  -7.379  1.00 29.85 ? 53  ARG A N   1 
ATOM   347  C CA  . ARG A 1 53  ? 21.387  -1.494  -8.790  1.00 39.26 ? 53  ARG A CA  1 
ATOM   348  C C   . ARG A 1 53  ? 20.456  -0.336  -9.181  1.00 32.93 ? 53  ARG A C   1 
ATOM   349  O O   . ARG A 1 53  ? 19.254  -0.348  -8.919  1.00 36.96 ? 53  ARG A O   1 
ATOM   350  C CB  . ARG A 1 53  ? 21.329  -2.707  -9.739  1.00 35.57 ? 53  ARG A CB  1 
ATOM   351  C CG  . ARG A 1 53  ? 21.917  -2.341  -11.097 1.00 47.56 ? 53  ARG A CG  1 
ATOM   352  C CD  . ARG A 1 53  ? 22.432  -3.510  -11.905 1.00 38.10 ? 53  ARG A CD  1 
ATOM   353  N NE  . ARG A 1 53  ? 21.398  -4.235  -12.629 1.00 39.90 ? 53  ARG A NE  1 
ATOM   354  C CZ  . ARG A 1 53  ? 20.923  -5.415  -12.262 1.00 44.15 ? 53  ARG A CZ  1 
ATOM   355  N NH1 . ARG A 1 53  ? 21.402  -6.016  -11.181 1.00 51.80 ? 53  ARG A NH1 1 
ATOM   356  N NH2 . ARG A 1 53  ? 19.979  -6.001  -12.985 1.00 53.02 ? 53  ARG A NH2 1 
ATOM   357  N N   . SER A 1 54  ? 21.060  0.658   -9.825  1.00 33.13 ? 54  SER A N   1 
ATOM   358  C CA  . SER A 1 54  ? 20.416  1.906   -10.210 1.00 29.76 ? 54  SER A CA  1 
ATOM   359  C C   . SER A 1 54  ? 19.437  1.883   -11.393 1.00 38.08 ? 54  SER A C   1 
ATOM   360  O O   . SER A 1 54  ? 18.603  2.786   -11.521 1.00 46.75 ? 54  SER A O   1 
ATOM   361  C CB  . SER A 1 54  ? 21.491  2.980   -10.426 1.00 41.54 ? 54  SER A CB  1 
ATOM   362  O OG  . SER A 1 54  ? 22.490  2.537   -11.332 1.00 52.50 ? 54  SER A OG  1 
ATOM   363  N N   . ASP A 1 55  ? 19.535  0.878   -12.260 1.00 37.71 ? 55  ASP A N   1 
ATOM   364  C CA  . ASP A 1 55  ? 18.629  0.795   -13.407 1.00 27.75 ? 55  ASP A CA  1 
ATOM   365  C C   . ASP A 1 55  ? 17.310  0.115   -13.022 1.00 35.40 ? 55  ASP A C   1 
ATOM   366  O O   . ASP A 1 55  ? 16.407  -0.061  -13.850 1.00 41.16 ? 55  ASP A O   1 
ATOM   367  C CB  . ASP A 1 55  ? 19.310  0.148   -14.633 1.00 36.39 ? 55  ASP A CB  1 
ATOM   368  C CG  . ASP A 1 55  ? 19.805  -1.282  -14.375 1.00 52.76 ? 55  ASP A CG  1 
ATOM   369  O OD1 . ASP A 1 55  ? 19.758  -1.749  -13.212 1.00 44.98 ? 55  ASP A OD1 1 
ATOM   370  O OD2 . ASP A 1 55  ? 20.244  -1.936  -15.355 1.00 44.10 ? 55  ASP A OD2 1 
ATOM   371  N N   . GLN A 1 56  ? 17.190  -0.182  -11.731 1.00 26.64 ? 56  GLN A N   1 
ATOM   372  C CA  . GLN A 1 56  ? 16.013  -0.814  -11.152 1.00 14.84 ? 56  GLN A CA  1 
ATOM   373  C C   . GLN A 1 56  ? 15.230  0.167   -10.272 1.00 16.38 ? 56  GLN A C   1 
ATOM   374  O O   . GLN A 1 56  ? 14.531  -0.233  -9.354  1.00 27.92 ? 56  GLN A O   1 
ATOM   375  C CB  . GLN A 1 56  ? 16.429  -2.041  -10.326 1.00 16.03 ? 56  GLN A CB  1 
ATOM   376  C CG  . GLN A 1 56  ? 17.107  -3.148  -11.148 1.00 21.31 ? 56  GLN A CG  1 
ATOM   377  C CD  . GLN A 1 56  ? 17.300  -4.440  -10.377 1.00 28.30 ? 56  GLN A CD  1 
ATOM   378  O OE1 . GLN A 1 56  ? 16.590  -4.722  -9.413  1.00 31.78 ? 56  GLN A OE1 1 
ATOM   379  N NE2 . GLN A 1 56  ? 18.228  -5.261  -10.837 1.00 42.94 ? 56  GLN A NE2 1 
ATOM   380  N N   . ASN A 1 57  ? 15.333  1.452   -10.577 1.00 25.90 ? 57  ASN A N   1 
ATOM   381  C CA  . ASN A 1 57  ? 14.647  2.486   -9.807  1.00 28.84 ? 57  ASN A CA  1 
ATOM   382  C C   . ASN A 1 57  ? 13.228  2.776   -10.279 1.00 24.00 ? 57  ASN A C   1 
ATOM   383  O O   . ASN A 1 57  ? 13.018  3.198   -11.413 1.00 39.76 ? 57  ASN A O   1 
ATOM   384  C CB  . ASN A 1 57  ? 15.472  3.775   -9.806  1.00 29.44 ? 57  ASN A CB  1 
ATOM   385  C CG  . ASN A 1 57  ? 16.713  3.668   -8.956  1.00 31.04 ? 57  ASN A CG  1 
ATOM   386  O OD1 . ASN A 1 57  ? 16.781  2.848   -8.039  1.00 38.89 ? 57  ASN A OD1 1 
ATOM   387  N ND2 . ASN A 1 57  ? 17.679  4.541   -9.209  1.00 35.32 ? 57  ASN A ND2 1 
ATOM   388  N N   . VAL A 1 58  ? 12.270  2.624   -9.370  1.00 36.21 ? 58  VAL A N   1 
ATOM   389  C CA  . VAL A 1 58  ? 10.863  2.862   -9.680  1.00 32.72 ? 58  VAL A CA  1 
ATOM   390  C C   . VAL A 1 58  ? 10.430  4.255   -9.208  1.00 25.16 ? 58  VAL A C   1 
ATOM   391  O O   . VAL A 1 58  ? 10.459  4.543   -8.021  1.00 32.95 ? 58  VAL A O   1 
ATOM   392  C CB  . VAL A 1 58  ? 9.953   1.794   -9.033  1.00 13.57 ? 58  VAL A CB  1 
ATOM   393  C CG1 . VAL A 1 58  ? 8.547   1.867   -9.615  1.00 25.04 ? 58  VAL A CG1 1 
ATOM   394  C CG2 . VAL A 1 58  ? 10.507  0.410   -9.269  1.00 19.86 ? 58  VAL A CG2 1 
ATOM   395  N N   . ARG A 1 59  ? 10.104  5.137   -10.151 1.00 26.96 ? 59  ARG A N   1 
ATOM   396  C CA  . ARG A 1 59  ? 9.628   6.470   -9.804  1.00 31.79 ? 59  ARG A CA  1 
ATOM   397  C C   . ARG A 1 59  ? 8.606   6.951   -10.819 1.00 39.63 ? 59  ARG A C   1 
ATOM   398  O O   . ARG A 1 59  ? 8.922   7.186   -11.987 1.00 35.59 ? 59  ARG A O   1 
ATOM   399  C CB  . ARG A 1 59  ? 10.780  7.462   -9.657  1.00 32.33 ? 59  ARG A CB  1 
ATOM   400  C CG  . ARG A 1 59  ? 11.301  8.086   -10.938 1.00 42.11 ? 59  ARG A CG  1 
ATOM   401  C CD  . ARG A 1 59  ? 12.740  8.569   -10.745 1.00 48.91 ? 59  ARG A CD  1 
ATOM   402  N NE  . ARG A 1 59  ? 12.940  9.257   -9.472  1.00 32.84 ? 59  ARG A NE  1 
ATOM   403  C CZ  . ARG A 1 59  ? 12.856  10.575  -9.302  1.00 64.12 ? 59  ARG A CZ  1 
ATOM   404  N NH1 . ARG A 1 59  ? 12.592  11.382  -10.330 1.00 56.97 ? 59  ARG A NH1 1 
ATOM   405  N NH2 . ARG A 1 59  ? 13.055  11.092  -8.097  1.00 70.75 ? 59  ARG A NH2 1 
ATOM   406  N N   . GLY A 1 60  ? 7.358   7.011   -10.372 1.00 43.47 ? 60  GLY A N   1 
ATOM   407  C CA  . GLY A 1 60  ? 6.258   7.462   -11.208 1.00 45.63 ? 60  GLY A CA  1 
ATOM   408  C C   . GLY A 1 60  ? 5.233   8.184   -10.360 1.00 43.65 ? 60  GLY A C   1 
ATOM   409  O O   . GLY A 1 60  ? 5.395   8.315   -9.146  1.00 32.07 ? 60  GLY A O   1 
ATOM   410  N N   . THR A 1 61  ? 4.202   8.702   -11.014 1.00 45.24 ? 61  THR A N   1 
ATOM   411  C CA  . THR A 1 61  ? 3.120   9.383   -10.326 1.00 35.78 ? 61  THR A CA  1 
ATOM   412  C C   . THR A 1 61  ? 1.858   8.626   -10.653 1.00 25.76 ? 61  THR A C   1 
ATOM   413  O O   . THR A 1 61  ? 1.871   7.724   -11.477 1.00 26.26 ? 61  THR A O   1 
ATOM   414  C CB  . THR A 1 61  ? 2.949   10.860  -10.783 1.00 46.03 ? 61  THR A CB  1 
ATOM   415  O OG1 . THR A 1 61  ? 2.772   10.911  -12.205 1.00 59.92 ? 61  THR A OG1 1 
ATOM   416  C CG2 . THR A 1 61  ? 4.158   11.699  -10.401 1.00 49.38 ? 61  THR A CG2 1 
ATOM   417  N N   . VAL A 1 62  ? 0.778   8.975   -9.969  1.00 33.92 ? 62  VAL A N   1 
ATOM   418  C CA  . VAL A 1 62  ? -0.519  8.373   -10.192 1.00 20.21 ? 62  VAL A CA  1 
ATOM   419  C C   . VAL A 1 62  ? -1.570  9.290   -9.604  1.00 28.53 ? 62  VAL A C   1 
ATOM   420  O O   . VAL A 1 62  ? -1.312  9.985   -8.618  1.00 27.09 ? 62  VAL A O   1 
ATOM   421  C CB  . VAL A 1 62  ? -0.626  6.975   -9.534  1.00 26.38 ? 62  VAL A CB  1 
ATOM   422  C CG1 . VAL A 1 62  ? -0.277  7.031   -8.045  1.00 19.01 ? 62  VAL A CG1 1 
ATOM   423  C CG2 . VAL A 1 62  ? -2.021  6.385   -9.749  1.00 32.01 ? 62  VAL A CG2 1 
ATOM   424  N N   . SER A 1 63  ? -2.729  9.345   -10.247 1.00 29.73 ? 63  SER A N   1 
ATOM   425  C CA  . SER A 1 63  ? -3.835  10.140  -9.740  1.00 13.26 ? 63  SER A CA  1 
ATOM   426  C C   . SER A 1 63  ? -4.788  9.212   -9.022  1.00 19.86 ? 63  SER A C   1 
ATOM   427  O O   . SER A 1 63  ? -5.240  8.221   -9.580  1.00 26.94 ? 63  SER A O   1 
ATOM   428  C CB  . SER A 1 63  ? -4.554  10.870  -10.870 1.00 23.64 ? 63  SER A CB  1 
ATOM   429  O OG  . SER A 1 63  ? -5.730  11.523  -10.417 1.00 36.54 ? 63  SER A OG  1 
ATOM   430  N N   . LEU A 1 64  ? -5.014  9.485   -7.747  1.00 27.80 ? 64  LEU A N   1 
ATOM   431  C CA  . LEU A 1 64  ? -5.928  8.688   -6.968  1.00 13.96 ? 64  LEU A CA  1 
ATOM   432  C C   . LEU A 1 64  ? -7.335  9.008   -7.410  1.00 20.26 ? 64  LEU A C   1 
ATOM   433  O O   . LEU A 1 64  ? -7.671  10.176  -7.627  1.00 36.52 ? 64  LEU A O   1 
ATOM   434  C CB  . LEU A 1 64  ? -5.776  8.980   -5.462  1.00 22.27 ? 64  LEU A CB  1 
ATOM   435  C CG  . LEU A 1 64  ? -4.464  8.603   -4.751  1.00 24.93 ? 64  LEU A CG  1 
ATOM   436  C CD1 . LEU A 1 64  ? -4.490  9.014   -3.276  1.00 12.70 ? 64  LEU A CD1 1 
ATOM   437  C CD2 . LEU A 1 64  ? -4.137  7.110   -4.895  1.00 15.06 ? 64  LEU A CD2 1 
ATOM   438  N N   . PRO A 1 65  ? -8.174  7.974   -7.543  1.00 16.38 ? 65  PRO A N   1 
ATOM   439  C CA  . PRO A 1 65  ? -9.555  8.180   -7.924  1.00 12.46 ? 65  PRO A CA  1 
ATOM   440  C C   . PRO A 1 65  ? -10.234 9.115   -6.922  1.00 30.09 ? 65  PRO A C   1 
ATOM   441  O O   . PRO A 1 65  ? -11.008 9.983   -7.309  1.00 44.96 ? 65  PRO A O   1 
ATOM   442  C CB  . PRO A 1 65  ? -10.166 6.777   -7.804  1.00 17.23 ? 65  PRO A CB  1 
ATOM   443  C CG  . PRO A 1 65  ? -9.048  5.850   -7.832  1.00 11.11 ? 65  PRO A CG  1 
ATOM   444  C CD  . PRO A 1 65  ? -7.876  6.560   -7.266  1.00 17.87 ? 65  PRO A CD  1 
ATOM   445  N N   . HIS A 1 66  ? -9.918  8.938   -5.643  1.00 36.82 ? 66  HIS A N   1 
ATOM   446  C CA  . HIS A 1 66  ? -10.490 9.736   -4.574  1.00 16.00 ? 66  HIS A CA  1 
ATOM   447  C C   . HIS A 1 66  ? -9.391  10.444  -3.790  1.00 20.95 ? 66  HIS A C   1 
ATOM   448  O O   . HIS A 1 66  ? -9.054  10.046  -2.680  1.00 36.29 ? 66  HIS A O   1 
ATOM   449  C CB  . HIS A 1 66  ? -11.284 8.826   -3.663  1.00 21.93 ? 66  HIS A CB  1 
ATOM   450  C CG  . HIS A 1 66  ? -12.243 7.938   -4.395  1.00 26.24 ? 66  HIS A CG  1 
ATOM   451  N ND1 . HIS A 1 66  ? -13.460 8.381   -4.864  1.00 21.61 ? 66  HIS A ND1 1 
ATOM   452  C CD2 . HIS A 1 66  ? -12.179 6.622   -4.703  1.00 40.54 ? 66  HIS A CD2 1 
ATOM   453  C CE1 . HIS A 1 66  ? -14.110 7.375   -5.422  1.00 38.10 ? 66  HIS A CE1 1 
ATOM   454  N NE2 . HIS A 1 66  ? -13.354 6.296   -5.341  1.00 45.56 ? 66  HIS A NE2 1 
ATOM   455  N N   . GLY A 1 67  ? -8.832  11.485  -4.403  1.00 26.15 ? 67  GLY A N   1 
ATOM   456  C CA  . GLY A 1 67  ? -7.725  12.294  -3.864  1.00 18.23 ? 67  GLY A CA  1 
ATOM   457  C C   . GLY A 1 67  ? -7.041  12.838  -5.105  1.00 20.05 ? 67  GLY A C   1 
ATOM   458  O O   . GLY A 1 67  ? -7.718  13.180  -6.078  1.00 26.22 ? 67  GLY A O   1 
ATOM   459  N N   . GLY A 1 68  ? -5.713  12.867  -5.129  1.00 38.67 ? 159 GLY A N   1 
ATOM   460  C CA  . GLY A 1 68  ? -5.041  13.305  -6.352  1.00 42.69 ? 159 GLY A CA  1 
ATOM   461  C C   . GLY A 1 68  ? -3.554  13.571  -6.341  1.00 51.25 ? 159 GLY A C   1 
ATOM   462  O O   . GLY A 1 68  ? -2.878  13.401  -7.360  1.00 40.43 ? 159 GLY A O   1 
ATOM   463  N N   . ARG A 1 69  ? -3.042  14.035  -5.206  1.00 72.70 ? 160 ARG A N   1 
ATOM   464  C CA  . ARG A 1 69  ? -1.626  14.384  -5.107  1.00 73.89 ? 160 ARG A CA  1 
ATOM   465  C C   . ARG A 1 69  ? -0.786  13.209  -4.620  1.00 60.03 ? 160 ARG A C   1 
ATOM   466  O O   . ARG A 1 69  ? -0.688  12.969  -3.418  1.00 63.48 ? 160 ARG A O   1 
ATOM   467  C CB  . ARG A 1 69  ? -1.435  15.607  -4.193  1.00 74.72 ? 160 ARG A CB  1 
ATOM   468  C CG  . ARG A 1 69  ? -0.056  16.252  -4.288  1.00 84.21 ? 160 ARG A CG  1 
ATOM   469  C CD  . ARG A 1 69  ? 0.188   16.806  -5.689  1.00 88.47 ? 160 ARG A CD  1 
ATOM   470  N NE  . ARG A 1 69  ? 1.525   17.375  -5.843  1.00 91.74 ? 160 ARG A NE  1 
ATOM   471  C CZ  . ARG A 1 69  ? 1.978   17.927  -6.964  1.00 92.45 ? 160 ARG A CZ  1 
ATOM   472  N NH1 . ARG A 1 69  ? 1.202   17.994  -8.039  1.00 92.77 ? 160 ARG A NH1 1 
ATOM   473  N NH2 . ARG A 1 69  ? 3.205   18.422  -7.011  1.00 96.11 ? 160 ARG A NH2 1 
ATOM   474  N N   . ILE A 1 70  ? -0.190  12.471  -5.552  1.00 44.87 ? 161 ILE A N   1 
ATOM   475  C CA  . ILE A 1 70  ? 0.641   11.324  -5.174  1.00 55.47 ? 161 ILE A CA  1 
ATOM   476  C C   . ILE A 1 70  ? 1.679   10.878  -6.219  1.00 45.23 ? 161 ILE A C   1 
ATOM   477  O O   . ILE A 1 70  ? 1.347   10.555  -7.360  1.00 43.86 ? 161 ILE A O   1 
ATOM   478  C CB  . ILE A 1 70  ? -0.222  10.137  -4.649  1.00 51.10 ? 161 ILE A CB  1 
ATOM   479  C CG1 . ILE A 1 70  ? 0.626   8.842   -4.510  1.00 43.92 ? 161 ILE A CG1 1 
ATOM   480  C CG2 . ILE A 1 70  ? -1.455  9.929   -5.547  1.00 62.21 ? 161 ILE A CG2 1 
ATOM   481  C CD1 . ILE A 1 70  ? 1.736   8.930   -3.468  1.00 58.61 ? 161 ILE A CD1 1 
ATOM   482  N N   . GLU A 1 71  ? 2.945   10.940  -5.815  1.00 47.81 ? 162 GLU A N   1 
ATOM   483  C CA  . GLU A 1 71  ? 4.071   10.502  -6.641  1.00 53.57 ? 162 GLU A CA  1 
ATOM   484  C C   . GLU A 1 71  ? 4.950   9.570   -5.810  1.00 38.92 ? 162 GLU A C   1 
ATOM   485  O O   . GLU A 1 71  ? 5.405   9.945   -4.734  1.00 47.30 ? 162 GLU A O   1 
ATOM   486  C CB  . GLU A 1 71  ? 4.869   11.707  -7.149  1.00 61.93 ? 162 GLU A CB  1 
ATOM   487  C CG  . GLU A 1 71  ? 5.134   12.790  -5.915  1.00 80.45 ? 162 GLU A CG  1 
ATOM   488  C CD  . GLU A 1 71  ? 5.922   13.966  -6.620  1.00 89.93 ? 162 GLU A CD  1 
ATOM   489  O OE1 . GLU A 1 71  ? 6.005   14.007  -7.911  1.00 91.77 ? 162 GLU A OE1 1 
ATOM   490  O OE2 . GLU A 1 71  ? 6.438   14.864  -5.879  1.00 83.28 ? 162 GLU A OE2 1 
ATOM   491  N N   . PHE A 1 72  ? 5.162   8.347   -6.302  1.00 39.77 ? 163 PHE A N   1 
ATOM   492  C CA  . PHE A 1 72  ? 5.934   7.339   -5.565  1.00 32.77 ? 163 PHE A CA  1 
ATOM   493  C C   . PHE A 1 72  ? 7.366   7.128   -6.045  1.00 38.71 ? 163 PHE A C   1 
ATOM   494  O O   . PHE A 1 72  ? 7.708   7.397   -7.198  1.00 35.86 ? 163 PHE A O   1 
ATOM   495  C CB  . PHE A 1 72  ? 5.186   6.003   -5.544  1.00 34.80 ? 163 PHE A CB  1 
ATOM   496  C CG  . PHE A 1 72  ? 4.712   5.550   -6.902  1.00 40.76 ? 163 PHE A CG  1 
ATOM   497  C CD1 . PHE A 1 72  ? 5.592   4.958   -7.803  1.00 39.34 ? 163 PHE A CD1 1 
ATOM   498  C CD2 . PHE A 1 72  ? 3.374   5.668   -7.257  1.00 42.07 ? 163 PHE A CD2 1 
ATOM   499  C CE1 . PHE A 1 72  ? 5.156   4.527   -9.048  1.00 29.03 ? 163 PHE A CE1 1 
ATOM   500  C CE2 . PHE A 1 72  ? 2.932   5.238   -8.494  1.00 41.22 ? 163 PHE A CE2 1 
ATOM   501  C CZ  . PHE A 1 72  ? 3.831   4.678   -9.399  1.00 36.38 ? 163 PHE A CZ  1 
ATOM   502  N N   . ARG A 1 73  ? 8.183   6.576   -5.156  1.00 43.60 ? 164 ARG A N   1 
ATOM   503  C CA  . ARG A 1 73  ? 9.583   6.324   -5.440  1.00 44.13 ? 164 ARG A CA  1 
ATOM   504  C C   . ARG A 1 73  ? 10.142  5.337   -4.420  1.00 43.98 ? 164 ARG A C   1 
ATOM   505  O O   . ARG A 1 73  ? 9.843   5.436   -3.224  1.00 52.23 ? 164 ARG A O   1 
ATOM   506  C CB  . ARG A 1 73  ? 10.350  7.643   -5.395  1.00 49.18 ? 164 ARG A CB  1 
ATOM   507  C CG  . ARG A 1 73  ? 11.843  7.513   -5.561  1.00 59.83 ? 164 ARG A CG  1 
ATOM   508  C CD  . ARG A 1 73  ? 12.484  8.887   -5.507  1.00 68.16 ? 164 ARG A CD  1 
ATOM   509  N NE  . ARG A 1 73  ? 13.908  8.793   -5.202  1.00 72.20 ? 164 ARG A NE  1 
ATOM   510  C CZ  . ARG A 1 73  ? 14.394  8.740   -3.964  1.00 75.66 ? 164 ARG A CZ  1 
ATOM   511  N NH1 . ARG A 1 73  ? 13.564  8.762   -2.923  1.00 71.29 ? 164 ARG A NH1 1 
ATOM   512  N NH2 . ARG A 1 73  ? 15.705  8.654   -3.765  1.00 70.60 ? 164 ARG A NH2 1 
ATOM   513  N N   . ASN A 1 74  ? 10.929  4.373   -4.899  1.00 35.69 ? 165 ASN A N   1 
ATOM   514  C CA  . ASN A 1 74  ? 11.514  3.349   -4.037  1.00 31.57 ? 165 ASN A CA  1 
ATOM   515  C C   . ASN A 1 74  ? 12.525  3.935   -3.064  1.00 38.52 ? 165 ASN A C   1 
ATOM   516  O O   . ASN A 1 74  ? 13.263  4.859   -3.406  1.00 45.65 ? 165 ASN A O   1 
ATOM   517  C CB  . ASN A 1 74  ? 12.159  2.223   -4.860  1.00 12.26 ? 165 ASN A CB  1 
ATOM   518  C CG  . ASN A 1 74  ? 13.329  2.700   -5.705  1.00 26.18 ? 165 ASN A CG  1 
ATOM   519  O OD1 . ASN A 1 74  ? 13.155  3.381   -6.717  1.00 27.65 ? 165 ASN A OD1 1 
ATOM   520  N ND2 . ASN A 1 74  ? 14.531  2.284   -5.322  1.00 20.05 ? 165 ASN A ND2 1 
ATOM   521  N N   . ASP A 1 75  ? 12.545  3.406   -1.845  1.00 38.32 ? 166 ASP A N   1 
ATOM   522  C CA  . ASP A 1 75  ? 13.474  3.890   -0.831  1.00 22.72 ? 166 ASP A CA  1 
ATOM   523  C C   . ASP A 1 75  ? 14.798  3.149   -0.936  1.00 23.14 ? 166 ASP A C   1 
ATOM   524  O O   . ASP A 1 75  ? 15.067  2.524   -1.957  1.00 46.55 ? 166 ASP A O   1 
ATOM   525  C CB  . ASP A 1 75  ? 12.860  3.819   0.587   1.00 11.90 ? 166 ASP A CB  1 
ATOM   526  C CG  . ASP A 1 75  ? 12.540  2.398   1.038   1.00 38.48 ? 166 ASP A CG  1 
ATOM   527  O OD1 . ASP A 1 75  ? 13.013  1.440   0.393   1.00 42.23 ? 166 ASP A OD1 1 
ATOM   528  O OD2 . ASP A 1 75  ? 11.839  2.243   2.067   1.00 37.10 ? 166 ASP A OD2 1 
ATOM   529  N N   . LYS A 1 76  ? 15.615  3.212   0.113   1.00 27.21 ? 167 LYS A N   1 
ATOM   530  C CA  . LYS A 1 76  ? 16.930  2.570   0.116   1.00 30.51 ? 167 LYS A CA  1 
ATOM   531  C C   . LYS A 1 76  ? 16.850  1.050   0.220   1.00 38.99 ? 167 LYS A C   1 
ATOM   532  O O   . LYS A 1 76  ? 17.841  0.352   -0.003  1.00 45.91 ? 167 LYS A O   1 
ATOM   533  C CB  . LYS A 1 76  ? 17.815  3.129   1.242   1.00 29.68 ? 167 LYS A CB  1 
ATOM   534  C CG  . LYS A 1 76  ? 17.993  4.630   1.204   1.00 47.61 ? 167 LYS A CG  1 
ATOM   535  C CD  . LYS A 1 76  ? 18.469  5.105   -0.164  1.00 58.19 ? 167 LYS A CD  1 
ATOM   536  C CE  . LYS A 1 76  ? 18.314  6.620   -0.300  1.00 65.66 ? 167 LYS A CE  1 
ATOM   537  N NZ  . LYS A 1 76  ? 18.509  7.094   -1.700  1.00 60.81 ? 167 LYS A NZ  1 
ATOM   538  N N   . THR A 1 77  ? 15.675  0.538   0.570   1.00 27.56 ? 168 THR A N   1 
ATOM   539  C CA  . THR A 1 77  ? 15.493  -0.898  0.697   1.00 28.20 ? 168 THR A CA  1 
ATOM   540  C C   . THR A 1 77  ? 14.578  -1.478  -0.395  1.00 27.36 ? 168 THR A C   1 
ATOM   541  O O   . THR A 1 77  ? 14.093  -2.603  -0.275  1.00 35.04 ? 168 THR A O   1 
ATOM   542  C CB  . THR A 1 77  ? 15.006  -1.289  2.124   1.00 31.56 ? 168 THR A CB  1 
ATOM   543  O OG1 . THR A 1 77  ? 14.775  -2.701  2.183   1.00 62.67 ? 168 THR A OG1 1 
ATOM   544  C CG2 . THR A 1 77  ? 13.732  -0.572  2.491   1.00 36.57 ? 168 THR A CG2 1 
ATOM   545  N N   . GLY A 1 78  ? 14.394  -0.724  -1.479  1.00 35.35 ? 169 GLY A N   1 
ATOM   546  C CA  . GLY A 1 78  ? 13.537  -1.147  -2.597  1.00 23.96 ? 169 GLY A CA  1 
ATOM   547  C C   . GLY A 1 78  ? 12.061  -1.194  -2.229  1.00 23.86 ? 169 GLY A C   1 
ATOM   548  O O   . GLY A 1 78  ? 11.286  -1.931  -2.832  1.00 43.46 ? 169 GLY A O   1 
ATOM   549  N N   . ALA A 1 79  ? 11.665  -0.390  -1.251  1.00 15.29 ? 170 ALA A N   1 
ATOM   550  C CA  . ALA A 1 79  ? 10.290  -0.358  -0.800  1.00 1.77  ? 170 ALA A CA  1 
ATOM   551  C C   . ALA A 1 79  ? 9.614   0.913   -1.245  1.00 14.19 ? 170 ALA A C   1 
ATOM   552  O O   . ALA A 1 79  ? 10.263  1.959   -1.383  1.00 14.78 ? 170 ALA A O   1 
ATOM   553  C CB  . ALA A 1 79  ? 10.231  -0.472  0.723   1.00 18.98 ? 170 ALA A CB  1 
ATOM   554  N N   . ILE A 1 80  ? 8.313   0.812   -1.509  1.00 6.28  ? 171 ILE A N   1 
ATOM   555  C CA  . ILE A 1 80  ? 7.531   1.971   -1.911  1.00 24.09 ? 171 ILE A CA  1 
ATOM   556  C C   . ILE A 1 80  ? 6.463   2.259   -0.892  1.00 12.25 ? 171 ILE A C   1 
ATOM   557  O O   . ILE A 1 80  ? 5.799   1.350   -0.421  1.00 14.85 ? 171 ILE A O   1 
ATOM   558  C CB  . ILE A 1 80  ? 6.909   1.837   -3.327  1.00 27.72 ? 171 ILE A CB  1 
ATOM   559  C CG1 . ILE A 1 80  ? 7.992   2.050   -4.381  1.00 33.31 ? 171 ILE A CG1 1 
ATOM   560  C CG2 . ILE A 1 80  ? 5.839   2.894   -3.543  1.00 33.38 ? 171 ILE A CG2 1 
ATOM   561  C CD1 . ILE A 1 80  ? 7.469   2.394   -5.749  1.00 31.17 ? 171 ILE A CD1 1 
ATOM   562  N N   . HIS A 1 81  ? 6.307   3.540   -0.570  1.00 21.80 ? 172 HIS A N   1 
ATOM   563  C CA  . HIS A 1 81  ? 5.323   4.000   0.400   1.00 30.44 ? 172 HIS A CA  1 
ATOM   564  C C   . HIS A 1 81  ? 4.459   5.093   -0.204  1.00 23.95 ? 172 HIS A C   1 
ATOM   565  O O   . HIS A 1 81  ? 4.942   5.904   -1.005  1.00 17.59 ? 172 HIS A O   1 
ATOM   566  C CB  . HIS A 1 81  ? 6.025   4.506   1.665   1.00 23.50 ? 172 HIS A CB  1 
ATOM   567  C CG  . HIS A 1 81  ? 7.072   3.568   2.184   1.00 29.18 ? 172 HIS A CG  1 
ATOM   568  N ND1 . HIS A 1 81  ? 6.761   2.402   2.850   1.00 13.28 ? 172 HIS A ND1 1 
ATOM   569  C CD2 . HIS A 1 81  ? 8.424   3.610   2.110   1.00 29.34 ? 172 HIS A CD2 1 
ATOM   570  C CE1 . HIS A 1 81  ? 7.876   1.761   3.152   1.00 16.46 ? 172 HIS A CE1 1 
ATOM   571  N NE2 . HIS A 1 81  ? 8.900   2.479   2.726   1.00 14.72 ? 172 HIS A NE2 1 
ATOM   572  N N   . ALA A 1 82  ? 3.179   5.105   0.162   1.00 22.83 ? 173 ALA A N   1 
ATOM   573  C CA  . ALA A 1 82  ? 2.250   6.121   -0.357  1.00 34.29 ? 173 ALA A CA  1 
ATOM   574  C C   . ALA A 1 82  ? 0.946   6.191   0.417   1.00 20.57 ? 173 ALA A C   1 
ATOM   575  O O   . ALA A 1 82  ? 0.412   5.156   0.798   1.00 35.25 ? 173 ALA A O   1 
ATOM   576  C CB  . ALA A 1 82  ? 1.958   5.867   -1.829  1.00 32.18 ? 173 ALA A CB  1 
ATOM   577  N N   . PRO A 1 83  ? 0.430   7.418   0.654   1.00 29.35 ? 174 PRO A N   1 
ATOM   578  C CA  . PRO A 1 83  ? -0.864  7.639   1.331   1.00 17.12 ? 174 PRO A CA  1 
ATOM   579  C C   . PRO A 1 83  ? -2.010  7.468   0.331   1.00 20.63 ? 174 PRO A C   1 
ATOM   580  O O   . PRO A 1 83  ? -1.937  7.987   -0.779  1.00 26.35 ? 174 PRO A O   1 
ATOM   581  C CB  . PRO A 1 83  ? -0.773  9.095   1.787   1.00 15.36 ? 174 PRO A CB  1 
ATOM   582  C CG  . PRO A 1 83  ? 0.132   9.741   0.809   1.00 23.20 ? 174 PRO A CG  1 
ATOM   583  C CD  . PRO A 1 83  ? 1.085   8.691   0.293   1.00 26.33 ? 174 PRO A CD  1 
ATOM   584  N N   . VAL A 1 84  ? -3.045  6.728   0.708   1.00 14.23 ? 175 VAL A N   1 
ATOM   585  C CA  . VAL A 1 84  ? -4.142  6.465   -0.206  1.00 6.66  ? 175 VAL A CA  1 
ATOM   586  C C   . VAL A 1 84  ? -5.497  6.941   0.302   1.00 20.61 ? 175 VAL A C   1 
ATOM   587  O O   . VAL A 1 84  ? -6.548  6.469   -0.143  1.00 18.13 ? 175 VAL A O   1 
ATOM   588  C CB  . VAL A 1 84  ? -4.207  4.969   -0.591  1.00 2.31  ? 175 VAL A CB  1 
ATOM   589  C CG1 . VAL A 1 84  ? -3.032  4.606   -1.497  1.00 13.12 ? 175 VAL A CG1 1 
ATOM   590  C CG2 . VAL A 1 84  ? -4.224  4.085   0.648   1.00 13.98 ? 175 VAL A CG2 1 
ATOM   591  N N   . GLY A 1 85  ? -5.466  7.902   1.211   1.00 14.33 ? 176 GLY A N   1 
ATOM   592  C CA  . GLY A 1 85  ? -6.681  8.443   1.786   1.00 13.27 ? 176 GLY A CA  1 
ATOM   593  C C   . GLY A 1 85  ? -6.625  8.606   3.291   1.00 18.19 ? 176 GLY A C   1 
ATOM   594  O O   . GLY A 1 85  ? -5.555  8.612   3.892   1.00 31.71 ? 176 GLY A O   1 
ATOM   595  N N   . LYS A 1 86  ? -7.792  8.740   3.900   1.00 25.75 ? 177 LYS A N   1 
ATOM   596  C CA  . LYS A 1 86  ? -7.883  8.943   5.330   1.00 25.77 ? 177 LYS A CA  1 
ATOM   597  C C   . LYS A 1 86  ? -8.702  7.817   5.898   1.00 20.99 ? 177 LYS A C   1 
ATOM   598  O O   . LYS A 1 86  ? -9.546  7.251   5.213   1.00 22.08 ? 177 LYS A O   1 
ATOM   599  C CB  . LYS A 1 86  ? -8.576  10.280  5.638   1.00 34.68 ? 177 LYS A CB  1 
ATOM   600  C CG  . LYS A 1 86  ? -8.031  11.493  4.870   1.00 39.55 ? 177 LYS A CG  1 
ATOM   601  C CD  . LYS A 1 86  ? -6.594  11.880  5.250   1.00 27.55 ? 177 LYS A CD  1 
ATOM   602  C CE  . LYS A 1 86  ? -6.522  12.502  6.628   1.00 36.60 ? 177 LYS A CE  1 
ATOM   603  N NZ  . LYS A 1 86  ? -5.165  12.999  6.950   1.00 30.96 ? 177 LYS A NZ  1 
ATOM   604  N N   . ALA A 1 87  ? -8.465  7.494   7.160   1.00 14.92 ? 178 ALA A N   1 
ATOM   605  C CA  . ALA A 1 87  ? -9.200  6.417   7.792   1.00 21.69 ? 178 ALA A CA  1 
ATOM   606  C C   . ALA A 1 87  ? -10.693 6.735   7.883   1.00 16.75 ? 178 ALA A C   1 
ATOM   607  O O   . ALA A 1 87  ? -11.494 5.830   8.096   1.00 25.76 ? 178 ALA A O   1 
ATOM   608  C CB  . ALA A 1 87  ? -8.618  6.100   9.168   1.00 1.50  ? 178 ALA A CB  1 
ATOM   609  N N   . SER A 1 88  ? -11.059 8.017   7.743   1.00 30.11 ? 179 SER A N   1 
ATOM   610  C CA  . SER A 1 88  ? -12.479 8.450   7.811   1.00 23.21 ? 179 SER A CA  1 
ATOM   611  C C   . SER A 1 88  ? -13.264 8.058   6.551   1.00 33.70 ? 179 SER A C   1 
ATOM   612  O O   . SER A 1 88  ? -14.450 7.753   6.638   1.00 34.27 ? 179 SER A O   1 
ATOM   613  C CB  . SER A 1 88  ? -12.589 9.950   8.041   1.00 35.50 ? 179 SER A CB  1 
ATOM   614  O OG  . SER A 1 88  ? -12.080 10.669  6.929   1.00 46.63 ? 179 SER A OG  1 
ATOM   615  N N   . PHE A 1 89  ? -12.591 8.103   5.393   1.00 30.66 ? 180 PHE A N   1 
ATOM   616  C CA  . PHE A 1 89  ? -13.130 7.672   4.089   1.00 13.68 ? 180 PHE A CA  1 
ATOM   617  C C   . PHE A 1 89  ? -14.002 6.430   4.150   1.00 26.35 ? 180 PHE A C   1 
ATOM   618  O O   . PHE A 1 89  ? -13.671 5.485   4.868   1.00 27.03 ? 180 PHE A O   1 
ATOM   619  C CB  . PHE A 1 89  ? -11.976 7.285   3.179   1.00 16.14 ? 180 PHE A CB  1 
ATOM   620  C CG  . PHE A 1 89  ? -11.419 8.403   2.369   1.00 18.72 ? 180 PHE A CG  1 
ATOM   621  C CD1 . PHE A 1 89  ? -11.161 9.636   2.933   1.00 24.50 ? 180 PHE A CD1 1 
ATOM   622  C CD2 . PHE A 1 89  ? -10.964 8.152   1.088   1.00 12.52 ? 180 PHE A CD2 1 
ATOM   623  C CE1 . PHE A 1 89  ? -10.587 10.639  2.185   1.00 27.31 ? 180 PHE A CE1 1 
ATOM   624  C CE2 . PHE A 1 89  ? -10.377 9.139   0.343   1.00 23.29 ? 180 PHE A CE2 1 
ATOM   625  C CZ  . PHE A 1 89  ? -10.185 10.383  0.887   1.00 25.59 ? 180 PHE A CZ  1 
ATOM   626  N N   . PRO A 1 90  ? -15.111 6.411   3.379   1.00 26.13 ? 181 PRO A N   1 
ATOM   627  C CA  . PRO A 1 90  ? -15.887 5.178   3.309   1.00 21.68 ? 181 PRO A CA  1 
ATOM   628  C C   . PRO A 1 90  ? -14.976 4.099   2.712   1.00 23.31 ? 181 PRO A C   1 
ATOM   629  O O   . PRO A 1 90  ? -14.183 4.400   1.808   1.00 14.46 ? 181 PRO A O   1 
ATOM   630  C CB  . PRO A 1 90  ? -17.017 5.532   2.337   1.00 21.36 ? 181 PRO A CB  1 
ATOM   631  C CG  . PRO A 1 90  ? -17.132 6.990   2.411   1.00 5.82  ? 181 PRO A CG  1 
ATOM   632  C CD  . PRO A 1 90  ? -15.741 7.495   2.607   1.00 9.76  ? 181 PRO A CD  1 
ATOM   633  N N   . PRO A 1 91  ? -15.055 2.866   3.250   1.00 17.30 ? 182 PRO A N   1 
ATOM   634  C CA  . PRO A 1 91  ? -14.233 1.690   2.917   1.00 19.67 ? 182 PRO A CA  1 
ATOM   635  C C   . PRO A 1 91  ? -14.056 1.427   1.424   1.00 26.35 ? 182 PRO A C   1 
ATOM   636  O O   . PRO A 1 91  ? -12.981 1.033   0.994   1.00 42.51 ? 182 PRO A O   1 
ATOM   637  C CB  . PRO A 1 91  ? -15.003 0.528   3.541   1.00 19.23 ? 182 PRO A CB  1 
ATOM   638  C CG  . PRO A 1 91  ? -15.839 1.115   4.584   1.00 20.91 ? 182 PRO A CG  1 
ATOM   639  C CD  . PRO A 1 91  ? -16.077 2.554   4.283   1.00 13.63 ? 182 PRO A CD  1 
ATOM   640  N N   . GLU A 1 92  ? -15.119 1.618   0.655   1.00 41.87 ? 183 GLU A N   1 
ATOM   641  C CA  . GLU A 1 92  ? -15.079 1.372   -0.769  1.00 32.91 ? 183 GLU A CA  1 
ATOM   642  C C   . GLU A 1 92  ? -14.144 2.364   -1.454  1.00 31.51 ? 183 GLU A C   1 
ATOM   643  O O   . GLU A 1 92  ? -13.517 2.024   -2.454  1.00 49.69 ? 183 GLU A O   1 
ATOM   644  C CB  . GLU A 1 92  ? -16.499 1.410   -1.354  1.00 38.72 ? 183 GLU A CB  1 
ATOM   645  C CG  . GLU A 1 92  ? -16.617 0.924   -2.803  1.00 66.04 ? 183 GLU A CG  1 
ATOM   646  C CD  . GLU A 1 92  ? -18.069 0.674   -3.249  1.00 81.63 ? 183 GLU A CD  1 
ATOM   647  O OE1 . GLU A 1 92  ? -18.975 0.630   -2.384  1.00 83.56 ? 183 GLU A OE1 1 
ATOM   648  O OE2 . GLU A 1 92  ? -18.296 0.468   -4.465  1.00 82.08 ? 183 GLU A OE2 1 
ATOM   649  N N   . LYS A 1 93  ? -14.010 3.570   -0.899  1.00 34.72 ? 184 LYS A N   1 
ATOM   650  C CA  . LYS A 1 93  ? -13.125 4.589   -1.494  1.00 27.40 ? 184 LYS A CA  1 
ATOM   651  C C   . LYS A 1 93  ? -11.653 4.275   -1.243  1.00 26.44 ? 184 LYS A C   1 
ATOM   652  O O   . LYS A 1 93  ? -10.795 4.644   -2.040  1.00 32.39 ? 184 LYS A O   1 
ATOM   653  C CB  . LYS A 1 93  ? -13.436 6.006   -0.982  1.00 45.67 ? 184 LYS A CB  1 
ATOM   654  C CG  . LYS A 1 93  ? -14.814 6.580   -1.319  1.00 42.64 ? 184 LYS A CG  1 
ATOM   655  C CD  . LYS A 1 93  ? -14.864 8.071   -0.953  1.00 47.22 ? 184 LYS A CD  1 
ATOM   656  C CE  . LYS A 1 93  ? -16.273 8.656   -1.020  1.00 38.36 ? 184 LYS A CE  1 
ATOM   657  N NZ  . LYS A 1 93  ? -16.868 8.627   -2.374  1.00 31.90 ? 184 LYS A NZ  1 
ATOM   658  N N   . LEU A 1 94  ? -11.356 3.676   -0.088  1.00 22.15 ? 185 LEU A N   1 
ATOM   659  C CA  . LEU A 1 94  ? -9.984  3.278   0.238   1.00 26.76 ? 185 LEU A CA  1 
ATOM   660  C C   . LEU A 1 94  ? -9.573  2.118   -0.655  1.00 21.52 ? 185 LEU A C   1 
ATOM   661  O O   . LEU A 1 94  ? -8.461  2.093   -1.186  1.00 19.35 ? 185 LEU A O   1 
ATOM   662  C CB  . LEU A 1 94  ? -9.845  2.888   1.718   1.00 11.62 ? 185 LEU A CB  1 
ATOM   663  C CG  . LEU A 1 94  ? -9.835  4.021   2.750   1.00 10.26 ? 185 LEU A CG  1 
ATOM   664  C CD1 . LEU A 1 94  ? -10.202 3.500   4.140   1.00 24.11 ? 185 LEU A CD1 1 
ATOM   665  C CD2 . LEU A 1 94  ? -8.499  4.761   2.765   1.00 1.00  ? 185 LEU A CD2 1 
ATOM   666  N N   . ALA A 1 95  ? -10.503 1.185   -0.844  1.00 10.95 ? 186 ALA A N   1 
ATOM   667  C CA  . ALA A 1 95  ? -10.289 0.008   -1.676  1.00 14.33 ? 186 ALA A CA  1 
ATOM   668  C C   . ALA A 1 95  ? -9.919  0.340   -3.123  1.00 15.29 ? 186 ALA A C   1 
ATOM   669  O O   . ALA A 1 95  ? -9.076  -0.328  -3.713  1.00 35.57 ? 186 ALA A O   1 
ATOM   670  C CB  . ALA A 1 95  ? -11.501 -0.891  -1.634  1.00 14.27 ? 186 ALA A CB  1 
ATOM   671  N N   . ASP A 1 96  ? -10.480 1.417   -3.660  1.00 18.87 ? 187 ASP A N   1 
ATOM   672  C CA  A ASP A 1 96  ? -10.182 1.759   -5.039  0.40 20.50 ? 187 ASP A CA  1 
ATOM   673  C CA  B ASP A 1 96  ? -10.227 1.851   -5.033  0.60 11.49 ? 187 ASP A CA  1 
ATOM   674  C C   . ASP A 1 96  ? -8.882  2.539   -5.178  1.00 18.99 ? 187 ASP A C   1 
ATOM   675  O O   . ASP A 1 96  ? -8.228  2.454   -6.218  1.00 24.91 ? 187 ASP A O   1 
ATOM   676  C CB  A ASP A 1 96  ? -11.342 2.495   -5.706  0.40 34.45 ? 187 ASP A CB  1 
ATOM   677  C CB  B ASP A 1 96  ? -11.322 2.824   -5.471  0.60 19.06 ? 187 ASP A CB  1 
ATOM   678  C CG  A ASP A 1 96  ? -11.260 2.448   -7.225  0.40 48.62 ? 187 ASP A CG  1 
ATOM   679  C CG  B ASP A 1 96  ? -12.698 2.194   -5.477  0.60 21.93 ? 187 ASP A CG  1 
ATOM   680  O OD1 A ASP A 1 96  ? -10.502 1.595   -7.757  0.40 36.62 ? 187 ASP A OD1 1 
ATOM   681  O OD1 B ASP A 1 96  ? -12.789 0.951   -5.592  0.60 20.43 ? 187 ASP A OD1 1 
ATOM   682  O OD2 A ASP A 1 96  ? -11.983 3.229   -7.885  0.40 56.00 ? 187 ASP A OD2 1 
ATOM   683  O OD2 B ASP A 1 96  ? -13.693 2.951   -5.404  0.60 31.88 ? 187 ASP A OD2 1 
ATOM   684  N N   . ASN A 1 97  ? -8.520  3.301   -4.146  1.00 28.24 ? 188 ASN A N   1 
ATOM   685  C CA  . ASN A 1 97  ? -7.253  4.046   -4.124  1.00 23.75 ? 188 ASN A CA  1 
ATOM   686  C C   . ASN A 1 97  ? -6.080  3.071   -3.988  1.00 5.37  ? 188 ASN A C   1 
ATOM   687  O O   . ASN A 1 97  ? -4.989  3.322   -4.488  1.00 32.11 ? 188 ASN A O   1 
ATOM   688  C CB  . ASN A 1 97  ? -7.225  5.051   -2.960  1.00 38.29 ? 188 ASN A CB  1 
ATOM   689  C CG  . ASN A 1 97  ? -8.211  6.200   -3.135  1.00 37.00 ? 188 ASN A CG  1 
ATOM   690  O OD1 . ASN A 1 97  ? -8.646  6.504   -4.246  1.00 44.12 ? 188 ASN A OD1 1 
ATOM   691  N ND2 . ASN A 1 97  ? -8.518  6.881   -2.037  1.00 20.13 ? 188 ASN A ND2 1 
ATOM   692  N N   . ILE A 1 98  ? -6.296  2.019   -3.206  1.00 11.03 ? 189 ILE A N   1 
ATOM   693  C CA  . ILE A 1 98  ? -5.317  0.948   -3.027  1.00 22.16 ? 189 ILE A CA  1 
ATOM   694  C C   . ILE A 1 98  ? -5.039  0.213   -4.349  1.00 13.32 ? 189 ILE A C   1 
ATOM   695  O O   . ILE A 1 98  ? -3.887  -0.013  -4.699  1.00 42.74 ? 189 ILE A O   1 
ATOM   696  C CB  . ILE A 1 98  ? -5.766  -0.040  -1.937  1.00 16.12 ? 189 ILE A CB  1 
ATOM   697  C CG1 . ILE A 1 98  ? -5.856  0.679   -0.584  1.00 9.79  ? 189 ILE A CG1 1 
ATOM   698  C CG2 . ILE A 1 98  ? -4.802  -1.214  -1.846  1.00 21.57 ? 189 ILE A CG2 1 
ATOM   699  C CD1 . ILE A 1 98  ? -6.427  -0.179  0.550   1.00 7.83  ? 189 ILE A CD1 1 
ATOM   700  N N   . ARG A 1 99  ? -6.093  -0.136  -5.086  1.00 26.00 ? 190 ARG A N   1 
ATOM   701  C CA  . ARG A 1 99  ? -5.944  -0.785  -6.386  1.00 16.02 ? 190 ARG A CA  1 
ATOM   702  C C   . ARG A 1 99  ? -5.320  0.123   -7.421  1.00 21.34 ? 190 ARG A C   1 
ATOM   703  O O   . ARG A 1 99  ? -4.528  -0.332  -8.235  1.00 32.88 ? 190 ARG A O   1 
ATOM   704  C CB  . ARG A 1 99  ? -7.281  -1.247  -6.940  1.00 15.10 ? 190 ARG A CB  1 
ATOM   705  C CG  . ARG A 1 99  ? -7.888  -2.382  -6.210  1.00 25.13 ? 190 ARG A CG  1 
ATOM   706  C CD  . ARG A 1 99  ? -9.123  -2.890  -6.917  1.00 13.25 ? 190 ARG A CD  1 
ATOM   707  N NE  . ARG A 1 99  ? -9.794  -3.879  -6.074  1.00 43.55 ? 190 ARG A NE  1 
ATOM   708  C CZ  . ARG A 1 99  ? -10.681 -3.583  -5.125  1.00 38.09 ? 190 ARG A CZ  1 
ATOM   709  N NH1 . ARG A 1 99  ? -11.041 -2.322  -4.913  1.00 36.24 ? 190 ARG A NH1 1 
ATOM   710  N NH2 . ARG A 1 99  ? -11.223 -4.551  -4.396  1.00 34.31 ? 190 ARG A NH2 1 
ATOM   711  N N   . ALA A 1 100 ? -5.713  1.392   -7.433  1.00 13.89 ? 191 ALA A N   1 
ATOM   712  C CA  . ALA A 1 100 ? -5.176  2.323   -8.434  1.00 25.72 ? 191 ALA A CA  1 
ATOM   713  C C   . ALA A 1 100 ? -3.680  2.511   -8.302  1.00 15.19 ? 191 ALA A C   1 
ATOM   714  O O   . ALA A 1 100 ? -2.985  2.668   -9.294  1.00 41.91 ? 191 ALA A O   1 
ATOM   715  C CB  . ALA A 1 100 ? -5.900  3.670   -8.389  1.00 7.83  ? 191 ALA A CB  1 
ATOM   716  N N   . PHE A 1 101 ? -3.192  2.496   -7.068  1.00 23.61 ? 192 PHE A N   1 
ATOM   717  C CA  . PHE A 1 101 ? -1.764  2.632   -6.790  1.00 20.36 ? 192 PHE A CA  1 
ATOM   718  C C   . PHE A 1 101 ? -1.002  1.401   -7.275  1.00 29.07 ? 192 PHE A C   1 
ATOM   719  O O   . PHE A 1 101 ? 0.027   1.518   -7.943  1.00 40.11 ? 192 PHE A O   1 
ATOM   720  C CB  . PHE A 1 101 ? -1.539  2.838   -5.294  1.00 15.76 ? 192 PHE A CB  1 
ATOM   721  C CG  . PHE A 1 101 ? -0.101  2.837   -4.895  1.00 7.74  ? 192 PHE A CG  1 
ATOM   722  C CD1 . PHE A 1 101 ? 0.687   3.944   -5.105  1.00 14.30 ? 192 PHE A CD1 1 
ATOM   723  C CD2 . PHE A 1 101 ? 0.449   1.741   -4.254  1.00 24.56 ? 192 PHE A CD2 1 
ATOM   724  C CE1 . PHE A 1 101 ? 2.019   3.944   -4.740  1.00 25.37 ? 192 PHE A CE1 1 
ATOM   725  C CE2 . PHE A 1 101 ? 1.774   1.740   -3.871  1.00 23.79 ? 192 PHE A CE2 1 
ATOM   726  C CZ  . PHE A 1 101 ? 2.556   2.850   -4.112  1.00 19.70 ? 192 PHE A CZ  1 
ATOM   727  N N   . ILE A 1 102 ? -1.513  0.223   -6.929  1.00 19.18 ? 193 ILE A N   1 
ATOM   728  C CA  . ILE A 1 102 ? -0.908  -1.042  -7.341  1.00 24.18 ? 193 ILE A CA  1 
ATOM   729  C C   . ILE A 1 102 ? -0.904  -1.227  -8.856  1.00 24.48 ? 193 ILE A C   1 
ATOM   730  O O   . ILE A 1 102 ? 0.146   -1.413  -9.460  1.00 43.98 ? 193 ILE A O   1 
ATOM   731  C CB  . ILE A 1 102 ? -1.615  -2.232  -6.695  1.00 18.71 ? 193 ILE A CB  1 
ATOM   732  C CG1 . ILE A 1 102 ? -1.439  -2.173  -5.173  1.00 16.86 ? 193 ILE A CG1 1 
ATOM   733  C CG2 . ILE A 1 102 ? -1.046  -3.518  -7.243  1.00 24.81 ? 193 ILE A CG2 1 
ATOM   734  C CD1 . ILE A 1 102 ? -2.198  -3.224  -4.409  1.00 5.95  ? 193 ILE A CD1 1 
ATOM   735  N N   . ARG A 1 103 ? -2.078  -1.159  -9.468  1.00 31.03 ? 194 ARG A N   1 
ATOM   736  C CA  . ARG A 1 103 ? -2.184  -1.327  -10.912 1.00 33.13 ? 194 ARG A CA  1 
ATOM   737  C C   . ARG A 1 103 ? -1.219  -0.399  -11.635 1.00 26.98 ? 194 ARG A C   1 
ATOM   738  O O   . ARG A 1 103 ? -0.794  -0.684  -12.754 1.00 44.75 ? 194 ARG A O   1 
ATOM   739  C CB  . ARG A 1 103 ? -3.625  -1.080  -11.397 1.00 30.12 ? 194 ARG A CB  1 
ATOM   740  C CG  . ARG A 1 103 ? -4.702  -2.008  -10.812 1.00 32.46 ? 194 ARG A CG  1 
ATOM   741  C CD  . ARG A 1 103 ? -4.412  -3.501  -11.037 1.00 38.73 ? 194 ARG A CD  1 
ATOM   742  N NE  . ARG A 1 103 ? -5.598  -4.338  -10.822 1.00 49.28 ? 194 ARG A NE  1 
ATOM   743  C CZ  . ARG A 1 103 ? -5.948  -4.896  -9.662  1.00 55.78 ? 194 ARG A CZ  1 
ATOM   744  N NH1 . ARG A 1 103 ? -5.206  -4.724  -8.571  1.00 41.24 ? 194 ARG A NH1 1 
ATOM   745  N NH2 . ARG A 1 103 ? -7.051  -5.640  -9.599  1.00 43.94 ? 194 ARG A NH2 1 
ATOM   746  N N   . ALA A 1 104 ? -0.918  0.731   -11.003 1.00 26.99 ? 195 ALA A N   1 
ATOM   747  C CA  . ALA A 1 104 ? 0.005   1.726   -11.555 1.00 25.58 ? 195 ALA A CA  1 
ATOM   748  C C   . ALA A 1 104 ? 1.446   1.315   -11.300 1.00 30.34 ? 195 ALA A C   1 
ATOM   749  O O   . ALA A 1 104 ? 2.330   1.550   -12.122 1.00 17.54 ? 195 ALA A O   1 
ATOM   750  C CB  . ALA A 1 104 ? -0.256  3.091   -10.935 1.00 27.59 ? 195 ALA A CB  1 
ATOM   751  N N   . LEU A 1 105 ? 1.676   0.744   -10.124 1.00 26.33 ? 196 LEU A N   1 
ATOM   752  C CA  . LEU A 1 105 ? 2.994   0.299   -9.723  1.00 23.22 ? 196 LEU A CA  1 
ATOM   753  C C   . LEU A 1 105 ? 3.459   -0.798  -10.678 1.00 21.98 ? 196 LEU A C   1 
ATOM   754  O O   . LEU A 1 105 ? 4.490   -0.665  -11.329 1.00 32.47 ? 196 LEU A O   1 
ATOM   755  C CB  . LEU A 1 105 ? 2.920   -0.229  -8.301  1.00 11.93 ? 196 LEU A CB  1 
ATOM   756  C CG  . LEU A 1 105 ? 4.235   -0.341  -7.560  1.00 16.86 ? 196 LEU A CG  1 
ATOM   757  C CD1 . LEU A 1 105 ? 4.872   0.997   -7.526  1.00 2.46  ? 196 LEU A CD1 1 
ATOM   758  C CD2 . LEU A 1 105 ? 4.000   -0.844  -6.151  1.00 28.36 ? 196 LEU A CD2 1 
ATOM   759  N N   . GLU A 1 106 ? 2.640   -1.840  -10.798 1.00 18.45 ? 197 GLU A N   1 
ATOM   760  C CA  . GLU A 1 106 ? 2.886   -2.989  -11.674 1.00 12.96 ? 197 GLU A CA  1 
ATOM   761  C C   . GLU A 1 106 ? 3.290   -2.675  -13.107 1.00 20.49 ? 197 GLU A C   1 
ATOM   762  O O   . GLU A 1 106 ? 3.851   -3.530  -13.785 1.00 40.67 ? 197 GLU A O   1 
ATOM   763  C CB  . GLU A 1 106 ? 1.651   -3.884  -11.733 1.00 23.53 ? 197 GLU A CB  1 
ATOM   764  C CG  . GLU A 1 106 ? 1.410   -4.771  -10.535 1.00 13.84 ? 197 GLU A CG  1 
ATOM   765  C CD  . GLU A 1 106 ? 0.138   -5.593  -10.703 1.00 33.54 ? 197 GLU A CD  1 
ATOM   766  O OE1 . GLU A 1 106 ? -0.764  -5.136  -11.441 1.00 38.08 ? 197 GLU A OE1 1 
ATOM   767  O OE2 . GLU A 1 106 ? 0.025   -6.682  -10.091 1.00 39.74 ? 197 GLU A OE2 1 
ATOM   768  N N   . ALA A 1 107 ? 2.940   -1.493  -13.599 1.00 26.47 ? 198 ALA A N   1 
ATOM   769  C CA  . ALA A 1 107 ? 3.300   -1.123  -14.966 1.00 27.16 ? 198 ALA A CA  1 
ATOM   770  C C   . ALA A 1 107 ? 4.722   -0.586  -15.057 1.00 29.79 ? 198 ALA A C   1 
ATOM   771  O O   . ALA A 1 107 ? 5.214   -0.292  -16.150 1.00 27.07 ? 198 ALA A O   1 
ATOM   772  C CB  . ALA A 1 107 ? 2.322   -0.114  -15.520 1.00 18.05 ? 198 ALA A CB  1 
ATOM   773  N N   . HIS A 1 108 ? 5.406   -0.537  -13.917 1.00 31.33 ? 199 HIS A N   1 
ATOM   774  C CA  . HIS A 1 108 ? 6.736   0.034   -13.868 1.00 30.58 ? 199 HIS A CA  1 
ATOM   775  C C   . HIS A 1 108 ? 7.870   -0.921  -13.525 1.00 35.82 ? 199 HIS A C   1 
ATOM   776  O O   . HIS A 1 108 ? 8.992   -0.465  -13.300 1.00 36.23 ? 199 HIS A O   1 
ATOM   777  C CB  . HIS A 1 108 ? 6.756   1.254   -12.932 1.00 51.10 ? 199 HIS A CB  1 
ATOM   778  C CG  . HIS A 1 108 ? 5.920   2.398   -13.418 1.00 49.08 ? 199 HIS A CG  1 
ATOM   779  N ND1 . HIS A 1 108 ? 4.653   2.650   -12.939 1.00 50.11 ? 199 HIS A ND1 1 
ATOM   780  C CD2 . HIS A 1 108 ? 6.146   3.321   -14.384 1.00 54.36 ? 199 HIS A CD2 1 
ATOM   781  C CE1 . HIS A 1 108 ? 4.142   3.690   -13.576 1.00 51.78 ? 199 HIS A CE1 1 
ATOM   782  N NE2 . HIS A 1 108 ? 5.029   4.116   -14.457 1.00 47.06 ? 199 HIS A NE2 1 
ATOM   783  N N   . LYS A 1 109 ? 7.594   -2.229  -13.481 1.00 37.75 ? 200 LYS A N   1 
ATOM   784  C CA  . LYS A 1 109 ? 8.643   -3.219  -13.195 1.00 35.78 ? 200 LYS A CA  1 
ATOM   785  C C   . LYS A 1 109 ? 9.776   -3.015  -14.192 1.00 39.62 ? 200 LYS A C   1 
ATOM   786  O O   . LYS A 1 109 ? 9.596   -3.252  -15.391 1.00 62.83 ? 200 LYS A O   1 
ATOM   787  C CB  . LYS A 1 109 ? 8.093   -4.648  -13.243 1.00 31.72 ? 200 LYS A CB  1 
ATOM   788  C CG  . LYS A 1 109 ? 7.425   -5.016  -14.551 1.00 46.76 ? 200 LYS A CG  1 
ATOM   789  C CD  . LYS A 1 109 ? 6.560   -6.269  -14.417 1.00 57.76 ? 200 LYS A CD  1 
ATOM   790  C CE  . LYS A 1 109 ? 5.313   -6.004  -13.564 1.00 41.41 ? 200 LYS A CE  1 
ATOM   791  N NZ  . LYS A 1 109 ? 4.437   -7.199  -13.453 1.00 35.71 ? 200 LYS A NZ  1 
ATOM   792  N N   . PRO A 1 110 ? 10.932  -2.508  -13.712 1.00 43.11 ? 201 PRO A N   1 
ATOM   793  C CA  . PRO A 1 110 ? 12.045  -2.202  -14.613 1.00 33.78 ? 201 PRO A CA  1 
ATOM   794  C C   . PRO A 1 110 ? 12.471  -3.412  -15.454 1.00 42.02 ? 201 PRO A C   1 
ATOM   795  O O   . PRO A 1 110 ? 12.406  -4.545  -14.981 1.00 37.75 ? 201 PRO A O   1 
ATOM   796  C CB  . PRO A 1 110 ? 13.161  -1.742  -13.661 1.00 30.14 ? 201 PRO A CB  1 
ATOM   797  C CG  . PRO A 1 110 ? 12.742  -2.167  -12.306 1.00 19.16 ? 201 PRO A CG  1 
ATOM   798  C CD  . PRO A 1 110 ? 11.265  -2.224  -12.303 1.00 25.36 ? 201 PRO A CD  1 
ATOM   799  N N   . GLU A 1 111 ? 12.847  -3.166  -16.708 1.00 45.81 ? 202 GLU A N   1 
ATOM   800  C CA  . GLU A 1 111 ? 13.253  -4.234  -17.632 1.00 44.24 ? 202 GLU A CA  1 
ATOM   801  C C   . GLU A 1 111 ? 14.371  -5.110  -17.066 1.00 41.94 ? 202 GLU A C   1 
ATOM   802  O O   . GLU A 1 111 ? 14.433  -6.304  -17.363 1.00 32.62 ? 202 GLU A O   1 
ATOM   803  C CB  . GLU A 1 111 ? 13.707  -3.642  -18.977 1.00 54.84 ? 202 GLU A CB  1 
ATOM   804  C CG  . GLU A 1 111 ? 12.684  -2.743  -19.699 1.00 58.35 ? 202 GLU A CG  1 
ATOM   805  C CD  . GLU A 1 111 ? 11.494  -3.498  -20.289 1.00 58.31 ? 202 GLU A CD  1 
ATOM   806  O OE1 . GLU A 1 111 ? 11.571  -4.731  -20.466 1.00 57.57 ? 202 GLU A OE1 1 
ATOM   807  O OE2 . GLU A 1 111 ? 10.491  -2.839  -20.631 1.00 66.23 ? 202 GLU A OE2 1 
ATOM   808  N N   . GLY A 1 112 ? 15.232  -4.513  -16.237 1.00 49.73 ? 203 GLY A N   1 
ATOM   809  C CA  . GLY A 1 112 ? 16.383  -5.206  -15.640 1.00 59.86 ? 203 GLY A CA  1 
ATOM   810  C C   . GLY A 1 112 ? 16.181  -5.957  -14.330 1.00 63.98 ? 203 GLY A C   1 
ATOM   811  O O   . GLY A 1 112 ? 17.157  -6.311  -13.659 1.00 55.04 ? 203 GLY A O   1 
ATOM   812  N N   . ALA A 1 113 ? 14.923  -6.226  -13.979 1.00 60.41 ? 204 ALA A N   1 
ATOM   813  C CA  . ALA A 1 113 ? 14.588  -6.958  -12.760 1.00 53.84 ? 204 ALA A CA  1 
ATOM   814  C C   . ALA A 1 113 ? 13.919  -8.297  -13.081 1.00 56.29 ? 204 ALA A C   1 
ATOM   815  O O   . ALA A 1 113 ? 12.894  -8.335  -13.760 1.00 58.40 ? 204 ALA A O   1 
ATOM   816  C CB  . ALA A 1 113 ? 13.688  -6.115  -11.867 1.00 62.13 ? 204 ALA A CB  1 
ATOM   817  N N   . LYS A 1 114 ? 14.525  -9.392  -12.622 1.00 56.56 ? 205 LYS A N   1 
ATOM   818  C CA  . LYS A 1 114 ? 13.981  -10.734 -12.847 1.00 61.68 ? 205 LYS A CA  1 
ATOM   819  C C   . LYS A 1 114 ? 13.436  -11.337 -11.555 1.00 60.97 ? 205 LYS A C   1 
ATOM   820  O O   . LYS A 1 114 ? 14.132  -11.402 -10.537 1.00 68.97 ? 205 LYS A O   1 
ATOM   821  C CB  . LYS A 1 114 ? 15.017  -11.668 -13.495 1.00 76.18 ? 205 LYS A CB  1 
ATOM   822  C CG  . LYS A 1 114 ? 14.500  -13.105 -13.732 1.00 77.72 ? 205 LYS A CG  1 
ATOM   823  C CD  . LYS A 1 114 ? 15.380  -13.915 -14.695 1.00 70.82 ? 205 LYS A CD  1 
ATOM   824  C CE  . LYS A 1 114 ? 16.783  -14.183 -14.144 1.00 67.33 ? 205 LYS A CE  1 
ATOM   825  N NZ  . LYS A 1 114 ? 17.599  -14.975 -15.126 1.00 56.50 ? 205 LYS A NZ  1 
ATOM   826  N N   . GLY A 1 115 ? 12.182  -11.769 -11.610 1.00 49.27 ? 206 GLY A N   1 
ATOM   827  C CA  . GLY A 1 115 ? 11.509  -12.347 -10.459 1.00 31.90 ? 206 GLY A CA  1 
ATOM   828  C C   . GLY A 1 115 ? 10.221  -11.605 -10.199 1.00 17.90 ? 206 GLY A C   1 
ATOM   829  O O   . GLY A 1 115 ? 9.881   -10.679 -10.922 1.00 27.56 ? 206 GLY A O   1 
ATOM   830  N N   . THR A 1 116 ? 9.504   -12.031 -9.164  1.00 24.06 ? 207 THR A N   1 
ATOM   831  C CA  . THR A 1 116 ? 8.250   -11.412 -8.749  1.00 17.49 ? 207 THR A CA  1 
ATOM   832  C C   . THR A 1 116 ? 8.515   -9.953  -8.409  1.00 21.92 ? 207 THR A C   1 
ATOM   833  O O   . THR A 1 116 ? 9.498   -9.640  -7.737  1.00 31.16 ? 207 THR A O   1 
ATOM   834  C CB  . THR A 1 116 ? 7.688   -12.154 -7.545  1.00 16.42 ? 207 THR A CB  1 
ATOM   835  O OG1 . THR A 1 116 ? 7.546   -13.536 -7.884  1.00 27.06 ? 207 THR A OG1 1 
ATOM   836  C CG2 . THR A 1 116 ? 6.344   -11.594 -7.120  1.00 25.06 ? 207 THR A CG2 1 
ATOM   837  N N   . PHE A 1 117 ? 7.675   -9.059  -8.925  1.00 27.13 ? 208 PHE A N   1 
ATOM   838  C CA  . PHE A 1 117 ? 7.867   -7.623  -8.714  1.00 19.19 ? 208 PHE A CA  1 
ATOM   839  C C   . PHE A 1 117 ? 7.270   -7.128  -7.394  1.00 22.89 ? 208 PHE A C   1 
ATOM   840  O O   . PHE A 1 117 ? 7.864   -6.316  -6.698  1.00 18.11 ? 208 PHE A O   1 
ATOM   841  C CB  . PHE A 1 117 ? 7.337   -6.839  -9.911  1.00 10.82 ? 208 PHE A CB  1 
ATOM   842  C CG  . PHE A 1 117 ? 7.514   -5.346  -9.796  1.00 14.99 ? 208 PHE A CG  1 
ATOM   843  C CD1 . PHE A 1 117 ? 8.777   -4.794  -9.623  1.00 5.85  ? 208 PHE A CD1 1 
ATOM   844  C CD2 . PHE A 1 117 ? 6.435   -4.492  -9.988  1.00 12.06 ? 208 PHE A CD2 1 
ATOM   845  C CE1 . PHE A 1 117 ? 8.941   -3.414  -9.540  1.00 17.73 ? 208 PHE A CE1 1 
ATOM   846  C CE2 . PHE A 1 117 ? 6.592   -3.110  -9.917  1.00 6.09  ? 208 PHE A CE2 1 
ATOM   847  C CZ  . PHE A 1 117 ? 7.845   -2.570  -9.721  1.00 4.16  ? 208 PHE A CZ  1 
ATOM   848  N N   . LEU A 1 118 ? 6.086   -7.619  -7.066  1.00 19.23 ? 209 LEU A N   1 
ATOM   849  C CA  . LEU A 1 118 ? 5.448   -7.276  -5.826  1.00 13.58 ? 209 LEU A CA  1 
ATOM   850  C C   . LEU A 1 118 ? 5.695   -8.414  -4.844  1.00 30.07 ? 209 LEU A C   1 
ATOM   851  O O   . LEU A 1 118 ? 5.039   -9.452  -4.910  1.00 37.02 ? 209 LEU A O   1 
ATOM   852  C CB  . LEU A 1 118 ? 3.950   -7.045  -6.036  1.00 28.26 ? 209 LEU A CB  1 
ATOM   853  C CG  . LEU A 1 118 ? 3.522   -5.873  -6.934  1.00 29.66 ? 209 LEU A CG  1 
ATOM   854  C CD1 . LEU A 1 118 ? 2.022   -5.814  -7.027  1.00 37.29 ? 209 LEU A CD1 1 
ATOM   855  C CD2 . LEU A 1 118 ? 4.048   -4.554  -6.412  1.00 36.56 ? 209 LEU A CD2 1 
ATOM   856  N N   . ARG A 1 119 ? 6.669   -8.226  -3.956  1.00 29.42 ? 210 ARG A N   1 
ATOM   857  C CA  . ARG A 1 119 ? 7.031   -9.250  -2.973  1.00 25.17 ? 210 ARG A CA  1 
ATOM   858  C C   . ARG A 1 119 ? 6.169   -9.209  -1.726  1.00 15.35 ? 210 ARG A C   1 
ATOM   859  O O   . ARG A 1 119 ? 5.860   -10.245 -1.145  1.00 22.96 ? 210 ARG A O   1 
ATOM   860  C CB  . ARG A 1 119 ? 8.498   -9.126  -2.580  1.00 20.78 ? 210 ARG A CB  1 
ATOM   861  C CG  . ARG A 1 119 ? 9.454   -9.203  -3.738  1.00 22.41 ? 210 ARG A CG  1 
ATOM   862  C CD  . ARG A 1 119 ? 9.393   -10.549 -4.438  1.00 25.80 ? 210 ARG A CD  1 
ATOM   863  N NE  . ARG A 1 119 ? 10.374  -10.599 -5.516  1.00 31.70 ? 210 ARG A NE  1 
ATOM   864  C CZ  . ARG A 1 119 ? 11.595  -11.104 -5.396  1.00 26.96 ? 210 ARG A CZ  1 
ATOM   865  N NH1 . ARG A 1 119 ? 11.965  -11.686 -4.268  1.00 32.26 ? 210 ARG A NH1 1 
ATOM   866  N NH2 . ARG A 1 119 ? 12.429  -11.072 -6.428  1.00 32.55 ? 210 ARG A NH2 1 
ATOM   867  N N   . SER A 1 120 ? 5.828   -8.011  -1.278  1.00 18.96 ? 211 SER A N   1 
ATOM   868  C CA  . SER A 1 120 ? 4.977   -7.867  -0.107  1.00 21.49 ? 211 SER A CA  1 
ATOM   869  C C   . SER A 1 120 ? 4.288   -6.518  -0.151  1.00 17.38 ? 211 SER A C   1 
ATOM   870  O O   . SER A 1 120 ? 4.914   -5.512  -0.452  1.00 17.94 ? 211 SER A O   1 
ATOM   871  C CB  . SER A 1 120 ? 5.778   -8.042  1.188   1.00 29.52 ? 211 SER A CB  1 
ATOM   872  O OG  . SER A 1 120 ? 4.936   -8.072  2.336   1.00 34.28 ? 211 SER A OG  1 
ATOM   873  N N   . VAL A 1 121 ? 2.974   -6.525  0.053   1.00 23.08 ? 212 VAL A N   1 
ATOM   874  C CA  . VAL A 1 121 ? 2.178   -5.301  0.052   1.00 16.79 ? 212 VAL A CA  1 
ATOM   875  C C   . VAL A 1 121 ? 1.365   -5.266  1.338   1.00 17.45 ? 212 VAL A C   1 
ATOM   876  O O   . VAL A 1 121 ? 0.783   -6.277  1.732   1.00 20.95 ? 212 VAL A O   1 
ATOM   877  C CB  . VAL A 1 121 ? 1.240   -5.213  -1.209  1.00 31.64 ? 212 VAL A CB  1 
ATOM   878  C CG1 . VAL A 1 121 ? 0.455   -3.921  -1.224  1.00 9.46  ? 212 VAL A CG1 1 
ATOM   879  C CG2 . VAL A 1 121 ? 2.048   -5.326  -2.499  1.00 26.60 ? 212 VAL A CG2 1 
ATOM   880  N N   . TYR A 1 122 ? 1.400   -4.137  2.041   1.00 13.40 ? 213 TYR A N   1 
ATOM   881  C CA  . TYR A 1 122 ? 0.634   -3.984  3.285   1.00 15.29 ? 213 TYR A CA  1 
ATOM   882  C C   . TYR A 1 122 ? 0.124   -2.553  3.471   1.00 16.28 ? 213 TYR A C   1 
ATOM   883  O O   . TYR A 1 122 ? 0.549   -1.640  2.771   1.00 9.91  ? 213 TYR A O   1 
ATOM   884  C CB  . TYR A 1 122 ? 1.414   -4.504  4.516   1.00 15.19 ? 213 TYR A CB  1 
ATOM   885  C CG  . TYR A 1 122 ? 2.763   -3.860  4.733   1.00 12.50 ? 213 TYR A CG  1 
ATOM   886  C CD1 . TYR A 1 122 ? 3.894   -4.286  4.025   1.00 11.53 ? 213 TYR A CD1 1 
ATOM   887  C CD2 . TYR A 1 122 ? 2.914   -2.825  5.642   1.00 18.29 ? 213 TYR A CD2 1 
ATOM   888  C CE1 . TYR A 1 122 ? 5.139   -3.687  4.216   1.00 15.74 ? 213 TYR A CE1 1 
ATOM   889  C CE2 . TYR A 1 122 ? 4.154   -2.211  5.830   1.00 28.22 ? 213 TYR A CE2 1 
ATOM   890  C CZ  . TYR A 1 122 ? 5.258   -2.654  5.128   1.00 14.40 ? 213 TYR A CZ  1 
ATOM   891  O OH  . TYR A 1 122 ? 6.470   -2.042  5.334   1.00 29.89 ? 213 TYR A OH  1 
ATOM   892  N N   . VAL A 1 123 ? -0.798  -2.383  4.410   1.00 19.15 ? 214 VAL A N   1 
ATOM   893  C CA  . VAL A 1 123 ? -1.429  -1.096  4.672   1.00 27.82 ? 214 VAL A CA  1 
ATOM   894  C C   . VAL A 1 123 ? -1.399  -0.747  6.165   1.00 35.46 ? 214 VAL A C   1 
ATOM   895  O O   . VAL A 1 123 ? -1.550  -1.621  7.027   1.00 28.21 ? 214 VAL A O   1 
ATOM   896  C CB  . VAL A 1 123 ? -2.895  -1.105  4.165   1.00 33.43 ? 214 VAL A CB  1 
ATOM   897  C CG1 . VAL A 1 123 ? -3.561  0.235   4.395   1.00 38.55 ? 214 VAL A CG1 1 
ATOM   898  C CG2 . VAL A 1 123 ? -2.937  -1.458  2.689   1.00 47.40 ? 214 VAL A CG2 1 
ATOM   899  N N   . THR A 1 124 ? -1.219  0.538   6.470   1.00 40.68 ? 215 THR A N   1 
ATOM   900  C CA  . THR A 1 124 ? -1.156  0.990   7.859   1.00 35.73 ? 215 THR A CA  1 
ATOM   901  C C   . THR A 1 124 ? -1.692  2.387   8.087   1.00 28.35 ? 215 THR A C   1 
ATOM   902  O O   . THR A 1 124 ? -1.677  3.218   7.191   1.00 38.82 ? 215 THR A O   1 
ATOM   903  C CB  . THR A 1 124 ? 0.309   1.080   8.366   1.00 33.54 ? 215 THR A CB  1 
ATOM   904  O OG1 . THR A 1 124 ? 1.032   2.038   7.581   1.00 23.22 ? 215 THR A OG1 1 
ATOM   905  C CG2 . THR A 1 124 ? 1.015   -0.262  8.317   1.00 34.96 ? 215 THR A CG2 1 
ATOM   906  N N   . THR A 1 125 ? -2.128  2.637   9.317   1.00 33.27 ? 216 THR A N   1 
ATOM   907  C CA  . THR A 1 125 ? -2.490  3.970   9.761   1.00 25.92 ? 216 THR A CA  1 
ATOM   908  C C   . THR A 1 125 ? -1.301  4.456   10.600  1.00 36.11 ? 216 THR A C   1 
ATOM   909  O O   . THR A 1 125 ? -0.323  3.730   10.774  1.00 41.79 ? 216 THR A O   1 
ATOM   910  C CB  . THR A 1 125 ? -3.780  3.999   10.573  1.00 24.56 ? 216 THR A CB  1 
ATOM   911  O OG1 . THR A 1 125 ? -3.843  2.836   11.402  1.00 45.23 ? 216 THR A OG1 1 
ATOM   912  C CG2 . THR A 1 125 ? -4.979  3.989   9.659   1.00 33.69 ? 216 THR A CG2 1 
ATOM   913  N N   . THR A 1 126 ? -1.379  5.684   11.097  1.00 46.96 ? 217 THR A N   1 
ATOM   914  C CA  . THR A 1 126 ? -0.298  6.299   11.872  1.00 45.22 ? 217 THR A CA  1 
ATOM   915  C C   . THR A 1 126 ? 0.198   5.466   13.065  1.00 41.93 ? 217 THR A C   1 
ATOM   916  O O   . THR A 1 126 ? 1.333   5.629   13.517  1.00 46.54 ? 217 THR A O   1 
ATOM   917  C CB  . THR A 1 126 ? -0.727  7.705   12.371  1.00 52.04 ? 217 THR A CB  1 
ATOM   918  O OG1 . THR A 1 126 ? -1.156  8.500   11.253  1.00 55.49 ? 217 THR A OG1 1 
ATOM   919  C CG2 . THR A 1 126 ? 0.431   8.415   13.072  1.00 69.62 ? 217 THR A CG2 1 
ATOM   920  N N   . MET A 1 127 ? -0.632  4.537   13.524  1.00 30.01 ? 218 MET A N   1 
ATOM   921  C CA  . MET A 1 127 ? -0.335  3.738   14.687  1.00 19.17 ? 218 MET A CA  1 
ATOM   922  C C   . MET A 1 127 ? -1.053  2.406   14.555  1.00 16.75 ? 218 MET A C   1 
ATOM   923  O O   . MET A 1 127 ? -2.132  2.342   13.971  1.00 31.89 ? 218 MET A O   1 
ATOM   924  C CB  . MET A 1 127 ? -0.893  4.481   15.908  1.00 54.93 ? 218 MET A CB  1 
ATOM   925  C CG  . MET A 1 127 ? -0.677  3.849   17.291  1.00 78.43 ? 218 MET A CG  1 
ATOM   926  S SD  . MET A 1 127 ? 0.921   4.194   18.066  1.00 99.64 ? 218 MET A SD  1 
ATOM   927  C CE  . MET A 1 127 ? 0.650   3.513   19.711  1.00 85.83 ? 218 MET A CE  1 
ATOM   928  N N   . GLY A 1 128 ? -0.448  1.337   15.074  1.00 20.83 ? 219 GLY A N   1 
ATOM   929  C CA  . GLY A 1 128 ? -1.084  0.007   15.087  1.00 17.16 ? 219 GLY A CA  1 
ATOM   930  C C   . GLY A 1 128 ? -0.509  -1.093  14.201  1.00 27.25 ? 219 GLY A C   1 
ATOM   931  O O   . GLY A 1 128 ? 0.535   -0.916  13.577  1.00 30.61 ? 219 GLY A O   1 
ATOM   932  N N   . PRO A 1 129 ? -1.181  -2.259  14.175  1.00 27.35 ? 220 PRO A N   1 
ATOM   933  C CA  . PRO A 1 129 ? -0.785  -3.407  13.367  1.00 30.80 ? 220 PRO A CA  1 
ATOM   934  C C   . PRO A 1 129 ? -0.891  -3.119  11.880  1.00 30.75 ? 220 PRO A C   1 
ATOM   935  O O   . PRO A 1 129 ? -1.733  -2.321  11.473  1.00 32.81 ? 220 PRO A O   1 
ATOM   936  C CB  . PRO A 1 129 ? -1.817  -4.481  13.746  1.00 34.52 ? 220 PRO A CB  1 
ATOM   937  C CG  . PRO A 1 129 ? -2.378  -4.048  15.043  1.00 33.27 ? 220 PRO A CG  1 
ATOM   938  C CD  . PRO A 1 129 ? -2.360  -2.559  15.009  1.00 35.06 ? 220 PRO A CD  1 
ATOM   939  N N   . SER A 1 130 ? -0.004  -3.738  11.096  1.00 42.79 ? 221 SER A N   1 
ATOM   940  C CA  . SER A 1 130 ? 0.012   -3.614  9.634   1.00 37.53 ? 221 SER A CA  1 
ATOM   941  C C   . SER A 1 130 ? -0.930  -4.653  9.054   1.00 27.87 ? 221 SER A C   1 
ATOM   942  O O   . SER A 1 130 ? -1.113  -5.713  9.639   1.00 51.02 ? 221 SER A O   1 
ATOM   943  C CB  . SER A 1 130 ? 1.417   -3.855  9.080   1.00 31.30 ? 221 SER A CB  1 
ATOM   944  O OG  . SER A 1 130 ? 2.350   -2.915  9.588   1.00 47.73 ? 221 SER A OG  1 
ATOM   945  N N   . VAL A 1 131 ? -1.540  -4.350  7.917   1.00 24.62 ? 222 VAL A N   1 
ATOM   946  C CA  . VAL A 1 131 ? -2.440  -5.299  7.277   1.00 24.71 ? 222 VAL A CA  1 
ATOM   947  C C   . VAL A 1 131 ? -1.872  -5.741  5.930   1.00 28.71 ? 222 VAL A C   1 
ATOM   948  O O   . VAL A 1 131 ? -1.865  -4.972  4.975   1.00 25.61 ? 222 VAL A O   1 
ATOM   949  C CB  . VAL A 1 131 ? -3.860  -4.711  7.082   1.00 30.38 ? 222 VAL A CB  1 
ATOM   950  C CG1 . VAL A 1 131 ? -4.755  -5.708  6.397   1.00 26.88 ? 222 VAL A CG1 1 
ATOM   951  C CG2 . VAL A 1 131 ? -4.471  -4.311  8.412   1.00 32.84 ? 222 VAL A CG2 1 
ATOM   952  N N   . ARG A 1 132 ? -1.319  -6.951  5.893   1.00 30.06 ? 223 ARG A N   1 
ATOM   953  C CA  . ARG A 1 132 ? -0.778  -7.538  4.667   1.00 22.68 ? 223 ARG A CA  1 
ATOM   954  C C   . ARG A 1 132 ? -1.923  -7.770  3.695   1.00 10.23 ? 223 ARG A C   1 
ATOM   955  O O   . ARG A 1 132 ? -2.957  -8.284  4.081   1.00 23.51 ? 223 ARG A O   1 
ATOM   956  C CB  . ARG A 1 132 ? -0.066  -8.849  4.982   1.00 24.48 ? 223 ARG A CB  1 
ATOM   957  C CG  . ARG A 1 132 ? 1.307   -8.684  5.628   1.00 37.67 ? 223 ARG A CG  1 
ATOM   958  C CD  . ARG A 1 132 ? 1.745   -9.943  6.391   1.00 43.58 ? 223 ARG A CD  1 
ATOM   959  N NE  . ARG A 1 132 ? 1.723   -11.165 5.586   1.00 52.34 ? 223 ARG A NE  1 
ATOM   960  C CZ  . ARG A 1 132 ? 2.775   -11.670 4.949   1.00 60.21 ? 223 ARG A CZ  1 
ATOM   961  N NH1 . ARG A 1 132 ? 3.954   -11.069 5.020   1.00 76.69 ? 223 ARG A NH1 1 
ATOM   962  N NH2 . ARG A 1 132 ? 2.652   -12.784 4.248   1.00 60.07 ? 223 ARG A NH2 1 
ATOM   963  N N   . ILE A 1 133 ? -1.744  -7.373  2.440   1.00 15.46 ? 224 ILE A N   1 
ATOM   964  C CA  . ILE A 1 133 ? -2.803  -7.514  1.445   1.00 23.16 ? 224 ILE A CA  1 
ATOM   965  C C   . ILE A 1 133 ? -2.375  -8.227  0.149   1.00 24.63 ? 224 ILE A C   1 
ATOM   966  O O   . ILE A 1 133 ? -1.239  -8.089  -0.307  1.00 26.36 ? 224 ILE A O   1 
ATOM   967  C CB  . ILE A 1 133 ? -3.413  -6.122  1.049   1.00 28.19 ? 224 ILE A CB  1 
ATOM   968  C CG1 . ILE A 1 133 ? -2.421  -5.293  0.241   1.00 34.75 ? 224 ILE A CG1 1 
ATOM   969  C CG2 . ILE A 1 133 ? -3.856  -5.345  2.262   1.00 25.13 ? 224 ILE A CG2 1 
ATOM   970  C CD1 . ILE A 1 133 ? -2.990  -3.983  -0.234  1.00 46.50 ? 224 ILE A CD1 1 
ATOM   971  N N   . ASN A 1 134 ? -3.287  -9.019  -0.414  1.00 29.94 ? 225 ASN A N   1 
ATOM   972  C CA  . ASN A 1 134 ? -3.066  -9.644  -1.716  1.00 31.03 ? 225 ASN A CA  1 
ATOM   973  C C   . ASN A 1 134 ? -3.264  -8.539  -2.746  1.00 31.25 ? 225 ASN A C   1 
ATOM   974  O O   . ASN A 1 134 ? -4.339  -7.933  -2.819  1.00 23.66 ? 225 ASN A O   1 
ATOM   975  C CB  . ASN A 1 134 ? -4.058  -10.776 -1.970  1.00 28.12 ? 225 ASN A CB  1 
ATOM   976  C CG  . ASN A 1 134 ? -3.918  -11.383 -3.367  1.00 43.19 ? 225 ASN A CG  1 
ATOM   977  O OD1 . ASN A 1 134 ? -3.141  -10.905 -4.206  1.00 29.09 ? 225 ASN A OD1 1 
ATOM   978  N ND2 . ASN A 1 134 ? -4.685  -12.435 -3.623  1.00 31.27 ? 225 ASN A ND2 1 
ATOM   979  N N   . PRO A 1 135 ? -2.223  -8.246  -3.527  1.00 21.92 ? 226 PRO A N   1 
ATOM   980  C CA  . PRO A 1 135 ? -2.356  -7.146  -4.470  1.00 16.93 ? 226 PRO A CA  1 
ATOM   981  C C   . PRO A 1 135 ? -3.208  -7.486  -5.699  1.00 29.28 ? 226 PRO A C   1 
ATOM   982  O O   . PRO A 1 135 ? -3.649  -6.587  -6.420  1.00 39.00 ? 226 PRO A O   1 
ATOM   983  C CB  . PRO A 1 135 ? -0.903  -6.843  -4.875  1.00 17.17 ? 226 PRO A CB  1 
ATOM   984  C CG  . PRO A 1 135 ? -0.036  -7.855  -4.172  1.00 13.56 ? 226 PRO A CG  1 
ATOM   985  C CD  . PRO A 1 135 ? -0.910  -8.908  -3.602  1.00 15.95 ? 226 PRO A CD  1 
ATOM   986  N N   . HIS A 1 136 ? -3.453  -8.770  -5.920  1.00 31.13 ? 227 HIS A N   1 
ATOM   987  C CA  . HIS A 1 136 ? -4.210  -9.198  -7.080  1.00 34.80 ? 227 HIS A CA  1 
ATOM   988  C C   . HIS A 1 136 ? -5.624  -9.528  -6.652  1.00 39.88 ? 227 HIS A C   1 
ATOM   989  O O   . HIS A 1 136 ? -6.126  -10.616 -6.927  1.00 49.02 ? 227 HIS A O   1 
ATOM   990  C CB  . HIS A 1 136 ? -3.532  -10.409 -7.741  1.00 40.36 ? 227 HIS A CB  1 
ATOM   991  C CG  . HIS A 1 136 ? -2.047  -10.259 -7.883  1.00 35.97 ? 227 HIS A CG  1 
ATOM   992  N ND1 . HIS A 1 136 ? -1.468  -9.312  -8.703  1.00 37.98 ? 227 HIS A ND1 1 
ATOM   993  C CD2 . HIS A 1 136 ? -1.024  -10.920 -7.292  1.00 26.10 ? 227 HIS A CD2 1 
ATOM   994  C CE1 . HIS A 1 136 ? -0.153  -9.370  -8.578  1.00 29.30 ? 227 HIS A CE1 1 
ATOM   995  N NE2 . HIS A 1 136 ? 0.142   -10.340 -7.731  1.00 33.29 ? 227 HIS A NE2 1 
ATOM   996  N N   . SER A 1 137 ? -6.242  -8.588  -5.936  1.00 26.78 ? 228 SER A N   1 
ATOM   997  C CA  . SER A 1 137 ? -7.607  -8.747  -5.440  1.00 18.71 ? 228 SER A CA  1 
ATOM   998  C C   . SER A 1 137 ? -8.455  -7.491  -5.625  1.00 23.43 ? 228 SER A C   1 
ATOM   999  O O   . SER A 1 137 ? -9.552  -7.378  -5.091  1.00 34.67 ? 228 SER A O   1 
ATOM   1000 C CB  . SER A 1 137 ? -7.612  -9.209  -3.981  1.00 14.57 ? 228 SER A CB  1 
ATOM   1001 O OG  . SER A 1 137 ? -6.870  -8.335  -3.160  1.00 23.90 ? 228 SER A OG  1 
ATOM   1002 O OXT . SER A 1 137 ? -8.103  -6.578  -6.371  1.00 44.21 ? 228 SER A OXT 1 
HETATM 1003 O O   . HOH B 2 .   ? 2.185   -0.675  11.388  1.00 34.99 ? 229 HOH A O   1 
HETATM 1004 O O   . HOH B 2 .   ? 16.516  -2.114  -16.206 1.00 33.75 ? 230 HOH A O   1 
HETATM 1005 O O   . HOH B 2 .   ? 6.839   -7.361  4.179   1.00 25.71 ? 231 HOH A O   1 
HETATM 1006 O O   . HOH B 2 .   ? -13.163 -9.774  0.377   1.00 22.29 ? 232 HOH A O   1 
HETATM 1007 O O   . HOH B 2 .   ? 1.530   -8.908  0.158   1.00 14.53 ? 233 HOH A O   1 
HETATM 1008 O O   . HOH B 2 .   ? -12.515 -10.927 13.688  1.00 30.25 ? 234 HOH A O   1 
HETATM 1009 O O   . HOH B 2 .   ? -11.902 -15.479 6.106   1.00 17.86 ? 235 HOH A O   1 
HETATM 1010 O O   . HOH B 2 .   ? -12.039 -12.942 6.540   1.00 28.69 ? 236 HOH A O   1 
HETATM 1011 O O   . HOH B 2 .   ? 14.939  -14.367 -10.609 1.00 30.89 ? 237 HOH A O   1 
HETATM 1012 O O   . HOH B 2 .   ? 10.956  -7.805  -10.650 1.00 32.99 ? 238 HOH A O   1 
HETATM 1013 O O   . HOH B 2 .   ? 6.866   -10.498 -12.236 1.00 33.08 ? 239 HOH A O   1 
HETATM 1014 O O   . HOH B 2 .   ? -11.889 -0.337  -9.194  1.00 67.75 ? 240 HOH A O   1 
HETATM 1015 O O   . HOH B 2 .   ? -2.270  -9.529  7.821   1.00 14.94 ? 241 HOH A O   1 
HETATM 1016 O O   . HOH B 2 .   ? 9.191   -8.530  -13.226 1.00 26.57 ? 242 HOH A O   1 
HETATM 1017 O O   . HOH B 2 .   ? 15.173  7.419   0.516   1.00 29.89 ? 243 HOH A O   1 
HETATM 1018 O O   . HOH B 2 .   ? -18.797 10.703  -2.202  1.00 29.28 ? 244 HOH A O   1 
HETATM 1019 O O   . HOH B 2 .   ? -8.593  12.891  -9.357  1.00 62.48 ? 245 HOH A O   1 
HETATM 1020 O O   . HOH B 2 .   ? 6.971   14.123  -2.834  1.00 35.96 ? 246 HOH A O   1 
HETATM 1021 O O   . HOH B 2 .   ? 4.902   8.440   -1.606  1.00 20.35 ? 247 HOH A O   1 
HETATM 1022 O O   . HOH B 2 .   ? 1.058   -6.335  12.418  1.00 39.10 ? 248 HOH A O   1 
HETATM 1023 O O   . HOH B 2 .   ? 1.815   2.008   11.854  1.00 19.81 ? 249 HOH A O   1 
HETATM 1024 O O   . HOH B 2 .   ? -0.886  14.789  -11.723 1.00 27.82 ? 250 HOH A O   1 
HETATM 1025 O O   . HOH B 2 .   ? 4.184   -6.591  7.674   1.00 20.47 ? 251 HOH A O   1 
# 
